data_7RRK
#
_entry.id   7RRK
#
_cell.length_a   79.825
_cell.length_b   85.732
_cell.length_c   143.050
_cell.angle_alpha   90.00
_cell.angle_beta   95.05
_cell.angle_gamma   90.00
#
_symmetry.space_group_name_H-M   'P 1 21 1'
#
loop_
_entity.id
_entity.type
_entity.pdbx_description
1 polymer 'Fluorescent protein Dronpa'
2 water water
#
_entity_poly.entity_id   1
_entity_poly.type   'polypeptide(L)'
_entity_poly.pdbx_seq_one_letter_code
;GSSHHHHHHSSGLVPGGSHMVSKGEENNMAVIKPDMKIKLRMEGAVNGHPFAIEGVGLGKPFEGKQSMDLKVKEGGPLPF
AYDILTTVF(GYC)NRVFAKYPENIVDYFKQSFPEGYSWERSMNYEDGGICNATNDITLDGDCYIYEIRFDGVNFPANGP
VMQKRTVKWEPSTEKLYVRDGVLKGDVNEALSLEGGGHYRCDFKTTYKAKKVVQLPDYHFVDHHIEIKSHDKDYSNVNLH
EHAEAHSGLPRQAMDELYK
;
_entity_poly.pdbx_strand_id   A,B,C,D,E,F,G,H
#
# COMPACT_ATOMS: atom_id res chain seq x y z
N ILE A 32 2.63 -33.16 0.19
CA ILE A 32 1.45 -32.58 -0.38
C ILE A 32 0.30 -33.51 -0.06
N LYS A 33 -0.70 -32.94 0.31
CA LYS A 33 -1.74 -33.67 1.02
C LYS A 33 -3.02 -33.57 0.30
N PRO A 34 -3.83 -34.58 0.43
CA PRO A 34 -5.12 -34.69 -0.21
C PRO A 34 -5.93 -33.45 -0.08
N ASP A 35 -5.67 -32.61 0.92
CA ASP A 35 -6.47 -31.38 1.01
C ASP A 35 -5.49 -30.28 1.36
N MET A 36 -5.41 -29.26 0.51
CA MET A 36 -4.45 -28.18 0.67
C MET A 36 -5.20 -26.86 0.75
N LYS A 37 -4.53 -25.86 1.30
CA LYS A 37 -5.11 -24.54 1.45
C LYS A 37 -4.53 -23.57 0.44
N ILE A 38 -5.26 -22.48 0.21
CA ILE A 38 -4.85 -21.43 -0.71
C ILE A 38 -5.26 -20.10 -0.09
N LYS A 39 -4.35 -19.11 -0.13
CA LYS A 39 -4.81 -17.74 -0.19
C LYS A 39 -3.82 -16.98 -1.06
N LEU A 40 -4.33 -15.94 -1.71
CA LEU A 40 -3.58 -15.22 -2.72
C LEU A 40 -3.87 -13.73 -2.60
N ARG A 41 -2.99 -12.93 -3.18
CA ARG A 41 -3.27 -11.52 -3.39
C ARG A 41 -2.78 -11.16 -4.78
N MET A 42 -3.68 -10.60 -5.58
CA MET A 42 -3.34 -10.10 -6.90
C MET A 42 -3.41 -8.58 -6.87
N GLU A 43 -2.36 -7.94 -7.34
CA GLU A 43 -2.34 -6.50 -7.55
C GLU A 43 -2.09 -6.27 -9.04
N GLY A 44 -2.90 -5.41 -9.64
CA GLY A 44 -2.78 -5.26 -11.08
C GLY A 44 -3.50 -4.02 -11.59
N ALA A 45 -3.55 -3.94 -12.92
CA ALA A 45 -4.19 -2.83 -13.62
C ALA A 45 -4.64 -3.30 -14.98
N VAL A 46 -5.76 -2.74 -15.43
CA VAL A 46 -6.31 -3.01 -16.77
C VAL A 46 -6.57 -1.66 -17.43
N ASN A 47 -5.91 -1.44 -18.58
CA ASN A 47 -6.00 -0.16 -19.28
C ASN A 47 -5.60 1.00 -18.37
N GLY A 48 -4.66 0.75 -17.44
CA GLY A 48 -4.17 1.77 -16.55
C GLY A 48 -4.99 1.99 -15.30
N HIS A 49 -6.09 1.27 -15.11
CA HIS A 49 -6.91 1.42 -13.91
C HIS A 49 -6.49 0.36 -12.90
N PRO A 50 -5.81 0.72 -11.82
CA PRO A 50 -5.29 -0.29 -10.89
C PRO A 50 -6.38 -0.88 -10.00
N PHE A 51 -6.10 -2.09 -9.53
CA PHE A 51 -7.04 -2.82 -8.68
C PHE A 51 -6.24 -3.84 -7.88
N ALA A 52 -6.89 -4.39 -6.86
CA ALA A 52 -6.27 -5.40 -6.01
C ALA A 52 -7.34 -6.37 -5.54
N ILE A 53 -6.99 -7.65 -5.52
CA ILE A 53 -7.91 -8.72 -5.14
C ILE A 53 -7.19 -9.71 -4.26
N GLU A 54 -7.88 -10.18 -3.22
CA GLU A 54 -7.39 -11.24 -2.35
C GLU A 54 -8.38 -12.38 -2.36
N GLY A 55 -7.88 -13.59 -2.15
CA GLY A 55 -8.74 -14.76 -2.18
C GLY A 55 -8.21 -15.83 -1.26
N VAL A 56 -9.12 -16.69 -0.79
CA VAL A 56 -8.78 -17.88 -0.01
C VAL A 56 -9.50 -19.07 -0.65
N GLY A 57 -8.85 -20.22 -0.66
CA GLY A 57 -9.47 -21.37 -1.28
C GLY A 57 -8.88 -22.69 -0.79
N LEU A 58 -9.35 -23.76 -1.42
CA LEU A 58 -8.97 -25.12 -1.04
C LEU A 58 -9.15 -26.01 -2.27
N GLY A 59 -8.51 -27.17 -2.20
CA GLY A 59 -8.57 -28.14 -3.26
C GLY A 59 -7.83 -29.42 -3.05
N LYS A 60 -7.92 -30.27 -4.05
CA LYS A 60 -7.35 -31.57 -4.04
C LYS A 60 -6.40 -31.79 -5.22
N PRO A 61 -5.13 -31.63 -4.98
CA PRO A 61 -4.13 -31.72 -6.01
C PRO A 61 -4.16 -33.06 -6.76
N PHE A 62 -4.42 -34.17 -6.08
CA PHE A 62 -4.42 -35.45 -6.76
C PHE A 62 -5.72 -35.72 -7.50
N GLU A 63 -6.79 -35.00 -7.16
CA GLU A 63 -8.04 -35.06 -7.91
C GLU A 63 -8.15 -33.95 -8.94
N GLY A 64 -7.26 -32.96 -8.92
CA GLY A 64 -7.26 -31.91 -9.91
C GLY A 64 -8.44 -30.97 -9.82
N LYS A 65 -8.99 -30.77 -8.61
CA LYS A 65 -10.14 -29.90 -8.42
C LYS A 65 -9.81 -28.89 -7.33
N GLN A 66 -10.41 -27.72 -7.44
CA GLN A 66 -10.17 -26.66 -6.51
C GLN A 66 -11.24 -25.60 -6.56
N SER A 67 -11.37 -24.85 -5.48
CA SER A 67 -12.34 -23.77 -5.40
C SER A 67 -11.80 -22.69 -4.48
N MET A 68 -12.29 -21.46 -4.66
CA MET A 68 -11.78 -20.34 -3.90
C MET A 68 -12.81 -19.23 -3.89
N ASP A 69 -12.69 -18.35 -2.90
CA ASP A 69 -13.50 -17.15 -2.79
C ASP A 69 -12.58 -15.95 -2.92
N LEU A 70 -12.92 -15.09 -3.84
CA LEU A 70 -12.16 -13.89 -4.10
C LEU A 70 -12.90 -12.59 -3.77
N LYS A 71 -12.16 -11.65 -3.23
CA LYS A 71 -12.78 -10.41 -2.89
C LYS A 71 -12.02 -9.26 -3.46
N VAL A 72 -12.73 -8.33 -4.05
CA VAL A 72 -12.06 -7.16 -4.56
C VAL A 72 -11.77 -6.23 -3.39
N LYS A 73 -10.52 -5.86 -3.25
CA LYS A 73 -10.05 -4.94 -2.22
C LYS A 73 -9.81 -3.52 -2.70
N GLU A 74 -9.27 -3.34 -3.91
CA GLU A 74 -9.00 -2.01 -4.45
C GLU A 74 -9.41 -1.99 -5.91
N GLY A 75 -9.75 -0.81 -6.40
CA GLY A 75 -10.13 -0.64 -7.78
C GLY A 75 -11.56 -1.03 -8.10
N GLY A 76 -12.36 -1.38 -7.10
CA GLY A 76 -13.75 -1.73 -7.32
C GLY A 76 -14.64 -0.51 -7.46
N PRO A 77 -15.77 -0.65 -8.17
CA PRO A 77 -16.15 -1.86 -8.91
C PRO A 77 -15.33 -2.04 -10.19
N LEU A 78 -14.94 -3.28 -10.49
CA LEU A 78 -14.09 -3.53 -11.63
C LEU A 78 -14.80 -3.15 -12.92
N PRO A 79 -14.17 -2.34 -13.79
CA PRO A 79 -14.83 -1.93 -15.03
C PRO A 79 -14.61 -2.87 -16.21
N PHE A 80 -14.07 -4.06 -16.00
CA PHE A 80 -13.79 -5.01 -17.07
C PHE A 80 -14.36 -6.37 -16.70
N ALA A 81 -14.43 -7.24 -17.70
CA ALA A 81 -14.93 -8.60 -17.50
C ALA A 81 -14.03 -9.35 -16.53
N TYR A 82 -14.63 -9.87 -15.46
CA TYR A 82 -13.87 -10.63 -14.47
C TYR A 82 -13.22 -11.87 -15.07
N ASP A 83 -13.68 -12.33 -16.24
CA ASP A 83 -13.22 -13.59 -16.78
C ASP A 83 -11.74 -13.55 -17.19
N ILE A 84 -11.22 -12.38 -17.52
CA ILE A 84 -9.80 -12.30 -17.91
C ILE A 84 -8.87 -12.58 -16.74
N LEU A 85 -9.39 -12.53 -15.51
CA LEU A 85 -8.60 -12.73 -14.30
C LEU A 85 -8.53 -14.19 -13.88
N THR A 86 -9.55 -14.98 -14.23
CA THR A 86 -9.78 -16.24 -13.54
C THR A 86 -8.67 -17.25 -13.78
N THR A 87 -8.15 -17.33 -15.01
CA THR A 87 -7.06 -18.25 -15.28
C THR A 87 -5.76 -17.85 -14.59
N VAL A 88 -5.67 -16.62 -14.08
CA VAL A 88 -4.50 -16.26 -13.28
C VAL A 88 -4.68 -16.71 -11.84
N PHE A 89 -5.93 -16.71 -11.34
CA PHE A 89 -6.24 -17.24 -10.02
C PHE A 89 -6.11 -18.77 -10.01
N1 GYC A 90 -6.57 -19.15 -11.30
SG1 GYC A 90 -8.57 -21.46 -9.81
CB1 GYC A 90 -7.88 -21.22 -11.46
CA1 GYC A 90 -6.48 -20.62 -11.35
C1 GYC A 90 -5.63 -21.06 -12.52
N2 GYC A 90 -6.07 -21.67 -13.58
N3 GYC A 90 -4.28 -20.85 -12.59
C2 GYC A 90 -3.84 -21.37 -13.76
O2 GYC A 90 -2.68 -21.37 -14.17
CA2 GYC A 90 -5.03 -21.92 -14.43
CA3 GYC A 90 -3.46 -20.19 -11.58
CB2 GYC A 90 -5.01 -22.54 -15.67
CG2 GYC A 90 -6.16 -22.63 -16.60
CD1 GYC A 90 -5.89 -22.78 -17.98
CD2 GYC A 90 -7.49 -22.59 -16.17
CE1 GYC A 90 -6.92 -22.87 -18.88
CE2 GYC A 90 -8.51 -22.69 -17.07
CZ GYC A 90 -8.24 -22.83 -18.43
OH GYC A 90 -9.26 -22.92 -19.31
C3 GYC A 90 -2.32 -21.06 -11.11
O3 GYC A 90 -1.31 -20.55 -10.69
N ASN A 91 -2.50 -22.47 -11.09
CA ASN A 91 -1.58 -23.30 -10.32
C ASN A 91 -1.67 -24.73 -10.80
N ARG A 92 -0.70 -25.17 -11.58
CA ARG A 92 -0.79 -26.49 -12.17
C ARG A 92 -0.50 -27.63 -11.20
N VAL A 93 -0.27 -27.34 -9.92
CA VAL A 93 -0.26 -28.42 -8.93
C VAL A 93 -1.66 -29.01 -8.75
N PHE A 94 -2.70 -28.24 -9.03
CA PHE A 94 -4.08 -28.75 -8.96
C PHE A 94 -4.48 -29.35 -10.31
N ALA A 95 -3.78 -30.41 -10.69
CA ALA A 95 -4.07 -31.14 -11.91
C ALA A 95 -3.82 -32.61 -11.66
N LYS A 96 -4.74 -33.45 -12.09
CA LYS A 96 -4.61 -34.90 -11.88
C LYS A 96 -3.62 -35.43 -12.91
N TYR A 97 -2.43 -35.79 -12.45
CA TYR A 97 -1.40 -36.33 -13.32
C TYR A 97 -1.37 -37.84 -13.21
N PRO A 98 -1.45 -38.58 -14.30
CA PRO A 98 -1.26 -40.03 -14.23
C PRO A 98 0.20 -40.35 -13.96
N GLU A 99 0.44 -41.60 -13.55
CA GLU A 99 1.79 -41.99 -13.14
C GLU A 99 2.77 -41.94 -14.30
N ASN A 100 2.29 -42.18 -15.52
CA ASN A 100 3.17 -42.24 -16.68
C ASN A 100 3.58 -40.86 -17.21
N ILE A 101 3.08 -39.78 -16.62
CA ILE A 101 3.50 -38.43 -16.98
C ILE A 101 4.18 -37.80 -15.78
N VAL A 102 5.42 -37.34 -15.98
CA VAL A 102 6.17 -36.70 -14.92
C VAL A 102 5.45 -35.43 -14.47
N ASP A 103 5.34 -35.24 -13.16
CA ASP A 103 4.65 -34.09 -12.57
C ASP A 103 5.69 -33.04 -12.24
N TYR A 104 5.83 -32.05 -13.11
CA TYR A 104 6.80 -30.97 -12.92
C TYR A 104 6.49 -30.16 -11.67
N PHE A 105 5.19 -29.94 -11.39
CA PHE A 105 4.77 -28.99 -10.38
C PHE A 105 4.80 -29.60 -8.98
N LYS A 106 4.25 -30.80 -8.82
CA LYS A 106 4.28 -31.45 -7.52
C LYS A 106 5.71 -31.72 -7.06
N GLN A 107 6.64 -31.91 -8.01
CA GLN A 107 8.05 -32.07 -7.66
C GLN A 107 8.63 -30.80 -7.06
N SER A 108 8.21 -29.63 -7.55
CA SER A 108 8.84 -28.37 -7.19
C SER A 108 8.68 -27.99 -5.73
N PHE A 109 7.78 -28.64 -5.00
CA PHE A 109 7.51 -28.29 -3.62
C PHE A 109 8.31 -29.16 -2.66
N PRO A 110 8.57 -28.68 -1.44
CA PRO A 110 8.03 -27.50 -0.75
C PRO A 110 8.58 -26.13 -1.21
N GLU A 111 9.67 -26.11 -1.97
CA GLU A 111 10.28 -24.84 -2.35
C GLU A 111 9.35 -24.02 -3.24
N GLY A 112 8.63 -24.68 -4.14
CA GLY A 112 7.65 -24.01 -4.98
C GLY A 112 8.16 -23.72 -6.38
N TYR A 113 7.37 -22.91 -7.08
CA TYR A 113 7.67 -22.53 -8.46
C TYR A 113 6.96 -21.22 -8.77
N SER A 114 7.32 -20.64 -9.91
CA SER A 114 6.72 -19.41 -10.41
C SER A 114 6.39 -19.57 -11.89
N TRP A 115 5.49 -18.73 -12.39
CA TRP A 115 5.22 -18.70 -13.82
C TRP A 115 4.93 -17.28 -14.30
N GLU A 116 5.17 -17.08 -15.59
CA GLU A 116 4.85 -15.85 -16.30
C GLU A 116 3.93 -16.22 -17.45
N ARG A 117 3.00 -15.32 -17.79
CA ARG A 117 2.01 -15.67 -18.79
C ARG A 117 1.62 -14.46 -19.60
N SER A 118 1.51 -14.64 -20.91
N SER A 118 1.52 -14.64 -20.91
CA SER A 118 1.00 -13.62 -21.83
CA SER A 118 1.01 -13.65 -21.84
C SER A 118 -0.27 -14.15 -22.46
C SER A 118 -0.28 -14.18 -22.44
N MET A 119 -1.35 -13.38 -22.35
CA MET A 119 -2.67 -13.77 -22.84
C MET A 119 -3.05 -12.82 -23.97
N ASN A 120 -2.94 -13.29 -25.22
CA ASN A 120 -3.10 -12.45 -26.40
C ASN A 120 -4.50 -12.63 -26.96
N TYR A 121 -5.34 -11.61 -26.73
CA TYR A 121 -6.71 -11.64 -27.23
C TYR A 121 -6.75 -11.16 -28.68
N GLU A 122 -7.74 -11.64 -29.43
CA GLU A 122 -7.76 -11.44 -30.87
C GLU A 122 -8.01 -9.99 -31.28
N ASP A 123 -8.56 -9.15 -30.39
CA ASP A 123 -8.80 -7.75 -30.72
C ASP A 123 -7.68 -6.82 -30.26
N GLY A 124 -6.51 -7.37 -29.91
CA GLY A 124 -5.35 -6.58 -29.58
C GLY A 124 -5.10 -6.39 -28.10
N GLY A 125 -6.11 -6.58 -27.26
CA GLY A 125 -5.89 -6.54 -25.83
C GLY A 125 -4.94 -7.63 -25.40
N ILE A 126 -4.04 -7.30 -24.50
CA ILE A 126 -2.98 -8.22 -24.08
C ILE A 126 -2.79 -8.09 -22.58
N CYS A 127 -2.76 -9.23 -21.89
CA CYS A 127 -2.55 -9.27 -20.45
C CYS A 127 -1.29 -10.06 -20.14
N ASN A 128 -0.44 -9.49 -19.29
CA ASN A 128 0.73 -10.18 -18.76
C ASN A 128 0.51 -10.45 -17.28
N ALA A 129 0.85 -11.65 -16.84
CA ALA A 129 0.64 -12.03 -15.46
C ALA A 129 1.80 -12.87 -14.96
N THR A 130 2.06 -12.76 -13.67
CA THR A 130 3.06 -13.57 -12.97
C THR A 130 2.47 -14.07 -11.67
N ASN A 131 2.96 -15.21 -11.22
CA ASN A 131 2.52 -15.78 -9.94
C ASN A 131 3.71 -16.47 -9.29
N ASP A 132 4.07 -16.03 -8.09
CA ASP A 132 5.12 -16.68 -7.30
C ASP A 132 4.44 -17.53 -6.24
N ILE A 133 4.58 -18.85 -6.34
CA ILE A 133 3.90 -19.79 -5.47
C ILE A 133 4.87 -20.33 -4.43
N THR A 134 4.50 -20.18 -3.17
CA THR A 134 5.22 -20.76 -2.05
C THR A 134 4.28 -21.67 -1.26
N LEU A 135 4.83 -22.35 -0.27
CA LEU A 135 4.09 -23.29 0.54
C LEU A 135 4.32 -22.99 2.02
N ASP A 136 3.24 -22.86 2.78
CA ASP A 136 3.28 -22.63 4.21
C ASP A 136 2.43 -23.73 4.86
N GLY A 137 3.10 -24.77 5.37
CA GLY A 137 2.37 -25.88 5.93
C GLY A 137 1.55 -26.60 4.88
N ASP A 138 0.23 -26.42 4.93
CA ASP A 138 -0.69 -26.97 3.96
C ASP A 138 -1.33 -25.89 3.09
N CYS A 139 -0.74 -24.71 3.03
CA CYS A 139 -1.33 -23.58 2.34
C CYS A 139 -0.43 -23.09 1.21
N TYR A 140 -0.98 -23.03 0.01
CA TYR A 140 -0.31 -22.38 -1.10
C TYR A 140 -0.50 -20.88 -1.02
N ILE A 141 0.59 -20.13 -1.22
CA ILE A 141 0.56 -18.67 -1.18
C ILE A 141 0.94 -18.17 -2.54
N TYR A 142 0.06 -17.36 -3.14
CA TYR A 142 0.30 -16.79 -4.46
C TYR A 142 0.59 -15.30 -4.30
N GLU A 143 1.63 -14.83 -4.96
CA GLU A 143 1.91 -13.42 -5.13
C GLU A 143 1.74 -13.13 -6.62
N ILE A 144 0.67 -12.43 -6.98
CA ILE A 144 0.22 -12.34 -8.35
C ILE A 144 0.27 -10.88 -8.82
N ARG A 145 0.78 -10.69 -10.03
CA ARG A 145 0.73 -9.40 -10.73
C ARG A 145 0.01 -9.60 -12.05
N PHE A 146 -0.86 -8.65 -12.41
CA PHE A 146 -1.69 -8.75 -13.61
C PHE A 146 -1.70 -7.40 -14.30
N ASP A 147 -1.39 -7.37 -15.59
CA ASP A 147 -1.35 -6.11 -16.32
C ASP A 147 -1.89 -6.31 -17.73
N GLY A 148 -3.04 -5.73 -18.02
CA GLY A 148 -3.64 -5.79 -19.33
C GLY A 148 -3.76 -4.41 -19.95
N VAL A 149 -3.53 -4.32 -21.26
CA VAL A 149 -3.53 -3.05 -21.98
C VAL A 149 -4.24 -3.22 -23.32
N ASN A 150 -4.64 -2.09 -23.89
CA ASN A 150 -5.14 -2.01 -25.27
C ASN A 150 -6.46 -2.75 -25.46
N PHE A 151 -7.27 -2.82 -24.42
CA PHE A 151 -8.64 -3.33 -24.57
C PHE A 151 -9.55 -2.23 -25.10
N PRO A 152 -10.18 -2.40 -26.25
CA PRO A 152 -11.02 -1.33 -26.80
C PRO A 152 -12.23 -1.08 -25.91
N ALA A 153 -12.64 0.19 -25.88
CA ALA A 153 -13.75 0.58 -25.01
C ALA A 153 -15.03 -0.17 -25.36
N ASN A 154 -15.23 -0.50 -26.64
CA ASN A 154 -16.42 -1.20 -27.08
C ASN A 154 -16.21 -2.70 -27.25
N GLY A 155 -15.07 -3.23 -26.80
CA GLY A 155 -14.83 -4.65 -26.89
C GLY A 155 -15.46 -5.41 -25.75
N PRO A 156 -15.57 -6.73 -25.92
CA PRO A 156 -16.32 -7.53 -24.95
C PRO A 156 -15.76 -7.50 -23.54
N VAL A 157 -14.48 -7.18 -23.37
CA VAL A 157 -13.89 -7.15 -22.03
C VAL A 157 -14.34 -5.89 -21.30
N MET A 158 -14.13 -4.71 -21.90
CA MET A 158 -14.51 -3.47 -21.24
C MET A 158 -16.02 -3.29 -21.18
N GLN A 159 -16.75 -3.98 -22.03
CA GLN A 159 -18.16 -3.91 -22.00
C GLN A 159 -18.76 -5.10 -21.20
N LYS A 160 -17.89 -5.93 -20.63
CA LYS A 160 -18.28 -7.14 -19.90
C LYS A 160 -19.35 -7.92 -20.64
N ARG A 161 -19.02 -8.35 -21.85
CA ARG A 161 -19.91 -9.15 -22.68
C ARG A 161 -19.47 -10.60 -22.73
N THR A 162 -18.61 -11.02 -21.81
CA THR A 162 -18.17 -12.41 -21.72
C THR A 162 -19.09 -13.18 -20.77
N VAL A 163 -19.25 -14.46 -21.05
CA VAL A 163 -20.09 -15.35 -20.25
C VAL A 163 -19.24 -16.30 -19.42
N LYS A 164 -18.34 -17.04 -20.07
CA LYS A 164 -17.48 -18.00 -19.39
C LYS A 164 -16.38 -18.42 -20.34
N TRP A 165 -15.31 -18.96 -19.77
CA TRP A 165 -14.29 -19.63 -20.56
C TRP A 165 -14.80 -21.00 -20.98
N GLU A 166 -14.51 -21.38 -22.22
CA GLU A 166 -14.78 -22.75 -22.64
C GLU A 166 -13.75 -23.68 -22.02
N PRO A 167 -14.04 -24.98 -21.97
CA PRO A 167 -13.00 -25.95 -21.61
C PRO A 167 -11.83 -25.84 -22.59
N SER A 168 -10.66 -26.27 -22.14
CA SER A 168 -9.47 -26.12 -22.94
C SER A 168 -8.55 -27.30 -22.70
N THR A 169 -7.57 -27.44 -23.59
CA THR A 169 -6.53 -28.46 -23.49
C THR A 169 -5.19 -27.77 -23.62
N GLU A 170 -4.41 -27.77 -22.54
CA GLU A 170 -3.10 -27.12 -22.54
C GLU A 170 -2.05 -28.07 -23.10
N LYS A 171 -1.14 -27.51 -23.90
CA LYS A 171 0.00 -28.25 -24.44
C LYS A 171 1.25 -27.81 -23.69
N LEU A 172 1.95 -28.77 -23.09
CA LEU A 172 3.11 -28.49 -22.26
C LEU A 172 4.34 -29.16 -22.86
N TYR A 173 5.46 -28.43 -22.85
CA TYR A 173 6.68 -28.92 -23.45
C TYR A 173 7.86 -28.20 -22.81
N VAL A 174 9.00 -28.86 -22.82
CA VAL A 174 10.21 -28.34 -22.21
C VAL A 174 10.93 -27.47 -23.22
N ARG A 175 11.41 -26.32 -22.77
CA ARG A 175 12.30 -25.48 -23.56
C ARG A 175 13.27 -24.79 -22.61
N ASP A 176 14.56 -24.87 -22.93
CA ASP A 176 15.61 -24.25 -22.12
CA ASP A 176 15.61 -24.25 -22.12
C ASP A 176 15.53 -24.71 -20.66
N GLY A 177 15.28 -26.00 -20.47
CA GLY A 177 15.26 -26.58 -19.14
C GLY A 177 14.08 -26.22 -18.27
N VAL A 178 13.15 -25.39 -18.75
CA VAL A 178 11.96 -25.04 -17.99
C VAL A 178 10.74 -25.53 -18.78
N LEU A 179 9.55 -25.38 -18.20
CA LEU A 179 8.34 -25.92 -18.80
C LEU A 179 7.49 -24.80 -19.37
N LYS A 180 6.94 -25.04 -20.57
CA LYS A 180 6.10 -24.08 -21.27
C LYS A 180 4.69 -24.61 -21.39
N GLY A 181 3.73 -23.69 -21.51
CA GLY A 181 2.34 -24.06 -21.70
C GLY A 181 1.56 -23.13 -22.62
N ASP A 182 1.01 -23.66 -23.70
CA ASP A 182 0.22 -22.90 -24.65
C ASP A 182 -1.17 -23.49 -24.76
N VAL A 183 -2.20 -22.64 -24.84
CA VAL A 183 -3.58 -23.08 -25.03
C VAL A 183 -4.30 -22.14 -25.99
N ASN A 184 -5.26 -22.69 -26.70
CA ASN A 184 -6.11 -21.92 -27.55
C ASN A 184 -7.34 -21.89 -26.69
N GLU A 185 -7.59 -20.76 -26.13
CA GLU A 185 -8.73 -20.61 -25.23
C GLU A 185 -9.70 -19.58 -25.81
N ALA A 186 -10.96 -19.67 -25.38
CA ALA A 186 -12.02 -18.86 -25.96
C ALA A 186 -13.07 -18.57 -24.90
N LEU A 187 -13.54 -17.32 -24.87
CA LEU A 187 -14.65 -16.89 -24.03
C LEU A 187 -15.93 -16.89 -24.84
N SER A 188 -16.95 -17.57 -24.32
CA SER A 188 -18.26 -17.49 -24.96
C SER A 188 -18.86 -16.11 -24.73
N LEU A 189 -19.53 -15.57 -25.73
CA LEU A 189 -20.03 -14.21 -25.62
C LEU A 189 -21.55 -14.19 -25.47
N GLU A 190 -22.02 -13.07 -24.96
CA GLU A 190 -23.26 -12.96 -24.24
C GLU A 190 -24.50 -13.06 -25.16
N GLY A 191 -24.29 -13.09 -26.48
CA GLY A 191 -25.37 -13.20 -27.46
C GLY A 191 -25.03 -14.24 -28.51
N GLY A 192 -24.09 -15.13 -28.18
CA GLY A 192 -23.62 -16.16 -29.10
C GLY A 192 -22.33 -15.80 -29.80
N GLY A 193 -21.38 -16.73 -29.78
CA GLY A 193 -20.06 -16.54 -30.35
C GLY A 193 -18.97 -16.69 -29.31
N HIS A 194 -17.73 -16.62 -29.78
CA HIS A 194 -16.57 -16.83 -28.93
C HIS A 194 -15.52 -15.75 -29.18
N TYR A 195 -14.76 -15.46 -28.12
CA TYR A 195 -13.73 -14.42 -28.09
C TYR A 195 -12.42 -15.09 -27.74
N ARG A 196 -11.48 -15.08 -28.69
CA ARG A 196 -10.29 -15.91 -28.60
C ARG A 196 -9.18 -15.23 -27.80
N CYS A 197 -8.30 -16.07 -27.23
CA CYS A 197 -7.15 -15.59 -26.49
C CYS A 197 -6.07 -16.66 -26.54
N ASP A 198 -4.83 -16.24 -26.80
CA ASP A 198 -3.69 -17.14 -26.87
C ASP A 198 -2.92 -17.09 -25.56
N PHE A 199 -2.90 -18.22 -24.85
CA PHE A 199 -2.15 -18.34 -23.61
C PHE A 199 -0.76 -18.89 -23.93
N LYS A 200 0.28 -18.28 -23.35
CA LYS A 200 1.64 -18.80 -23.44
C LYS A 200 2.32 -18.56 -22.09
N THR A 201 2.70 -19.63 -21.42
CA THR A 201 3.19 -19.58 -20.05
C THR A 201 4.56 -20.26 -19.96
N THR A 202 5.44 -19.67 -19.13
CA THR A 202 6.71 -20.27 -18.79
C THR A 202 6.65 -20.67 -17.31
N TYR A 203 6.86 -21.96 -17.03
CA TYR A 203 6.85 -22.46 -15.67
C TYR A 203 8.29 -22.64 -15.19
N LYS A 204 8.57 -22.19 -13.97
CA LYS A 204 9.93 -22.13 -13.44
C LYS A 204 9.95 -22.70 -12.02
N ALA A 205 10.45 -23.92 -11.88
CA ALA A 205 10.64 -24.51 -10.57
C ALA A 205 11.84 -23.86 -9.88
N LYS A 206 11.74 -23.68 -8.57
CA LYS A 206 12.81 -23.08 -7.80
C LYS A 206 13.93 -24.04 -7.45
N LYS A 207 13.73 -25.34 -7.62
CA LYS A 207 14.79 -26.33 -7.45
C LYS A 207 14.85 -27.22 -8.68
N VAL A 208 15.91 -28.03 -8.75
CA VAL A 208 16.08 -28.96 -9.87
C VAL A 208 15.08 -30.10 -9.74
N VAL A 209 14.28 -30.31 -10.80
CA VAL A 209 13.31 -31.38 -10.86
C VAL A 209 13.46 -32.10 -12.19
N GLN A 210 12.80 -33.25 -12.30
CA GLN A 210 12.84 -34.02 -13.54
C GLN A 210 11.88 -33.43 -14.55
N LEU A 211 12.36 -33.23 -15.77
CA LEU A 211 11.55 -32.57 -16.79
C LEU A 211 10.64 -33.58 -17.48
N PRO A 212 9.39 -33.22 -17.73
CA PRO A 212 8.46 -34.14 -18.38
C PRO A 212 8.58 -34.10 -19.90
N ASP A 213 8.01 -35.12 -20.54
CA ASP A 213 7.88 -35.11 -21.98
C ASP A 213 6.68 -34.27 -22.41
N TYR A 214 6.56 -34.06 -23.72
CA TYR A 214 5.42 -33.37 -24.27
C TYR A 214 4.13 -34.04 -23.81
N HIS A 215 3.21 -33.26 -23.25
CA HIS A 215 1.98 -33.81 -22.74
C HIS A 215 0.91 -32.71 -22.74
N PHE A 216 -0.27 -33.07 -22.23
CA PHE A 216 -1.44 -32.20 -22.28
C PHE A 216 -2.10 -32.13 -20.91
N VAL A 217 -2.84 -31.05 -20.70
CA VAL A 217 -3.67 -30.88 -19.51
C VAL A 217 -5.02 -30.31 -19.95
N ASP A 218 -6.09 -31.06 -19.73
CA ASP A 218 -7.44 -30.54 -19.99
C ASP A 218 -7.86 -29.63 -18.85
N HIS A 219 -8.54 -28.53 -19.19
CA HIS A 219 -8.96 -27.55 -18.21
C HIS A 219 -10.45 -27.27 -18.34
N HIS A 220 -11.08 -26.91 -17.22
CA HIS A 220 -12.41 -26.31 -17.25
C HIS A 220 -12.55 -25.42 -16.03
N ILE A 221 -12.54 -24.11 -16.24
CA ILE A 221 -12.67 -23.12 -15.19
C ILE A 221 -14.06 -22.51 -15.25
N GLU A 222 -14.69 -22.36 -14.08
CA GLU A 222 -16.06 -21.87 -14.01
C GLU A 222 -16.23 -20.99 -12.79
N ILE A 223 -16.88 -19.84 -12.98
CA ILE A 223 -17.34 -19.01 -11.88
C ILE A 223 -18.67 -19.60 -11.41
N LYS A 224 -18.68 -20.15 -10.19
CA LYS A 224 -19.88 -20.80 -9.70
C LYS A 224 -20.88 -19.82 -9.10
N SER A 225 -20.40 -18.71 -8.54
CA SER A 225 -21.28 -17.71 -7.94
CA SER A 225 -21.27 -17.72 -7.93
C SER A 225 -20.53 -16.40 -7.82
N HIS A 226 -21.29 -15.32 -7.72
CA HIS A 226 -20.78 -13.96 -7.60
C HIS A 226 -21.88 -12.96 -7.38
N ASP A 227 -21.57 -11.88 -6.71
CA ASP A 227 -22.55 -10.81 -6.54
C ASP A 227 -22.58 -9.93 -7.79
N LYS A 228 -23.47 -8.93 -7.78
CA LYS A 228 -23.78 -8.21 -9.01
C LYS A 228 -22.54 -7.51 -9.59
N ASP A 229 -21.71 -6.91 -8.74
CA ASP A 229 -20.58 -6.12 -9.20
C ASP A 229 -19.27 -6.92 -9.22
N TYR A 230 -19.35 -8.24 -9.07
CA TYR A 230 -18.18 -9.13 -9.02
C TYR A 230 -17.19 -8.75 -7.91
N SER A 231 -17.66 -8.07 -6.86
CA SER A 231 -16.80 -7.83 -5.71
C SER A 231 -16.50 -9.13 -4.96
N ASN A 232 -17.39 -10.10 -5.06
CA ASN A 232 -17.21 -11.43 -4.48
C ASN A 232 -17.40 -12.45 -5.58
N VAL A 233 -16.49 -13.42 -5.67
CA VAL A 233 -16.52 -14.43 -6.72
C VAL A 233 -16.10 -15.76 -6.12
N ASN A 234 -16.84 -16.80 -6.44
CA ASN A 234 -16.46 -18.16 -6.05
C ASN A 234 -16.04 -18.85 -7.36
N LEU A 235 -14.80 -19.24 -7.42
CA LEU A 235 -14.19 -19.74 -8.64
C LEU A 235 -13.69 -21.16 -8.45
N HIS A 236 -13.99 -22.02 -9.42
CA HIS A 236 -13.58 -23.42 -9.41
C HIS A 236 -12.86 -23.76 -10.71
N GLU A 237 -12.04 -24.77 -10.65
CA GLU A 237 -11.42 -25.30 -11.82
C GLU A 237 -11.01 -26.75 -11.63
N HIS A 238 -11.14 -27.51 -12.68
CA HIS A 238 -10.80 -28.93 -12.70
C HIS A 238 -9.81 -29.08 -13.82
N ALA A 239 -8.79 -29.90 -13.59
CA ALA A 239 -7.72 -30.08 -14.56
C ALA A 239 -7.20 -31.51 -14.52
N GLU A 240 -6.89 -32.05 -15.69
CA GLU A 240 -6.41 -33.43 -15.82
C GLU A 240 -5.40 -33.53 -16.93
N ALA A 241 -4.25 -34.14 -16.62
CA ALA A 241 -3.18 -34.32 -17.60
C ALA A 241 -3.38 -35.62 -18.37
N HIS A 242 -2.90 -35.62 -19.61
CA HIS A 242 -2.96 -36.81 -20.46
C HIS A 242 -1.93 -36.66 -21.56
N SER A 243 -1.88 -37.65 -22.46
CA SER A 243 -0.86 -37.72 -23.49
C SER A 243 -1.45 -37.82 -24.89
N GLY A 244 -2.61 -37.20 -25.11
CA GLY A 244 -3.19 -37.18 -26.43
C GLY A 244 -3.91 -38.46 -26.78
N LEU A 245 -4.31 -38.56 -28.04
CA LEU A 245 -5.05 -39.72 -28.53
C LEU A 245 -4.21 -40.98 -28.33
N PRO A 246 -4.68 -41.95 -27.54
CA PRO A 246 -3.92 -43.16 -27.23
C PRO A 246 -3.94 -44.18 -28.36
N ILE B 32 1.28 -7.68 67.05
CA ILE B 32 0.05 -7.30 66.38
C ILE B 32 -1.06 -8.25 66.86
N LYS B 33 -2.04 -7.71 67.58
CA LYS B 33 -3.11 -8.45 68.21
C LYS B 33 -4.31 -8.57 67.27
N PRO B 34 -5.17 -9.58 67.49
CA PRO B 34 -6.38 -9.69 66.67
C PRO B 34 -7.27 -8.46 66.74
N ASP B 35 -7.18 -7.68 67.83
CA ASP B 35 -7.95 -6.45 67.99
C ASP B 35 -6.98 -5.31 68.29
N MET B 36 -6.96 -4.31 67.42
CA MET B 36 -6.08 -3.15 67.56
C MET B 36 -6.90 -1.88 67.57
N LYS B 37 -6.32 -0.82 68.13
CA LYS B 37 -6.96 0.48 68.21
C LYS B 37 -6.29 1.45 67.24
N ILE B 38 -6.96 2.57 66.98
CA ILE B 38 -6.48 3.59 66.06
C ILE B 38 -6.68 4.95 66.70
N LYS B 39 -5.71 5.82 66.56
CA LYS B 39 -5.78 7.18 67.03
C LYS B 39 -5.09 8.00 65.94
N LEU B 40 -5.67 9.11 65.50
CA LEU B 40 -5.10 9.86 64.39
C LEU B 40 -5.42 11.33 64.50
N ARG B 41 -4.59 12.14 63.83
CA ARG B 41 -4.86 13.55 63.59
C ARG B 41 -4.42 13.90 62.17
N MET B 42 -5.33 14.48 61.40
CA MET B 42 -5.02 15.00 60.06
C MET B 42 -5.07 16.51 60.10
N GLU B 43 -4.03 17.14 59.58
CA GLU B 43 -4.00 18.58 59.35
C GLU B 43 -3.87 18.80 57.85
N GLY B 44 -4.68 19.71 57.31
CA GLY B 44 -4.65 19.83 55.87
C GLY B 44 -5.29 21.09 55.34
N ALA B 45 -5.39 21.14 54.01
CA ALA B 45 -5.99 22.26 53.29
C ALA B 45 -6.49 21.76 51.95
N VAL B 46 -7.60 22.34 51.50
CA VAL B 46 -8.15 22.07 50.18
C VAL B 46 -8.42 23.42 49.53
N ASN B 47 -7.80 23.66 48.38
CA ASN B 47 -7.87 24.94 47.68
C ASN B 47 -7.42 26.10 48.58
N GLY B 48 -6.46 25.84 49.45
CA GLY B 48 -5.89 26.85 50.32
C GLY B 48 -6.62 27.10 51.62
N HIS B 49 -7.69 26.37 51.90
CA HIS B 49 -8.46 26.57 53.12
C HIS B 49 -8.11 25.50 54.14
N PRO B 50 -7.55 25.85 55.29
CA PRO B 50 -7.03 24.83 56.21
C PRO B 50 -8.12 24.19 57.07
N PHE B 51 -7.82 22.99 57.53
CA PHE B 51 -8.73 22.24 58.38
C PHE B 51 -7.93 21.21 59.17
N ALA B 52 -8.57 20.64 60.18
CA ALA B 52 -7.95 19.60 61.00
C ALA B 52 -9.03 18.64 61.47
N ILE B 53 -8.70 17.35 61.46
CA ILE B 53 -9.63 16.29 61.82
C ILE B 53 -8.90 15.29 62.71
N GLU B 54 -9.59 14.81 63.73
CA GLU B 54 -9.08 13.79 64.63
C GLU B 54 -10.01 12.58 64.62
N GLY B 55 -9.45 11.41 64.90
CA GLY B 55 -10.24 10.20 64.88
C GLY B 55 -9.76 9.15 65.86
N VAL B 56 -10.71 8.31 66.28
CA VAL B 56 -10.46 7.12 67.08
C VAL B 56 -11.10 5.94 66.40
N GLY B 57 -10.44 4.80 66.44
CA GLY B 57 -11.02 3.64 65.79
C GLY B 57 -10.41 2.36 66.31
N LEU B 58 -10.83 1.27 65.69
CA LEU B 58 -10.38 -0.07 66.05
C LEU B 58 -10.52 -0.94 64.82
N GLY B 59 -9.79 -2.05 64.82
CA GLY B 59 -9.86 -2.93 63.68
C GLY B 59 -9.25 -4.28 63.98
N LYS B 60 -9.41 -5.18 63.00
CA LYS B 60 -8.93 -6.55 63.09
C LYS B 60 -7.96 -6.74 61.94
N PRO B 61 -6.66 -6.54 62.19
CA PRO B 61 -5.69 -6.56 61.07
C PRO B 61 -5.67 -7.86 60.30
N PHE B 62 -5.85 -9.00 60.98
CA PHE B 62 -5.80 -10.28 60.28
C PHE B 62 -7.07 -10.57 59.52
N GLU B 63 -8.18 -9.90 59.84
CA GLU B 63 -9.41 -10.02 59.08
CA GLU B 63 -9.41 -10.02 59.07
C GLU B 63 -9.57 -8.89 58.06
N GLY B 64 -8.65 -7.93 58.05
CA GLY B 64 -8.69 -6.84 57.08
C GLY B 64 -9.86 -5.89 57.23
N LYS B 65 -10.34 -5.70 58.46
CA LYS B 65 -11.48 -4.84 58.70
C LYS B 65 -11.16 -3.82 59.78
N GLN B 66 -11.72 -2.63 59.67
CA GLN B 66 -11.51 -1.56 60.60
C GLN B 66 -12.65 -0.57 60.53
N SER B 67 -12.81 0.23 61.57
CA SER B 67 -13.80 1.29 61.61
C SER B 67 -13.29 2.39 62.53
N MET B 68 -13.80 3.59 62.33
CA MET B 68 -13.32 4.74 63.10
C MET B 68 -14.38 5.83 63.10
N ASP B 69 -14.29 6.69 64.10
CA ASP B 69 -15.13 7.87 64.21
C ASP B 69 -14.25 9.10 64.08
N LEU B 70 -14.61 9.99 63.16
CA LEU B 70 -13.81 11.16 62.85
C LEU B 70 -14.56 12.41 63.25
N LYS B 71 -13.84 13.38 63.80
CA LYS B 71 -14.42 14.65 64.21
C LYS B 71 -13.63 15.78 63.60
N VAL B 72 -14.34 16.72 62.97
CA VAL B 72 -13.69 17.89 62.41
C VAL B 72 -13.39 18.83 63.57
N LYS B 73 -12.11 19.19 63.73
CA LYS B 73 -11.69 20.06 64.82
C LYS B 73 -11.54 21.50 64.38
N GLU B 74 -11.04 21.74 63.16
CA GLU B 74 -10.84 23.09 62.66
C GLU B 74 -11.28 23.14 61.19
N GLY B 75 -11.70 24.33 60.76
CA GLY B 75 -12.08 24.53 59.38
C GLY B 75 -13.48 24.08 59.01
N GLY B 76 -14.28 23.64 59.98
CA GLY B 76 -15.63 23.24 59.71
C GLY B 76 -16.57 24.43 59.61
N PRO B 77 -17.68 24.28 58.88
CA PRO B 77 -18.05 23.08 58.12
C PRO B 77 -17.22 22.94 56.84
N LEU B 78 -16.82 21.72 56.54
CA LEU B 78 -15.95 21.49 55.39
C LEU B 78 -16.67 21.87 54.10
N PRO B 79 -16.04 22.69 53.25
CA PRO B 79 -16.69 23.09 51.98
C PRO B 79 -16.43 22.16 50.81
N PHE B 80 -15.87 20.98 51.04
CA PHE B 80 -15.56 20.05 49.97
C PHE B 80 -16.11 18.67 50.33
N ALA B 81 -16.21 17.81 49.32
CA ALA B 81 -16.70 16.46 49.53
C ALA B 81 -15.79 15.69 50.47
N TYR B 82 -16.38 15.18 51.56
CA TYR B 82 -15.59 14.42 52.54
C TYR B 82 -14.91 13.21 51.91
N ASP B 83 -15.47 12.68 50.82
CA ASP B 83 -14.97 11.44 50.24
C ASP B 83 -13.52 11.55 49.78
N ILE B 84 -13.02 12.73 49.48
CA ILE B 84 -11.63 12.84 49.06
C ILE B 84 -10.68 12.51 50.20
N LEU B 85 -11.16 12.54 51.45
CA LEU B 85 -10.32 12.31 52.62
C LEU B 85 -10.25 10.85 53.05
N THR B 86 -11.26 10.05 52.73
CA THR B 86 -11.49 8.81 53.46
C THR B 86 -10.39 7.78 53.25
N THR B 87 -9.88 7.64 52.02
CA THR B 87 -8.79 6.67 51.83
C THR B 87 -7.50 7.12 52.51
N VAL B 88 -7.41 8.37 52.95
CA VAL B 88 -6.23 8.78 53.72
C VAL B 88 -6.38 8.36 55.17
N PHE B 89 -7.60 8.38 55.71
CA PHE B 89 -7.87 7.87 57.05
C PHE B 89 -7.71 6.36 57.11
N1 GYC B 90 -8.25 5.70 55.95
SG1 GYC B 90 -10.52 3.83 57.18
CB1 GYC B 90 -9.55 3.65 55.64
CA1 GYC B 90 -8.16 4.25 55.81
C1 GYC B 90 -7.29 3.92 54.61
N2 GYC B 90 -7.70 3.34 53.52
N3 GYC B 90 -5.95 4.20 54.54
C2 GYC B 90 -5.50 3.78 53.34
O2 GYC B 90 -4.35 3.87 52.92
CA2 GYC B 90 -6.65 3.21 52.64
CA3 GYC B 90 -5.15 4.86 55.58
CB2 GYC B 90 -6.60 2.67 51.38
CG2 GYC B 90 -7.70 2.49 50.43
CD1 GYC B 90 -7.38 2.40 49.06
CD2 GYC B 90 -9.04 2.36 50.83
CE1 GYC B 90 -8.37 2.23 48.12
CE2 GYC B 90 -10.02 2.19 49.88
CZ GYC B 90 -9.69 2.12 48.53
OH GYC B 90 -10.67 1.93 47.60
C3 GYC B 90 -3.96 4.02 55.96
O3 GYC B 90 -2.97 4.55 56.40
N ASN B 91 -4.23 2.63 56.18
CA ASN B 91 -3.26 1.80 56.88
C ASN B 91 -3.41 0.36 56.39
N ARG B 92 -2.50 -0.07 55.53
CA ARG B 92 -2.60 -1.38 54.91
C ARG B 92 -2.24 -2.51 55.85
N VAL B 93 -1.92 -2.22 57.12
CA VAL B 93 -1.85 -3.30 58.09
C VAL B 93 -3.23 -3.91 58.30
N PHE B 94 -4.29 -3.15 58.04
CA PHE B 94 -5.66 -3.65 58.09
C PHE B 94 -6.06 -4.23 56.73
N ALA B 95 -5.35 -5.27 56.35
CA ALA B 95 -5.64 -6.04 55.15
C ALA B 95 -5.29 -7.49 55.45
N LYS B 96 -6.20 -8.40 55.14
CA LYS B 96 -5.96 -9.81 55.43
C LYS B 96 -5.05 -10.38 54.36
N TYR B 97 -3.84 -10.72 54.74
CA TYR B 97 -2.88 -11.26 53.80
C TYR B 97 -2.88 -12.77 53.88
N PRO B 98 -3.02 -13.48 52.77
CA PRO B 98 -2.87 -14.94 52.81
C PRO B 98 -1.40 -15.30 53.04
N GLU B 99 -1.20 -16.56 53.43
CA GLU B 99 0.14 -17.00 53.83
C GLU B 99 1.12 -16.95 52.67
N ASN B 100 0.64 -17.13 51.45
CA ASN B 100 1.49 -17.19 50.26
C ASN B 100 1.94 -15.83 49.76
N ILE B 101 1.51 -14.73 50.38
CA ILE B 101 1.93 -13.38 49.99
C ILE B 101 2.61 -12.71 51.17
N VAL B 102 3.85 -12.25 50.96
CA VAL B 102 4.60 -11.58 52.00
C VAL B 102 3.89 -10.30 52.43
N ASP B 103 3.76 -10.10 53.75
CA ASP B 103 3.06 -8.96 54.33
C ASP B 103 4.07 -7.88 54.70
N TYR B 104 4.20 -6.89 53.83
CA TYR B 104 5.15 -5.80 54.05
C TYR B 104 4.79 -5.00 55.30
N PHE B 105 3.49 -4.84 55.57
CA PHE B 105 3.04 -3.90 56.58
C PHE B 105 3.09 -4.49 57.99
N LYS B 106 2.58 -5.71 58.16
CA LYS B 106 2.65 -6.34 59.47
C LYS B 106 4.09 -6.59 59.89
N GLN B 107 5.00 -6.77 58.93
CA GLN B 107 6.42 -6.93 59.25
C GLN B 107 7.02 -5.67 59.85
N SER B 108 6.55 -4.50 59.46
CA SER B 108 7.22 -3.24 59.80
C SER B 108 7.06 -2.87 61.27
N PHE B 109 6.20 -3.51 61.97
CA PHE B 109 5.99 -3.12 63.36
C PHE B 109 6.86 -3.97 64.29
N PRO B 110 7.20 -3.47 65.49
CA PRO B 110 6.67 -2.28 66.17
C PRO B 110 7.19 -0.94 65.66
N GLU B 111 8.23 -0.92 64.84
CA GLU B 111 8.80 0.35 64.39
C GLU B 111 7.80 1.14 63.55
N GLY B 112 7.04 0.47 62.70
CA GLY B 112 6.03 1.13 61.91
C GLY B 112 6.51 1.44 60.51
N TYR B 113 5.71 2.24 59.81
CA TYR B 113 6.02 2.63 58.44
C TYR B 113 5.31 3.94 58.15
N SER B 114 5.66 4.53 57.01
CA SER B 114 5.05 5.76 56.55
C SER B 114 4.67 5.59 55.09
N TRP B 115 3.75 6.43 54.61
CA TRP B 115 3.42 6.41 53.20
C TRP B 115 3.15 7.82 52.71
N GLU B 116 3.37 8.00 51.41
CA GLU B 116 3.09 9.21 50.68
C GLU B 116 2.18 8.87 49.52
N ARG B 117 1.29 9.79 49.15
CA ARG B 117 0.31 9.48 48.13
C ARG B 117 -0.07 10.73 47.35
N SER B 118 -0.19 10.59 46.04
N SER B 118 -0.21 10.58 46.04
CA SER B 118 -0.80 11.59 45.18
CA SER B 118 -0.80 11.60 45.18
C SER B 118 -2.10 11.01 44.62
C SER B 118 -2.09 11.04 44.58
N MET B 119 -3.16 11.82 44.65
CA MET B 119 -4.47 11.43 44.17
C MET B 119 -4.86 12.40 43.06
N ASN B 120 -4.77 11.93 41.81
CA ASN B 120 -4.95 12.76 40.62
C ASN B 120 -6.37 12.55 40.09
N TYR B 121 -7.25 13.53 40.31
CA TYR B 121 -8.62 13.45 39.84
C TYR B 121 -8.71 13.86 38.37
N GLU B 122 -9.70 13.30 37.67
CA GLU B 122 -9.75 13.45 36.22
C GLU B 122 -10.05 14.88 35.77
N ASP B 123 -10.60 15.73 36.64
CA ASP B 123 -10.83 17.11 36.26
C ASP B 123 -9.69 18.03 36.70
N GLY B 124 -8.55 17.47 37.10
CA GLY B 124 -7.37 18.24 37.41
C GLY B 124 -7.11 18.49 38.88
N GLY B 125 -8.13 18.34 39.74
CA GLY B 125 -7.90 18.44 41.17
C GLY B 125 -6.91 17.37 41.63
N ILE B 126 -6.02 17.76 42.54
CA ILE B 126 -4.91 16.89 42.95
C ILE B 126 -4.70 17.00 44.45
N CYS B 127 -4.66 15.85 45.13
CA CYS B 127 -4.44 15.79 46.56
C CYS B 127 -3.15 15.04 46.84
N ASN B 128 -2.30 15.63 47.68
CA ASN B 128 -1.11 14.97 48.19
C ASN B 128 -1.30 14.70 49.68
N ALA B 129 -0.94 13.50 50.12
CA ALA B 129 -1.15 13.13 51.50
C ALA B 129 0.01 12.29 51.99
N THR B 130 0.28 12.40 53.29
CA THR B 130 1.29 11.59 53.96
C THR B 130 0.72 11.07 55.27
N ASN B 131 1.24 9.93 55.71
CA ASN B 131 0.84 9.37 57.00
C ASN B 131 2.06 8.72 57.61
N ASP B 132 2.42 9.15 58.81
CA ASP B 132 3.48 8.51 59.59
C ASP B 132 2.80 7.63 60.64
N ILE B 133 2.96 6.32 60.51
CA ILE B 133 2.24 5.36 61.34
C ILE B 133 3.19 4.79 62.38
N THR B 134 2.85 4.96 63.64
CA THR B 134 3.60 4.39 64.75
C THR B 134 2.69 3.49 65.57
N LEU B 135 3.29 2.82 66.55
CA LEU B 135 2.58 1.89 67.41
C LEU B 135 2.87 2.20 68.86
N ASP B 136 1.82 2.36 69.65
CA ASP B 136 1.91 2.60 71.09
C ASP B 136 1.04 1.54 71.76
N GLY B 137 1.67 0.47 72.26
CA GLY B 137 0.93 -0.62 72.85
C GLY B 137 0.11 -1.37 71.83
N ASP B 138 -1.21 -1.23 71.90
CA ASP B 138 -2.12 -1.84 70.95
C ASP B 138 -2.82 -0.81 70.06
N CYS B 139 -2.29 0.40 70.00
CA CYS B 139 -2.93 1.49 69.28
C CYS B 139 -2.00 2.00 68.20
N TYR B 140 -2.49 2.02 66.96
CA TYR B 140 -1.76 2.67 65.88
C TYR B 140 -1.99 4.17 65.97
N ILE B 141 -0.93 4.94 65.78
CA ILE B 141 -0.98 6.40 65.85
C ILE B 141 -0.62 6.93 64.47
N TYR B 142 -1.52 7.73 63.90
CA TYR B 142 -1.32 8.33 62.58
C TYR B 142 -1.05 9.82 62.73
N GLU B 143 -0.02 10.32 62.05
CA GLU B 143 0.19 11.74 61.86
C GLU B 143 0.02 12.01 60.37
N ILE B 144 -1.07 12.69 60.00
CA ILE B 144 -1.51 12.79 58.62
C ILE B 144 -1.46 14.24 58.17
N ARG B 145 -0.98 14.46 56.94
CA ARG B 145 -1.05 15.74 56.26
C ARG B 145 -1.77 15.55 54.93
N PHE B 146 -2.64 16.51 54.58
CA PHE B 146 -3.47 16.40 53.38
C PHE B 146 -3.51 17.75 52.68
N ASP B 147 -3.23 17.80 51.39
CA ASP B 147 -3.22 19.07 50.67
C ASP B 147 -3.76 18.88 49.26
N GLY B 148 -4.93 19.47 48.98
CA GLY B 148 -5.56 19.40 47.68
C GLY B 148 -5.63 20.75 47.03
N VAL B 149 -5.42 20.79 45.70
CA VAL B 149 -5.39 22.02 44.94
C VAL B 149 -6.11 21.82 43.63
N ASN B 150 -6.52 22.94 43.03
CA ASN B 150 -7.05 23.00 41.66
C ASN B 150 -8.36 22.24 41.50
N PHE B 151 -9.16 22.16 42.55
CA PHE B 151 -10.51 21.64 42.41
C PHE B 151 -11.42 22.73 41.87
N PRO B 152 -12.04 22.54 40.71
CA PRO B 152 -12.88 23.60 40.15
C PRO B 152 -14.10 23.86 41.02
N ALA B 153 -14.51 25.13 41.06
CA ALA B 153 -15.63 25.52 41.92
C ALA B 153 -16.91 24.82 41.52
N ASN B 154 -17.03 24.43 40.25
CA ASN B 154 -18.26 23.79 39.77
CA ASN B 154 -18.21 23.80 39.67
C ASN B 154 -18.16 22.28 39.71
N GLY B 155 -17.06 21.69 40.17
CA GLY B 155 -16.86 20.27 40.13
C GLY B 155 -17.54 19.55 41.27
N PRO B 156 -17.59 18.21 41.17
CA PRO B 156 -18.29 17.43 42.20
C PRO B 156 -17.68 17.51 43.58
N VAL B 157 -16.40 17.83 43.70
CA VAL B 157 -15.77 17.90 45.01
C VAL B 157 -16.19 19.18 45.75
N MET B 158 -16.02 20.34 45.11
CA MET B 158 -16.39 21.59 45.77
C MET B 158 -17.90 21.75 45.85
N GLN B 159 -18.65 21.13 44.95
CA GLN B 159 -20.10 21.17 45.03
CA GLN B 159 -20.11 21.14 44.99
C GLN B 159 -20.68 20.00 45.82
N LYS B 160 -19.83 19.10 46.32
CA LYS B 160 -20.24 17.98 47.16
C LYS B 160 -21.34 17.15 46.49
N ARG B 161 -21.03 16.64 45.31
CA ARG B 161 -21.93 15.78 44.56
C ARG B 161 -21.46 14.33 44.52
N THR B 162 -20.55 13.94 45.41
CA THR B 162 -20.07 12.58 45.47
C THR B 162 -20.96 11.74 46.38
N VAL B 163 -21.07 10.46 46.05
CA VAL B 163 -21.86 9.51 46.82
C VAL B 163 -21.00 8.57 47.64
N LYS B 164 -20.06 7.89 46.98
CA LYS B 164 -19.17 6.95 47.67
C LYS B 164 -18.07 6.52 46.71
N TRP B 165 -16.98 6.02 47.28
CA TRP B 165 -15.99 5.30 46.50
C TRP B 165 -16.54 3.94 46.10
N GLU B 166 -16.26 3.53 44.88
CA GLU B 166 -16.55 2.16 44.49
C GLU B 166 -15.51 1.24 45.13
N PRO B 167 -15.81 -0.06 45.21
CA PRO B 167 -14.75 -1.01 45.57
C PRO B 167 -13.62 -0.89 44.57
N SER B 168 -12.42 -1.29 44.99
CA SER B 168 -11.26 -1.11 44.15
C SER B 168 -10.29 -2.26 44.35
N THR B 169 -9.32 -2.34 43.44
CA THR B 169 -8.24 -3.31 43.52
C THR B 169 -6.92 -2.56 43.37
N GLU B 170 -6.14 -2.55 44.44
CA GLU B 170 -4.83 -1.92 44.43
C GLU B 170 -3.79 -2.87 43.86
N LYS B 171 -2.86 -2.31 43.10
CA LYS B 171 -1.76 -3.06 42.51
C LYS B 171 -0.51 -2.68 43.30
N LEU B 172 0.16 -3.67 43.87
CA LEU B 172 1.34 -3.41 44.68
C LEU B 172 2.57 -4.09 44.08
N TYR B 173 3.68 -3.38 44.08
CA TYR B 173 4.90 -3.84 43.45
C TYR B 173 6.07 -3.10 44.08
N VAL B 174 7.24 -3.72 44.02
CA VAL B 174 8.45 -3.17 44.62
C VAL B 174 9.14 -2.25 43.63
N ARG B 175 9.63 -1.12 44.13
CA ARG B 175 10.54 -0.27 43.37
C ARG B 175 11.48 0.40 44.35
N ASP B 176 12.75 0.41 44.02
CA ASP B 176 13.75 1.07 44.82
C ASP B 176 13.77 0.61 46.26
N GLY B 177 13.57 -0.66 46.48
CA GLY B 177 13.61 -1.21 47.82
C GLY B 177 12.41 -0.91 48.69
N VAL B 178 11.43 -0.17 48.19
CA VAL B 178 10.21 0.10 48.95
C VAL B 178 9.02 -0.44 48.18
N LEU B 179 7.82 -0.25 48.70
CA LEU B 179 6.62 -0.83 48.13
C LEU B 179 5.77 0.28 47.52
N LYS B 180 5.31 0.07 46.29
CA LYS B 180 4.42 1.00 45.62
C LYS B 180 3.02 0.40 45.55
N GLY B 181 2.02 1.28 45.51
CA GLY B 181 0.64 0.87 45.37
C GLY B 181 -0.15 1.83 44.51
N ASP B 182 -0.73 1.35 43.42
CA ASP B 182 -1.51 2.17 42.49
C ASP B 182 -2.94 1.65 42.43
N VAL B 183 -3.90 2.56 42.35
CA VAL B 183 -5.32 2.18 42.24
C VAL B 183 -6.01 3.11 41.24
N ASN B 184 -6.87 2.55 40.41
CA ASN B 184 -7.72 3.31 39.55
C ASN B 184 -9.04 3.41 40.34
N GLU B 185 -9.18 4.49 41.10
CA GLU B 185 -10.41 4.75 41.88
CA GLU B 185 -10.41 4.75 41.88
C GLU B 185 -11.54 5.70 41.26
N ALA B 186 -12.78 5.33 41.58
CA ALA B 186 -13.89 6.09 41.03
C ALA B 186 -14.89 6.41 42.13
N LEU B 187 -15.34 7.66 42.14
CA LEU B 187 -16.40 8.10 43.03
C LEU B 187 -17.71 8.11 42.25
N SER B 188 -18.72 7.44 42.78
CA SER B 188 -20.05 7.55 42.21
C SER B 188 -20.63 8.93 42.53
N LEU B 189 -21.37 9.50 41.58
CA LEU B 189 -21.86 10.86 41.67
C LEU B 189 -23.37 10.89 41.89
N GLU B 190 -23.87 12.05 42.30
CA GLU B 190 -25.26 12.17 42.69
C GLU B 190 -26.21 11.97 41.52
N GLY B 191 -25.92 12.59 40.38
CA GLY B 191 -26.81 12.46 39.24
C GLY B 191 -26.46 11.28 38.36
N GLY B 192 -25.67 10.36 38.89
CA GLY B 192 -25.21 9.21 38.14
C GLY B 192 -23.84 9.46 37.55
N GLY B 193 -23.24 8.40 37.03
CA GLY B 193 -21.91 8.51 36.48
C GLY B 193 -20.84 8.38 37.55
N HIS B 194 -19.59 8.45 37.09
CA HIS B 194 -18.45 8.25 37.97
C HIS B 194 -17.40 9.32 37.73
N TYR B 195 -16.65 9.61 38.79
CA TYR B 195 -15.64 10.66 38.83
C TYR B 195 -14.32 9.97 39.20
N ARG B 196 -13.38 9.95 38.26
CA ARG B 196 -12.22 9.09 38.36
C ARG B 196 -11.05 9.76 39.07
N CYS B 197 -10.30 8.96 39.83
CA CYS B 197 -9.11 9.42 40.53
C CYS B 197 -8.05 8.33 40.45
N ASP B 198 -6.83 8.72 40.09
CA ASP B 198 -5.72 7.77 40.03
C ASP B 198 -4.85 7.91 41.27
N PHE B 199 -4.78 6.88 41.99
CA PHE B 199 -4.08 6.83 43.26
CA PHE B 199 -4.03 6.85 43.27
C PHE B 199 -2.56 6.15 43.13
N LYS B 200 -1.65 6.92 43.66
CA LYS B 200 -0.23 6.55 43.55
C LYS B 200 0.43 6.71 44.93
N THR B 201 0.74 5.58 45.57
CA THR B 201 1.23 5.55 46.93
C THR B 201 2.60 4.90 47.00
N THR B 202 3.45 5.41 47.89
CA THR B 202 4.75 4.81 48.21
C THR B 202 4.75 4.46 49.69
N TYR B 203 4.95 3.18 50.00
CA TYR B 203 5.01 2.72 51.39
C TYR B 203 6.48 2.47 51.75
N LYS B 204 6.89 2.96 52.93
CA LYS B 204 8.29 2.89 53.35
C LYS B 204 8.36 2.35 54.77
N ALA B 205 8.83 1.12 54.91
CA ALA B 205 9.04 0.56 56.24
C ALA B 205 10.18 1.28 56.95
N LYS B 206 10.05 1.43 58.26
CA LYS B 206 11.09 2.06 59.08
C LYS B 206 12.22 1.11 59.42
N LYS B 207 12.05 -0.16 59.15
CA LYS B 207 13.10 -1.14 59.36
C LYS B 207 13.20 -2.03 58.13
N VAL B 208 14.24 -2.81 58.01
CA VAL B 208 14.40 -3.71 56.89
C VAL B 208 13.40 -4.85 57.02
N VAL B 209 12.60 -5.06 55.96
CA VAL B 209 11.62 -6.14 55.95
C VAL B 209 11.77 -6.89 54.63
N GLN B 210 11.19 -8.09 54.59
CA GLN B 210 11.19 -8.87 53.36
C GLN B 210 10.22 -8.25 52.37
N LEU B 211 10.66 -8.11 51.12
CA LEU B 211 9.79 -7.43 50.16
C LEU B 211 8.90 -8.43 49.44
N PRO B 212 7.63 -8.11 49.21
CA PRO B 212 6.73 -9.05 48.56
C PRO B 212 6.85 -8.99 47.05
N ASP B 213 6.32 -10.02 46.41
CA ASP B 213 6.20 -10.00 44.96
C ASP B 213 4.98 -9.17 44.54
N TYR B 214 4.86 -8.93 43.25
CA TYR B 214 3.70 -8.23 42.70
C TYR B 214 2.42 -8.90 43.16
N HIS B 215 1.51 -8.10 43.72
CA HIS B 215 0.26 -8.65 44.22
C HIS B 215 -0.80 -7.55 44.24
N PHE B 216 -1.98 -7.90 44.78
CA PHE B 216 -3.14 -7.04 44.76
C PHE B 216 -3.76 -6.95 46.15
N VAL B 217 -4.49 -5.87 46.38
CA VAL B 217 -5.30 -5.71 47.58
C VAL B 217 -6.67 -5.16 47.16
N ASP B 218 -7.72 -5.95 47.39
CA ASP B 218 -9.07 -5.46 47.16
C ASP B 218 -9.49 -4.57 48.32
N HIS B 219 -10.19 -3.49 48.01
CA HIS B 219 -10.65 -2.52 48.99
C HIS B 219 -12.14 -2.29 48.86
N HIS B 220 -12.77 -1.96 49.98
CA HIS B 220 -14.11 -1.38 49.95
C HIS B 220 -14.25 -0.48 51.17
N ILE B 221 -14.24 0.82 50.93
CA ILE B 221 -14.35 1.83 51.98
C ILE B 221 -15.75 2.42 51.93
N GLU B 222 -16.36 2.60 53.10
CA GLU B 222 -17.73 3.07 53.17
C GLU B 222 -17.91 4.02 54.36
N ILE B 223 -18.54 5.16 54.10
CA ILE B 223 -19.05 6.00 55.18
C ILE B 223 -20.39 5.42 55.61
N LYS B 224 -20.44 4.86 56.82
CA LYS B 224 -21.65 4.21 57.29
C LYS B 224 -22.63 5.19 57.93
N SER B 225 -22.15 6.33 58.43
CA SER B 225 -23.02 7.33 59.02
C SER B 225 -22.24 8.64 59.14
N HIS B 226 -22.98 9.73 59.25
CA HIS B 226 -22.42 11.07 59.37
C HIS B 226 -23.55 12.02 59.73
N ASP B 227 -23.19 13.16 60.30
CA ASP B 227 -24.16 14.23 60.51
C ASP B 227 -24.20 15.10 59.26
N LYS B 228 -25.03 16.16 59.30
CA LYS B 228 -25.36 16.90 58.09
C LYS B 228 -24.12 17.49 57.42
N ASP B 229 -23.30 18.19 58.18
CA ASP B 229 -22.11 18.84 57.63
C ASP B 229 -20.86 17.99 57.73
N TYR B 230 -21.00 16.70 58.04
CA TYR B 230 -19.87 15.77 58.15
C TYR B 230 -18.90 16.18 59.25
N SER B 231 -19.40 16.89 60.27
CA SER B 231 -18.57 17.16 61.43
C SER B 231 -18.25 15.88 62.19
N ASN B 232 -19.14 14.89 62.10
CA ASN B 232 -18.92 13.57 62.68
C ASN B 232 -19.11 12.55 61.57
N VAL B 233 -18.16 11.63 61.44
CA VAL B 233 -18.16 10.62 60.39
C VAL B 233 -17.71 9.29 60.98
N ASN B 234 -18.45 8.25 60.66
CA ASN B 234 -18.14 6.88 61.02
C ASN B 234 -17.73 6.18 59.72
N LEU B 235 -16.48 5.72 59.66
CA LEU B 235 -15.92 5.20 58.42
C LEU B 235 -15.47 3.76 58.60
N HIS B 236 -15.74 2.93 57.60
CA HIS B 236 -15.35 1.52 57.61
C HIS B 236 -14.57 1.19 56.34
N GLU B 237 -13.66 0.24 56.46
CA GLU B 237 -12.92 -0.30 55.33
C GLU B 237 -12.67 -1.82 55.46
N HIS B 238 -12.81 -2.55 54.38
CA HIS B 238 -12.53 -3.95 54.32
C HIS B 238 -11.48 -4.15 53.23
N ALA B 239 -10.44 -4.92 53.48
CA ALA B 239 -9.34 -5.10 52.55
C ALA B 239 -8.81 -6.53 52.63
N GLU B 240 -8.51 -7.10 51.45
CA GLU B 240 -8.00 -8.46 51.37
C GLU B 240 -7.02 -8.56 50.22
N ALA B 241 -5.84 -9.12 50.49
CA ALA B 241 -4.81 -9.26 49.48
C ALA B 241 -5.02 -10.56 48.70
N HIS B 242 -4.57 -10.56 47.45
CA HIS B 242 -4.68 -11.74 46.60
C HIS B 242 -3.66 -11.62 45.48
N SER B 243 -3.56 -12.67 44.67
CA SER B 243 -2.56 -12.77 43.61
CA SER B 243 -2.56 -12.77 43.61
C SER B 243 -3.19 -12.76 42.21
N GLY B 244 -4.40 -12.24 42.08
CA GLY B 244 -5.03 -12.17 40.78
C GLY B 244 -5.72 -13.47 40.41
N LEU B 245 -6.14 -13.52 39.15
CA LEU B 245 -6.87 -14.67 38.65
C LEU B 245 -6.03 -15.94 38.82
N PRO B 246 -6.45 -16.89 39.64
CA PRO B 246 -5.62 -18.07 39.89
C PRO B 246 -5.73 -19.07 38.75
N MET B 250 -8.67 -21.94 44.64
CA MET B 250 -8.61 -22.69 45.89
C MET B 250 -9.96 -23.29 46.25
N ASP B 251 -11.05 -22.57 45.97
CA ASP B 251 -12.38 -23.09 46.22
C ASP B 251 -12.68 -24.23 45.26
N GLU B 252 -11.98 -25.36 45.40
CA GLU B 252 -12.03 -26.45 44.44
C GLU B 252 -12.65 -27.71 45.02
N LEU B 253 -13.63 -27.56 45.91
CA LEU B 253 -14.41 -28.68 46.40
C LEU B 253 -15.87 -28.60 45.99
N TYR B 254 -16.20 -27.67 45.10
CA TYR B 254 -17.58 -27.47 44.65
C TYR B 254 -17.90 -28.33 43.43
N LYS B 255 -19.18 -28.36 43.07
CA LYS B 255 -19.63 -29.15 41.92
N LYS C 33 19.25 0.76 -67.10
CA LYS C 33 19.03 1.96 -67.91
C LYS C 33 18.06 2.90 -67.20
N PRO C 34 18.11 4.20 -67.53
CA PRO C 34 17.18 5.14 -66.88
C PRO C 34 15.70 4.83 -67.10
N ASP C 35 15.35 4.12 -68.17
CA ASP C 35 13.97 3.74 -68.48
C ASP C 35 13.94 2.23 -68.72
N MET C 36 13.13 1.50 -67.96
CA MET C 36 13.09 0.05 -68.04
C MET C 36 11.68 -0.44 -68.37
N LYS C 37 11.59 -1.67 -68.88
CA LYS C 37 10.33 -2.26 -69.31
C LYS C 37 9.87 -3.26 -68.25
N ILE C 38 8.55 -3.49 -68.20
CA ILE C 38 7.97 -4.42 -67.24
C ILE C 38 6.82 -5.26 -67.79
N LYS C 39 6.95 -6.58 -67.68
CA LYS C 39 5.94 -7.53 -68.13
C LYS C 39 5.75 -8.51 -66.98
N LEU C 40 4.52 -8.93 -66.71
CA LEU C 40 4.33 -9.84 -65.55
C LEU C 40 3.17 -10.80 -65.75
N ARG C 41 3.21 -11.90 -64.98
CA ARG C 41 2.06 -12.79 -64.86
C ARG C 41 1.91 -13.27 -63.42
N MET C 42 0.74 -13.07 -62.85
CA MET C 42 0.42 -13.58 -61.52
C MET C 42 -0.63 -14.69 -61.66
N GLU C 43 -0.35 -15.83 -61.04
CA GLU C 43 -1.32 -16.91 -60.91
C GLU C 43 -1.57 -17.10 -59.44
N GLY C 44 -2.84 -17.18 -59.06
CA GLY C 44 -3.11 -17.24 -57.64
C GLY C 44 -4.53 -17.66 -57.31
N ALA C 45 -4.84 -17.58 -56.03
CA ALA C 45 -6.15 -17.93 -55.51
C ALA C 45 -6.38 -17.17 -54.21
N VAL C 46 -7.63 -16.80 -53.97
CA VAL C 46 -8.03 -16.15 -52.73
C VAL C 46 -9.21 -16.92 -52.18
N ASN C 47 -9.06 -17.43 -50.95
CA ASN C 47 -10.07 -18.27 -50.31
C ASN C 47 -10.41 -19.49 -51.17
N GLY C 48 -9.42 -20.02 -51.89
CA GLY C 48 -9.60 -21.22 -52.66
C GLY C 48 -10.17 -21.04 -54.05
N HIS C 49 -10.29 -19.81 -54.54
CA HIS C 49 -10.85 -19.57 -55.86
C HIS C 49 -9.78 -18.98 -56.77
N PRO C 50 -9.35 -19.70 -57.81
CA PRO C 50 -8.17 -19.30 -58.56
C PRO C 50 -8.43 -18.16 -59.54
N PHE C 51 -7.35 -17.46 -59.87
CA PHE C 51 -7.39 -16.36 -60.81
C PHE C 51 -5.99 -16.17 -61.38
N ALA C 52 -5.91 -15.38 -62.46
CA ALA C 52 -4.64 -15.10 -63.11
C ALA C 52 -4.68 -13.70 -63.71
N ILE C 53 -3.57 -12.97 -63.58
CA ILE C 53 -3.47 -11.59 -64.04
C ILE C 53 -2.12 -11.37 -64.71
N GLU C 54 -2.13 -10.63 -65.82
CA GLU C 54 -0.92 -10.21 -66.52
C GLU C 54 -0.92 -8.70 -66.61
N GLY C 55 0.27 -8.12 -66.68
CA GLY C 55 0.42 -6.68 -66.74
C GLY C 55 1.62 -6.24 -67.52
N VAL C 56 1.54 -5.03 -68.05
CA VAL C 56 2.64 -4.38 -68.75
C VAL C 56 2.88 -3.04 -68.06
N GLY C 57 4.14 -2.67 -67.91
CA GLY C 57 4.45 -1.41 -67.29
C GLY C 57 5.86 -0.96 -67.63
N LEU C 58 6.22 0.18 -67.06
CA LEU C 58 7.50 0.81 -67.33
C LEU C 58 7.85 1.66 -66.12
N GLY C 59 9.14 1.94 -65.96
CA GLY C 59 9.55 2.75 -64.83
C GLY C 59 10.97 3.25 -64.96
N LYS C 60 11.34 4.09 -64.00
CA LYS C 60 12.67 4.70 -63.93
C LYS C 60 13.28 4.30 -62.60
N PRO C 61 14.09 3.22 -62.59
CA PRO C 61 14.60 2.70 -61.30
C PRO C 61 15.37 3.72 -60.48
N PHE C 62 16.13 4.60 -61.13
CA PHE C 62 16.92 5.59 -60.40
C PHE C 62 16.06 6.74 -59.89
N GLU C 63 14.86 6.93 -60.43
CA GLU C 63 13.90 7.85 -59.86
C GLU C 63 12.92 7.17 -58.91
N GLY C 64 12.96 5.84 -58.84
CA GLY C 64 12.08 5.13 -57.93
C GLY C 64 10.61 5.24 -58.27
N LYS C 65 10.28 5.39 -59.55
CA LYS C 65 8.90 5.53 -59.98
C LYS C 65 8.60 4.49 -61.06
N GLN C 66 7.37 4.02 -61.05
CA GLN C 66 6.91 3.02 -62.00
C GLN C 66 5.42 3.05 -62.19
N SER C 67 4.97 2.51 -63.30
CA SER C 67 3.54 2.40 -63.57
C SER C 67 3.31 1.18 -64.46
N MET C 68 2.09 0.65 -64.41
CA MET C 68 1.78 -0.55 -65.17
C MET C 68 0.28 -0.66 -65.36
N ASP C 69 -0.11 -1.41 -66.39
CA ASP C 69 -1.50 -1.72 -66.69
C ASP C 69 -1.68 -3.23 -66.55
N LEU C 70 -2.64 -3.64 -65.72
CA LEU C 70 -2.88 -5.04 -65.41
C LEU C 70 -4.23 -5.49 -65.94
N LYS C 71 -4.29 -6.71 -66.47
CA LYS C 71 -5.53 -7.30 -66.95
C LYS C 71 -5.73 -8.67 -66.33
N VAL C 72 -6.92 -8.92 -65.79
CA VAL C 72 -7.27 -10.23 -65.26
C VAL C 72 -7.60 -11.16 -66.43
N LYS C 73 -6.90 -12.29 -66.49
CA LYS C 73 -7.10 -13.25 -67.57
C LYS C 73 -8.02 -14.39 -67.16
N GLU C 74 -7.95 -14.83 -65.91
CA GLU C 74 -8.78 -15.92 -65.41
C GLU C 74 -9.32 -15.56 -64.03
N GLY C 75 -10.47 -16.13 -63.70
CA GLY C 75 -11.09 -15.91 -62.40
C GLY C 75 -11.89 -14.64 -62.27
N GLY C 76 -12.05 -13.87 -63.33
CA GLY C 76 -12.83 -12.66 -63.30
C GLY C 76 -14.33 -12.91 -63.39
N PRO C 77 -15.14 -11.97 -62.85
CA PRO C 77 -14.71 -10.80 -62.09
C PRO C 77 -14.22 -11.17 -60.69
N LEU C 78 -13.14 -10.55 -60.26
CA LEU C 78 -12.54 -10.89 -58.97
C LEU C 78 -13.51 -10.59 -57.83
N PRO C 79 -13.75 -11.53 -56.94
CA PRO C 79 -14.68 -11.29 -55.82
C PRO C 79 -14.04 -10.69 -54.58
N PHE C 80 -12.79 -10.23 -54.66
CA PHE C 80 -12.08 -9.66 -53.52
C PHE C 80 -11.53 -8.31 -53.91
N ALA C 81 -11.15 -7.53 -52.88
CA ALA C 81 -10.58 -6.22 -53.11
C ALA C 81 -9.28 -6.33 -53.88
N TYR C 82 -9.20 -5.66 -55.03
CA TYR C 82 -8.01 -5.70 -55.86
C TYR C 82 -6.77 -5.19 -55.13
N ASP C 83 -6.96 -4.40 -54.07
CA ASP C 83 -5.85 -3.74 -53.39
CA ASP C 83 -5.83 -3.76 -53.44
C ASP C 83 -4.90 -4.74 -52.74
N ILE C 84 -5.40 -5.91 -52.33
CA ILE C 84 -4.54 -6.89 -51.68
C ILE C 84 -3.45 -7.39 -52.61
N LEU C 85 -3.60 -7.17 -53.91
CA LEU C 85 -2.65 -7.65 -54.91
C LEU C 85 -1.55 -6.63 -55.22
N THR C 86 -1.82 -5.35 -55.01
CA THR C 86 -1.03 -4.31 -55.67
C THR C 86 0.42 -4.29 -55.20
N THR C 87 0.66 -4.49 -53.90
CA THR C 87 2.04 -4.52 -53.43
C THR C 87 2.81 -5.74 -53.94
N VAL C 88 2.12 -6.75 -54.47
CA VAL C 88 2.82 -7.87 -55.09
C VAL C 88 3.19 -7.53 -56.53
N PHE C 89 2.37 -6.74 -57.20
CA PHE C 89 2.70 -6.24 -58.54
C PHE C 89 3.86 -5.25 -58.47
N1 GYC C 90 3.72 -4.46 -57.29
SG1 GYC C 90 3.61 -1.69 -58.83
CB1 GYC C 90 4.18 -2.05 -57.15
CA1 GYC C 90 4.78 -3.46 -57.11
C1 GYC C 90 5.48 -3.69 -55.78
N2 GYC C 90 5.41 -2.91 -54.74
N3 GYC C 90 6.29 -4.76 -55.55
C2 GYC C 90 6.75 -4.67 -54.28
O2 GYC C 90 7.49 -5.44 -53.70
CA2 GYC C 90 6.17 -3.44 -53.73
CA3 GYC C 90 6.58 -5.84 -56.49
CB2 GYC C 90 6.40 -2.95 -52.45
CG2 GYC C 90 5.55 -2.04 -51.68
CD1 GYC C 90 5.62 -2.09 -50.28
CD2 GYC C 90 4.69 -1.11 -52.29
CE1 GYC C 90 4.86 -1.26 -49.50
CE2 GYC C 90 3.93 -0.27 -51.50
CZ GYC C 90 4.02 -0.34 -50.11
OH GYC C 90 3.26 0.50 -49.34
C3 GYC C 90 8.06 -5.99 -56.71
O3 GYC C 90 8.51 -7.07 -57.03
N ASN C 91 8.75 -4.75 -56.85
CA ASN C 91 10.13 -4.79 -57.32
C ASN C 91 10.90 -3.59 -56.81
N ARG C 92 11.71 -3.84 -55.78
CA ARG C 92 12.50 -2.82 -55.11
C ARG C 92 13.61 -2.23 -55.91
N VAL C 93 13.87 -2.71 -57.13
CA VAL C 93 14.80 -2.01 -58.01
C VAL C 93 14.25 -0.65 -58.39
N PHE C 94 12.93 -0.49 -58.34
CA PHE C 94 12.28 0.80 -58.57
C PHE C 94 12.18 1.58 -57.26
N ALA C 95 13.35 1.89 -56.71
CA ALA C 95 13.47 2.70 -55.52
C ALA C 95 14.73 3.53 -55.65
N LYS C 96 14.64 4.82 -55.35
CA LYS C 96 15.79 5.71 -55.47
C LYS C 96 16.71 5.50 -54.27
N TYR C 97 17.86 4.88 -54.53
CA TYR C 97 18.82 4.64 -53.46
C TYR C 97 19.91 5.70 -53.50
N PRO C 98 20.17 6.41 -52.40
CA PRO C 98 21.31 7.32 -52.38
C PRO C 98 22.62 6.55 -52.29
N GLU C 99 23.72 7.25 -52.57
CA GLU C 99 25.01 6.59 -52.64
C GLU C 99 25.45 6.06 -51.27
N ASN C 100 24.93 6.65 -50.21
CA ASN C 100 25.27 6.25 -48.85
C ASN C 100 24.66 4.93 -48.39
N ILE C 101 23.80 4.34 -49.23
CA ILE C 101 23.15 3.09 -48.90
C ILE C 101 23.39 2.10 -50.04
N VAL C 102 23.94 0.94 -49.71
CA VAL C 102 24.17 -0.10 -50.72
C VAL C 102 22.85 -0.52 -51.33
N ASP C 103 22.82 -0.61 -52.66
CA ASP C 103 21.61 -0.99 -53.39
C ASP C 103 21.67 -2.48 -53.68
N TYR C 104 20.99 -3.27 -52.85
CA TYR C 104 20.98 -4.72 -53.01
C TYR C 104 20.31 -5.13 -54.30
N PHE C 105 19.26 -4.42 -54.69
CA PHE C 105 18.41 -4.86 -55.78
C PHE C 105 19.00 -4.51 -57.15
N LYS C 106 19.47 -3.28 -57.30
CA LYS C 106 20.16 -2.91 -58.54
C LYS C 106 21.45 -3.69 -58.72
N GLN C 107 22.11 -4.08 -57.63
CA GLN C 107 23.31 -4.90 -57.75
C GLN C 107 23.00 -6.29 -58.31
N SER C 108 21.86 -6.86 -57.93
CA SER C 108 21.57 -8.26 -58.22
C SER C 108 21.39 -8.57 -59.69
N PHE C 109 21.39 -7.58 -60.56
CA PHE C 109 21.21 -7.79 -61.99
C PHE C 109 22.55 -7.79 -62.71
N PRO C 110 22.64 -8.44 -63.88
CA PRO C 110 21.58 -9.00 -64.72
C PRO C 110 20.97 -10.33 -64.25
N GLU C 111 21.59 -11.00 -63.27
CA GLU C 111 21.06 -12.29 -62.84
C GLU C 111 19.68 -12.15 -62.23
N GLY C 112 19.46 -11.09 -61.46
CA GLY C 112 18.16 -10.85 -60.87
C GLY C 112 18.08 -11.32 -59.44
N TYR C 113 16.85 -11.35 -58.93
CA TYR C 113 16.60 -11.78 -57.56
C TYR C 113 15.16 -12.25 -57.46
N SER C 114 14.86 -12.85 -56.31
CA SER C 114 13.52 -13.32 -55.99
C SER C 114 13.16 -12.86 -54.59
N TRP C 115 11.87 -12.84 -54.30
CA TRP C 115 11.44 -12.54 -52.94
C TRP C 115 10.23 -13.35 -52.56
N GLU C 116 10.09 -13.56 -51.25
CA GLU C 116 8.97 -14.25 -50.64
C GLU C 116 8.32 -13.28 -49.65
N ARG C 117 7.01 -13.36 -49.50
CA ARG C 117 6.31 -12.41 -48.65
C ARG C 117 5.11 -13.05 -48.00
N SER C 118 4.90 -12.73 -46.72
CA SER C 118 3.69 -13.07 -46.00
C SER C 118 2.97 -11.79 -45.64
N MET C 119 1.65 -11.78 -45.78
CA MET C 119 0.85 -10.57 -45.58
C MET C 119 -0.28 -10.90 -44.61
N ASN C 120 -0.09 -10.53 -43.35
CA ASN C 120 -0.97 -10.91 -42.26
C ASN C 120 -1.89 -9.74 -41.92
N TYR C 121 -3.17 -9.85 -42.31
CA TYR C 121 -4.15 -8.82 -42.00
C TYR C 121 -4.70 -9.04 -40.60
N GLU C 122 -5.16 -7.95 -39.98
CA GLU C 122 -5.51 -7.97 -38.56
C GLU C 122 -6.73 -8.83 -38.25
N ASP C 123 -7.58 -9.14 -39.24
CA ASP C 123 -8.74 -9.99 -38.98
C ASP C 123 -8.50 -11.46 -39.30
N GLY C 124 -7.25 -11.87 -39.48
CA GLY C 124 -6.89 -13.26 -39.68
C GLY C 124 -6.63 -13.66 -41.11
N GLY C 125 -7.16 -12.92 -42.08
CA GLY C 125 -6.82 -13.19 -43.47
C GLY C 125 -5.35 -12.94 -43.74
N ILE C 126 -4.72 -13.84 -44.49
CA ILE C 126 -3.30 -13.77 -44.75
C ILE C 126 -3.02 -14.22 -46.17
N CYS C 127 -2.18 -13.47 -46.88
CA CYS C 127 -1.78 -13.78 -48.24
C CYS C 127 -0.28 -14.03 -48.26
N ASN C 128 0.13 -15.11 -48.91
CA ASN C 128 1.54 -15.39 -49.16
C ASN C 128 1.79 -15.22 -50.64
N ALA C 129 2.92 -14.60 -50.99
CA ALA C 129 3.22 -14.30 -52.38
C ALA C 129 4.69 -14.53 -52.66
N THR C 130 4.98 -14.87 -53.91
CA THR C 130 6.35 -15.03 -54.38
C THR C 130 6.48 -14.30 -55.71
N ASN C 131 7.69 -13.85 -56.01
CA ASN C 131 7.98 -13.24 -57.30
C ASN C 131 9.40 -13.58 -57.71
N ASP C 132 9.55 -14.20 -58.86
CA ASP C 132 10.85 -14.46 -59.45
C ASP C 132 11.08 -13.43 -60.55
N ILE C 133 12.05 -12.55 -60.34
CA ILE C 133 12.30 -11.42 -61.23
C ILE C 133 13.54 -11.73 -62.06
N THR C 134 13.39 -11.70 -63.38
CA THR C 134 14.50 -11.85 -64.30
C THR C 134 14.57 -10.62 -65.20
N LEU C 135 15.61 -10.57 -66.02
CA LEU C 135 15.84 -9.44 -66.91
C LEU C 135 16.12 -9.96 -68.33
N ASP C 136 15.39 -9.41 -69.30
CA ASP C 136 15.58 -9.72 -70.72
C ASP C 136 15.79 -8.40 -71.42
N GLY C 137 17.04 -8.06 -71.72
CA GLY C 137 17.36 -6.79 -72.33
C GLY C 137 17.10 -5.64 -71.37
N ASP C 138 16.07 -4.85 -71.64
CA ASP C 138 15.67 -3.76 -70.77
C ASP C 138 14.32 -4.01 -70.09
N CYS C 139 13.87 -5.26 -70.04
CA CYS C 139 12.57 -5.61 -69.51
C CYS C 139 12.71 -6.55 -68.33
N TYR C 140 12.14 -6.16 -67.19
CA TYR C 140 12.05 -7.06 -66.04
C TYR C 140 10.88 -8.03 -66.25
N ILE C 141 11.10 -9.29 -65.92
CA ILE C 141 10.10 -10.34 -66.08
C ILE C 141 9.76 -10.89 -64.71
N TYR C 142 8.48 -10.84 -64.33
CA TYR C 142 8.00 -11.36 -63.06
C TYR C 142 7.19 -12.63 -63.30
N GLU C 143 7.39 -13.60 -62.42
CA GLU C 143 6.58 -14.80 -62.36
C GLU C 143 6.08 -14.76 -60.91
N ILE C 144 4.78 -14.57 -60.76
CA ILE C 144 4.22 -14.27 -59.45
C ILE C 144 3.22 -15.35 -59.06
N ARG C 145 3.28 -15.76 -57.79
CA ARG C 145 2.29 -16.63 -57.17
C ARG C 145 1.69 -15.92 -55.97
N PHE C 146 0.38 -16.02 -55.82
CA PHE C 146 -0.36 -15.32 -54.76
C PHE C 146 -1.43 -16.23 -54.21
N ASP C 147 -1.47 -16.42 -52.90
CA ASP C 147 -2.50 -17.28 -52.30
C ASP C 147 -2.91 -16.67 -50.96
N GLY C 148 -4.15 -16.21 -50.88
CA GLY C 148 -4.69 -15.63 -49.66
C GLY C 148 -5.85 -16.46 -49.15
N VAL C 149 -5.94 -16.60 -47.82
CA VAL C 149 -6.93 -17.46 -47.20
C VAL C 149 -7.49 -16.81 -45.95
N ASN C 150 -8.64 -17.33 -45.51
CA ASN C 150 -9.25 -16.98 -44.21
C ASN C 150 -9.67 -15.52 -44.17
N PHE C 151 -10.04 -14.97 -45.31
CA PHE C 151 -10.65 -13.66 -45.32
C PHE C 151 -12.13 -13.79 -44.95
N PRO C 152 -12.59 -13.16 -43.88
CA PRO C 152 -13.99 -13.34 -43.48
C PRO C 152 -14.93 -12.76 -44.52
N ALA C 153 -16.10 -13.40 -44.66
CA ALA C 153 -17.06 -12.99 -45.67
C ALA C 153 -17.52 -11.55 -45.45
N ASN C 154 -17.67 -11.14 -44.20
CA ASN C 154 -18.10 -9.79 -43.88
C ASN C 154 -16.92 -8.82 -43.69
N GLY C 155 -15.70 -9.25 -43.99
CA GLY C 155 -14.55 -8.39 -43.85
C GLY C 155 -14.42 -7.42 -45.00
N PRO C 156 -13.55 -6.43 -44.82
CA PRO C 156 -13.40 -5.39 -45.85
C PRO C 156 -12.86 -5.91 -47.17
N VAL C 157 -12.13 -7.03 -47.17
CA VAL C 157 -11.58 -7.56 -48.41
C VAL C 157 -12.68 -8.21 -49.24
N MET C 158 -13.45 -9.12 -48.64
CA MET C 158 -14.51 -9.81 -49.38
C MET C 158 -15.65 -8.86 -49.73
N GLN C 159 -15.97 -7.93 -48.84
CA GLN C 159 -17.00 -6.95 -49.14
C GLN C 159 -16.52 -5.83 -50.06
N LYS C 160 -15.22 -5.80 -50.37
CA LYS C 160 -14.63 -4.78 -51.24
C LYS C 160 -14.95 -3.37 -50.74
N ARG C 161 -14.54 -3.12 -49.50
CA ARG C 161 -14.71 -1.82 -48.86
C ARG C 161 -13.39 -1.07 -48.69
N THR C 162 -12.36 -1.47 -49.44
CA THR C 162 -11.08 -0.79 -49.36
C THR C 162 -11.02 0.36 -50.36
N VAL C 163 -10.31 1.42 -49.98
CA VAL C 163 -10.15 2.62 -50.79
C VAL C 163 -8.74 2.72 -51.35
N LYS C 164 -7.73 2.68 -50.49
CA LYS C 164 -6.37 2.99 -50.86
C LYS C 164 -5.43 2.38 -49.84
N TRP C 165 -4.23 2.01 -50.29
CA TRP C 165 -3.14 1.83 -49.35
C TRP C 165 -2.67 3.21 -48.89
N GLU C 166 -2.29 3.32 -47.64
CA GLU C 166 -1.73 4.54 -47.16
C GLU C 166 -0.24 4.49 -47.47
N PRO C 167 0.39 5.66 -47.55
CA PRO C 167 1.85 5.64 -47.69
C PRO C 167 2.46 4.83 -46.55
N SER C 168 3.66 4.32 -46.78
CA SER C 168 4.29 3.44 -45.81
C SER C 168 5.79 3.63 -45.82
N THR C 169 6.44 3.09 -44.78
CA THR C 169 7.89 3.10 -44.65
C THR C 169 8.37 1.69 -44.37
N GLU C 170 9.15 1.15 -45.25
CA GLU C 170 9.63 -0.17 -45.13
C GLU C 170 10.99 -0.23 -44.41
N LYS C 171 11.16 -1.19 -43.50
CA LYS C 171 12.44 -1.38 -42.82
C LYS C 171 13.25 -2.58 -43.34
N LEU C 172 14.41 -2.33 -43.91
CA LEU C 172 15.24 -3.37 -44.45
C LEU C 172 16.39 -3.72 -43.55
N TYR C 173 16.63 -4.99 -43.30
CA TYR C 173 17.73 -5.41 -42.45
C TYR C 173 18.22 -6.77 -42.89
N VAL C 174 19.50 -7.03 -42.68
CA VAL C 174 20.10 -8.29 -43.05
C VAL C 174 19.93 -9.38 -42.00
N ARG C 175 19.51 -10.57 -42.37
CA ARG C 175 19.43 -11.63 -41.43
C ARG C 175 19.88 -12.93 -42.02
N ASP C 176 20.87 -13.51 -41.40
CA ASP C 176 21.43 -14.77 -41.80
C ASP C 176 21.80 -14.86 -43.26
N GLY C 177 22.43 -13.81 -43.75
CA GLY C 177 22.91 -13.76 -45.10
C GLY C 177 22.08 -13.15 -46.18
N VAL C 178 20.80 -12.97 -45.93
CA VAL C 178 19.92 -12.40 -46.93
C VAL C 178 19.31 -11.11 -46.41
N LEU C 179 18.36 -10.58 -47.14
CA LEU C 179 17.81 -9.29 -46.83
C LEU C 179 16.31 -9.39 -46.46
N LYS C 180 15.85 -8.72 -45.43
CA LYS C 180 14.46 -8.73 -45.11
C LYS C 180 13.81 -7.36 -45.21
N GLY C 181 12.51 -7.36 -45.29
CA GLY C 181 11.78 -6.13 -45.36
C GLY C 181 10.41 -6.29 -44.72
N ASP C 182 10.17 -5.50 -43.67
CA ASP C 182 8.92 -5.45 -42.92
C ASP C 182 8.25 -4.09 -43.06
N VAL C 183 6.93 -4.09 -43.19
CA VAL C 183 6.13 -2.87 -43.23
C VAL C 183 4.89 -3.10 -42.39
N ASN C 184 4.52 -2.08 -41.66
CA ASN C 184 3.27 -2.11 -41.00
C ASN C 184 2.41 -1.16 -41.82
N GLU C 185 1.59 -1.77 -42.67
CA GLU C 185 0.72 -1.08 -43.66
C GLU C 185 -0.70 -0.98 -43.22
N ALA C 186 -1.43 -0.09 -43.81
CA ALA C 186 -2.83 0.07 -43.46
C ALA C 186 -3.64 0.39 -44.71
N LEU C 187 -4.81 -0.22 -44.83
CA LEU C 187 -5.74 0.08 -45.90
C LEU C 187 -6.79 1.07 -45.44
N SER C 188 -6.96 2.14 -46.20
CA SER C 188 -8.07 3.04 -45.98
C SER C 188 -9.35 2.36 -46.40
N LEU C 189 -10.40 2.57 -45.63
CA LEU C 189 -11.68 1.93 -45.84
C LEU C 189 -12.70 2.96 -46.27
N GLU C 190 -13.81 2.43 -46.67
CA GLU C 190 -14.91 3.15 -47.13
C GLU C 190 -15.52 4.03 -46.08
N GLY C 191 -16.04 3.47 -45.02
CA GLY C 191 -16.73 4.32 -44.07
C GLY C 191 -15.80 5.05 -43.19
N GLY C 192 -14.54 5.16 -43.57
CA GLY C 192 -13.59 5.68 -42.63
C GLY C 192 -12.94 4.59 -41.81
N GLY C 193 -11.73 4.87 -41.35
CA GLY C 193 -10.96 3.92 -40.58
C GLY C 193 -9.91 3.23 -41.44
N HIS C 194 -9.12 2.39 -40.77
CA HIS C 194 -8.00 1.73 -41.41
C HIS C 194 -7.99 0.25 -41.05
N TYR C 195 -7.50 -0.55 -41.99
CA TYR C 195 -7.45 -2.01 -41.90
C TYR C 195 -6.00 -2.43 -42.08
N ARG C 196 -5.36 -2.85 -41.00
CA ARG C 196 -3.90 -3.00 -40.98
C ARG C 196 -3.45 -4.37 -41.48
N CYS C 197 -2.22 -4.41 -41.96
CA CYS C 197 -1.62 -5.61 -42.52
C CYS C 197 -0.14 -5.61 -42.18
N ASP C 198 0.38 -6.75 -41.73
CA ASP C 198 1.79 -6.88 -41.37
C ASP C 198 2.56 -7.51 -42.53
N PHE C 199 3.34 -6.71 -43.19
CA PHE C 199 4.24 -7.28 -44.21
CA PHE C 199 4.24 -7.20 -44.17
C PHE C 199 5.70 -7.80 -43.73
N LYS C 200 5.99 -8.93 -44.30
CA LYS C 200 7.24 -9.62 -43.98
C LYS C 200 7.77 -10.26 -45.25
N THR C 201 8.87 -9.72 -45.77
CA THR C 201 9.42 -10.12 -47.05
C THR C 201 10.87 -10.57 -46.90
N THR C 202 11.25 -11.59 -47.67
CA THR C 202 12.61 -12.08 -47.74
C THR C 202 13.12 -11.88 -49.17
N TYR C 203 14.20 -11.10 -49.31
CA TYR C 203 14.81 -10.85 -50.61
C TYR C 203 16.07 -11.69 -50.76
N LYS C 204 16.18 -12.39 -51.89
CA LYS C 204 17.33 -13.26 -52.17
C LYS C 204 17.86 -12.95 -53.57
N ALA C 205 19.02 -12.31 -53.63
CA ALA C 205 19.68 -12.09 -54.91
C ALA C 205 20.16 -13.42 -55.47
N LYS C 206 20.18 -13.54 -56.79
CA LYS C 206 20.63 -14.79 -57.43
C LYS C 206 22.13 -14.88 -57.44
N LYS C 207 22.78 -13.78 -57.28
CA LYS C 207 24.23 -13.80 -57.16
C LYS C 207 24.60 -13.14 -55.84
N VAL C 208 25.86 -13.31 -55.45
CA VAL C 208 26.36 -12.69 -54.23
C VAL C 208 26.56 -11.20 -54.46
N VAL C 209 25.95 -10.38 -53.60
CA VAL C 209 26.08 -8.94 -53.68
C VAL C 209 26.39 -8.41 -52.28
N GLN C 210 26.98 -7.22 -52.25
CA GLN C 210 27.25 -6.58 -50.97
C GLN C 210 25.94 -6.30 -50.24
N LEU C 211 25.86 -6.73 -48.99
CA LEU C 211 24.64 -6.55 -48.22
C LEU C 211 24.60 -5.15 -47.61
N PRO C 212 23.43 -4.51 -47.62
CA PRO C 212 23.35 -3.14 -47.09
C PRO C 212 23.16 -3.14 -45.58
N ASP C 213 23.37 -1.96 -44.99
CA ASP C 213 23.10 -1.75 -43.59
C ASP C 213 21.60 -1.51 -43.38
N TYR C 214 21.21 -1.48 -42.11
CA TYR C 214 19.83 -1.17 -41.73
C TYR C 214 19.41 0.16 -42.35
N HIS C 215 18.29 0.15 -43.07
CA HIS C 215 17.82 1.36 -43.74
C HIS C 215 16.33 1.25 -43.96
N PHE C 216 15.78 2.26 -44.63
CA PHE C 216 14.34 2.39 -44.84
C PHE C 216 14.06 2.67 -46.31
N VAL C 217 12.84 2.35 -46.72
CA VAL C 217 12.33 2.72 -48.05
C VAL C 217 10.91 3.23 -47.87
N ASP C 218 10.67 4.49 -48.21
CA ASP C 218 9.33 5.03 -48.22
C ASP C 218 8.58 4.58 -49.46
N HIS C 219 7.30 4.24 -49.29
CA HIS C 219 6.48 3.74 -50.38
C HIS C 219 5.20 4.57 -50.50
N HIS C 220 4.68 4.66 -51.71
CA HIS C 220 3.33 5.15 -51.94
C HIS C 220 2.81 4.48 -53.20
N ILE C 221 1.89 3.53 -53.03
CA ILE C 221 1.30 2.79 -54.14
C ILE C 221 -0.13 3.28 -54.32
N GLU C 222 -0.52 3.49 -55.58
CA GLU C 222 -1.83 4.05 -55.88
C GLU C 222 -2.40 3.41 -57.14
N ILE C 223 -3.67 3.00 -57.08
CA ILE C 223 -4.42 2.66 -58.28
C ILE C 223 -4.96 3.96 -58.85
N LYS C 224 -4.40 4.40 -59.98
CA LYS C 224 -4.80 5.68 -60.56
C LYS C 224 -6.01 5.57 -61.46
N SER C 225 -6.27 4.41 -62.04
CA SER C 225 -7.45 4.22 -62.87
C SER C 225 -7.77 2.74 -62.97
N HIS C 226 -9.06 2.44 -63.06
CA HIS C 226 -9.54 1.07 -63.16
C HIS C 226 -10.95 1.11 -63.75
N ASP C 227 -11.35 -0.02 -64.34
CA ASP C 227 -12.72 -0.15 -64.77
C ASP C 227 -13.55 -0.69 -63.60
N LYS C 228 -14.85 -0.88 -63.84
CA LYS C 228 -15.78 -1.14 -62.74
C LYS C 228 -15.39 -2.39 -61.95
N ASP C 229 -15.27 -3.52 -62.63
CA ASP C 229 -14.96 -4.79 -61.97
C ASP C 229 -13.46 -5.02 -61.84
N TYR C 230 -12.63 -4.02 -62.11
CA TYR C 230 -11.18 -4.11 -61.98
C TYR C 230 -10.57 -5.10 -62.96
N SER C 231 -11.23 -5.32 -64.10
CA SER C 231 -10.63 -6.12 -65.16
C SER C 231 -9.40 -5.42 -65.75
N ASN C 232 -9.38 -4.09 -65.70
CA ASN C 232 -8.24 -3.30 -66.12
C ASN C 232 -7.85 -2.38 -64.98
N VAL C 233 -6.56 -2.33 -64.66
CA VAL C 233 -6.06 -1.54 -63.54
C VAL C 233 -4.76 -0.89 -63.96
N ASN C 234 -4.65 0.42 -63.71
CA ASN C 234 -3.43 1.19 -63.95
C ASN C 234 -2.83 1.45 -62.54
N LEU C 235 -1.67 0.91 -62.26
CA LEU C 235 -1.09 0.93 -60.93
C LEU C 235 0.23 1.70 -60.95
N HIS C 236 0.42 2.56 -59.96
CA HIS C 236 1.62 3.37 -59.83
C HIS C 236 2.23 3.17 -58.46
N GLU C 237 3.52 3.35 -58.34
CA GLU C 237 4.22 3.28 -57.11
C GLU C 237 5.44 4.21 -57.14
N HIS C 238 5.73 4.85 -56.03
CA HIS C 238 6.86 5.78 -55.92
C HIS C 238 7.63 5.33 -54.71
N ALA C 239 8.95 5.25 -54.83
CA ALA C 239 9.74 4.71 -53.75
C ALA C 239 11.11 5.38 -53.61
N GLU C 240 11.47 5.61 -52.35
CA GLU C 240 12.74 6.19 -51.97
C GLU C 240 13.34 5.66 -50.64
N ALA C 241 14.57 5.20 -50.70
CA ALA C 241 15.36 4.69 -49.60
C ALA C 241 15.96 5.87 -48.85
N HIS C 242 16.12 5.69 -47.54
CA HIS C 242 16.72 6.70 -46.68
C HIS C 242 17.19 6.00 -45.43
N SER C 243 18.01 6.70 -44.65
CA SER C 243 18.59 6.15 -43.43
C SER C 243 17.84 6.57 -42.18
N GLY C 244 16.73 7.28 -42.32
CA GLY C 244 15.98 7.76 -41.19
C GLY C 244 16.62 8.95 -40.51
N LEU C 245 16.03 9.33 -39.38
CA LEU C 245 16.47 10.47 -38.61
C LEU C 245 17.89 10.28 -38.07
N PRO C 246 18.81 11.24 -38.29
CA PRO C 246 20.23 11.18 -37.94
C PRO C 246 20.47 11.35 -36.44
N LYS D 33 16.98 25.97 -0.17
CA LYS D 33 16.76 27.17 -0.96
C LYS D 33 15.81 28.11 -0.24
N PRO D 34 15.86 29.41 -0.53
CA PRO D 34 14.92 30.34 0.11
C PRO D 34 13.46 30.02 -0.16
N ASP D 35 13.15 29.34 -1.27
CA ASP D 35 11.78 28.97 -1.61
C ASP D 35 11.71 27.48 -1.86
N MET D 36 10.90 26.78 -1.06
CA MET D 36 10.77 25.32 -1.15
C MET D 36 9.30 24.94 -1.32
N LYS D 37 9.09 23.75 -1.86
CA LYS D 37 7.78 23.19 -2.10
C LYS D 37 7.50 22.06 -1.11
N ILE D 38 6.22 21.69 -1.02
CA ILE D 38 5.77 20.66 -0.09
C ILE D 38 4.78 19.75 -0.81
N LYS D 39 4.91 18.45 -0.56
CA LYS D 39 3.93 17.46 -1.00
C LYS D 39 3.78 16.44 0.12
N LEU D 40 2.54 16.09 0.44
CA LEU D 40 2.31 15.22 1.58
C LEU D 40 1.12 14.31 1.30
N ARG D 41 1.09 13.20 2.02
CA ARG D 41 -0.09 12.36 2.11
C ARG D 41 -0.21 11.87 3.54
N MET D 42 -1.38 12.08 4.14
CA MET D 42 -1.69 11.56 5.46
C MET D 42 -2.74 10.45 5.32
N GLU D 43 -2.47 9.32 5.95
CA GLU D 43 -3.44 8.24 6.09
C GLU D 43 -3.70 8.07 7.58
N GLY D 44 -4.97 7.97 7.96
CA GLY D 44 -5.23 7.94 9.37
C GLY D 44 -6.61 7.48 9.75
N ALA D 45 -6.91 7.59 11.04
CA ALA D 45 -8.19 7.20 11.62
C ALA D 45 -8.42 7.98 12.89
N VAL D 46 -9.68 8.32 13.15
CA VAL D 46 -10.10 8.98 14.37
C VAL D 46 -11.29 8.21 14.93
N ASN D 47 -11.16 7.71 16.16
CA ASN D 47 -12.18 6.86 16.77
C ASN D 47 -12.49 5.64 15.90
N GLY D 48 -11.48 5.13 15.21
CA GLY D 48 -11.64 3.93 14.41
C GLY D 48 -12.16 4.12 12.99
N HIS D 49 -12.37 5.36 12.55
CA HIS D 49 -12.90 5.60 11.22
C HIS D 49 -11.82 6.17 10.32
N PRO D 50 -11.47 5.49 9.23
CA PRO D 50 -10.27 5.87 8.48
C PRO D 50 -10.53 7.00 7.49
N PHE D 51 -9.44 7.69 7.15
CA PHE D 51 -9.50 8.81 6.21
C PHE D 51 -8.10 8.99 5.62
N ALA D 52 -8.05 9.79 4.55
CA ALA D 52 -6.80 10.09 3.88
C ALA D 52 -6.85 11.49 3.31
N ILE D 53 -5.73 12.21 3.41
CA ILE D 53 -5.62 13.60 2.99
C ILE D 53 -4.30 13.78 2.24
N GLU D 54 -4.34 14.56 1.17
CA GLU D 54 -3.14 14.93 0.43
C GLU D 54 -3.03 16.45 0.39
N GLY D 55 -1.81 16.94 0.29
CA GLY D 55 -1.60 18.39 0.27
C GLY D 55 -0.41 18.79 -0.56
N VAL D 56 -0.47 20.01 -1.08
CA VAL D 56 0.64 20.65 -1.78
C VAL D 56 0.80 22.05 -1.20
N GLY D 57 2.05 22.51 -1.10
CA GLY D 57 2.28 23.82 -0.53
C GLY D 57 3.63 24.41 -0.90
N LEU D 58 3.96 25.50 -0.28
CA LEU D 58 5.19 26.20 -0.48
C LEU D 58 5.57 26.89 0.82
N GLY D 59 6.84 27.23 0.97
CA GLY D 59 7.29 27.89 2.18
C GLY D 59 8.67 28.48 1.98
N LYS D 60 9.06 29.28 2.97
CA LYS D 60 10.34 29.98 3.01
C LYS D 60 11.03 29.52 4.29
N PRO D 61 11.89 28.51 4.23
CA PRO D 61 12.45 27.94 5.47
C PRO D 61 13.19 28.96 6.31
N PHE D 62 13.88 29.91 5.69
CA PHE D 62 14.63 30.90 6.46
C PHE D 62 13.73 31.99 7.01
N GLU D 63 12.52 32.14 6.48
CA GLU D 63 11.53 33.07 7.01
CA GLU D 63 11.54 33.07 7.02
C GLU D 63 10.62 32.43 8.05
N GLY D 64 10.62 31.10 8.15
CA GLY D 64 9.75 30.42 9.09
C GLY D 64 8.29 30.48 8.71
N LYS D 65 7.99 30.56 7.42
CA LYS D 65 6.61 30.66 6.96
C LYS D 65 6.34 29.61 5.90
N GLN D 66 5.11 29.13 5.86
CA GLN D 66 4.66 28.15 4.91
C GLN D 66 3.15 28.17 4.77
N SER D 67 2.69 27.64 3.67
CA SER D 67 1.26 27.53 3.41
C SER D 67 1.04 26.33 2.52
N MET D 68 -0.18 25.79 2.57
CA MET D 68 -0.46 24.58 1.81
C MET D 68 -1.96 24.45 1.59
N ASP D 69 -2.31 23.69 0.56
CA ASP D 69 -3.69 23.36 0.26
C ASP D 69 -3.88 21.87 0.44
N LEU D 70 -4.85 21.49 1.28
CA LEU D 70 -5.11 20.10 1.63
C LEU D 70 -6.45 19.68 1.07
N LYS D 71 -6.51 18.45 0.56
CA LYS D 71 -7.74 17.90 0.02
C LYS D 71 -8.01 16.54 0.66
N VAL D 72 -9.24 16.35 1.14
CA VAL D 72 -9.62 15.07 1.71
C VAL D 72 -9.88 14.10 0.57
N LYS D 73 -9.14 12.99 0.54
CA LYS D 73 -9.25 11.99 -0.52
C LYS D 73 -10.14 10.82 -0.12
N GLU D 74 -10.10 10.41 1.14
CA GLU D 74 -10.91 9.30 1.61
C GLU D 74 -11.48 9.64 2.97
N GLY D 75 -12.63 9.05 3.28
CA GLY D 75 -13.26 9.23 4.59
C GLY D 75 -14.06 10.50 4.77
N GLY D 76 -14.23 11.30 3.72
CA GLY D 76 -15.01 12.52 3.80
C GLY D 76 -16.50 12.27 3.73
N PRO D 77 -17.31 13.18 4.29
CA PRO D 77 -16.85 14.35 5.05
C PRO D 77 -16.33 13.96 6.41
N LEU D 78 -15.23 14.57 6.83
CA LEU D 78 -14.60 14.20 8.08
C LEU D 78 -15.56 14.48 9.23
N PRO D 79 -15.79 13.50 10.13
CA PRO D 79 -16.74 13.71 11.22
C PRO D 79 -16.13 14.32 12.48
N PHE D 80 -14.90 14.81 12.42
CA PHE D 80 -14.21 15.38 13.58
C PHE D 80 -13.66 16.75 13.22
N ALA D 81 -13.30 17.52 14.25
CA ALA D 81 -12.75 18.85 14.05
C ALA D 81 -11.43 18.78 13.30
N TYR D 82 -11.35 19.49 12.16
CA TYR D 82 -10.14 19.48 11.37
C TYR D 82 -8.92 19.98 12.14
N ASP D 83 -9.13 20.79 13.18
CA ASP D 83 -8.01 21.43 13.86
C ASP D 83 -7.06 20.42 14.50
N ILE D 84 -7.54 19.22 14.85
CA ILE D 84 -6.66 18.25 15.48
C ILE D 84 -5.57 17.77 14.52
N LEU D 85 -5.76 17.97 13.22
CA LEU D 85 -4.82 17.50 12.21
C LEU D 85 -3.73 18.52 11.88
N THR D 86 -3.98 19.80 12.11
CA THR D 86 -3.24 20.85 11.42
C THR D 86 -1.77 20.89 11.82
N THR D 87 -1.44 20.72 13.09
CA THR D 87 -0.04 20.70 13.49
C THR D 87 0.71 19.48 12.98
N VAL D 88 0.00 18.46 12.49
CA VAL D 88 0.70 17.34 11.88
C VAL D 88 1.06 17.66 10.44
N PHE D 89 0.22 18.42 9.74
CA PHE D 89 0.53 18.91 8.41
C PHE D 89 1.65 19.96 8.50
N1 GYC D 90 1.56 20.85 9.60
SG1 GYC D 90 1.46 23.58 8.06
CB1 GYC D 90 2.04 23.25 9.74
CA1 GYC D 90 2.62 21.84 9.82
C1 GYC D 90 3.29 21.60 11.16
N2 GYC D 90 3.21 22.39 12.18
N3 GYC D 90 4.09 20.52 11.41
C2 GYC D 90 4.54 20.61 12.68
O2 GYC D 90 5.26 19.82 13.27
CA2 GYC D 90 3.96 21.86 13.21
CA3 GYC D 90 4.37 19.43 10.47
CB2 GYC D 90 4.17 22.32 14.49
CG2 GYC D 90 3.32 23.22 15.26
CD1 GYC D 90 3.38 23.14 16.67
CD2 GYC D 90 2.48 24.18 14.67
CE1 GYC D 90 2.62 23.96 17.45
CE2 GYC D 90 1.71 25.01 15.48
CZ GYC D 90 1.78 24.90 16.87
OH GYC D 90 1.03 25.71 17.65
C3 GYC D 90 5.85 19.23 10.27
O3 GYC D 90 6.28 18.15 9.96
N ASN D 91 6.67 20.38 10.10
CA ASN D 91 8.04 20.32 9.61
C ASN D 91 8.79 21.53 10.12
N ARG D 92 9.63 21.31 11.14
CA ARG D 92 10.32 22.41 11.81
C ARG D 92 11.47 22.97 10.98
N VAL D 93 11.71 22.47 9.78
CA VAL D 93 12.61 23.17 8.87
C VAL D 93 12.02 24.52 8.50
N PHE D 94 10.70 24.66 8.58
CA PHE D 94 10.03 25.94 8.35
C PHE D 94 9.92 26.71 9.67
N ALA D 95 11.09 27.04 10.21
CA ALA D 95 11.20 27.84 11.43
C ALA D 95 12.43 28.71 11.30
N LYS D 96 12.30 29.99 11.63
CA LYS D 96 13.43 30.92 11.53
C LYS D 96 14.35 30.71 12.72
N TYR D 97 15.53 30.14 12.46
CA TYR D 97 16.49 29.93 13.53
C TYR D 97 17.52 31.03 13.52
N PRO D 98 17.75 31.72 14.63
CA PRO D 98 18.85 32.68 14.68
C PRO D 98 20.18 31.96 14.68
N GLU D 99 21.19 32.74 14.42
CA GLU D 99 22.52 32.25 14.30
C GLU D 99 23.03 31.68 15.56
N ASN D 100 22.53 32.18 16.66
CA ASN D 100 23.01 31.74 17.95
CA ASN D 100 22.87 31.79 18.03
C ASN D 100 22.48 30.36 18.36
N ILE D 101 21.56 29.78 17.60
CA ILE D 101 20.93 28.51 17.97
C ILE D 101 21.14 27.49 16.86
N VAL D 102 21.67 26.33 17.24
CA VAL D 102 21.91 25.25 16.27
C VAL D 102 20.60 24.82 15.64
N ASP D 103 20.59 24.69 14.32
CA ASP D 103 19.41 24.31 13.55
C ASP D 103 19.51 22.81 13.27
N TYR D 104 18.81 22.02 14.08
CA TYR D 104 18.83 20.57 13.92
C TYR D 104 18.21 20.15 12.59
N PHE D 105 17.18 20.87 12.16
CA PHE D 105 16.34 20.41 11.04
C PHE D 105 16.94 20.76 9.68
N LYS D 106 17.37 22.01 9.49
CA LYS D 106 18.00 22.36 8.23
C LYS D 106 19.30 21.58 8.02
N GLN D 107 19.96 21.20 9.11
CA GLN D 107 21.15 20.36 9.01
C GLN D 107 20.83 18.98 8.47
N SER D 108 19.68 18.43 8.84
CA SER D 108 19.37 17.03 8.53
C SER D 108 19.23 16.77 7.04
N PHE D 109 19.23 17.79 6.22
CA PHE D 109 18.98 17.56 4.80
C PHE D 109 20.28 17.58 4.01
N PRO D 110 20.32 16.92 2.84
CA PRO D 110 19.22 16.32 2.07
C PRO D 110 18.67 15.00 2.59
N GLU D 111 19.34 14.36 3.55
CA GLU D 111 18.88 13.05 4.01
C GLU D 111 17.51 13.14 4.68
N GLY D 112 17.27 14.19 5.44
CA GLY D 112 15.97 14.41 6.05
C GLY D 112 15.90 13.94 7.49
N TYR D 113 14.67 13.90 7.99
CA TYR D 113 14.42 13.49 9.36
C TYR D 113 12.98 13.00 9.47
N SER D 114 12.68 12.40 10.61
CA SER D 114 11.34 11.93 10.91
C SER D 114 10.98 12.39 12.30
N TRP D 115 9.67 12.41 12.60
CA TRP D 115 9.27 12.71 13.96
C TRP D 115 8.07 11.85 14.35
N GLU D 116 7.94 11.65 15.65
CA GLU D 116 6.82 10.98 16.26
C GLU D 116 6.23 11.91 17.30
N ARG D 117 4.91 11.85 17.47
CA ARG D 117 4.26 12.81 18.34
C ARG D 117 3.03 12.19 18.98
N SER D 118 2.85 12.48 20.27
N SER D 118 2.85 12.48 20.27
CA SER D 118 1.61 12.17 20.97
CA SER D 118 1.62 12.16 20.98
C SER D 118 0.92 13.48 21.34
C SER D 118 0.92 13.47 21.35
N MET D 119 -0.38 13.55 21.18
CA MET D 119 -1.13 14.74 21.49
C MET D 119 -2.26 14.29 22.40
N ASN D 120 -2.13 14.65 23.66
CA ASN D 120 -2.99 14.22 24.76
C ASN D 120 -3.94 15.36 25.11
N TYR D 121 -5.20 15.22 24.73
CA TYR D 121 -6.20 16.25 25.03
C TYR D 121 -6.75 16.05 26.44
N GLU D 122 -7.19 17.15 27.04
CA GLU D 122 -7.54 17.13 28.46
C GLU D 122 -8.77 16.29 28.78
N ASP D 123 -9.62 15.98 27.79
CA ASP D 123 -10.77 15.11 28.04
C ASP D 123 -10.49 13.64 27.70
N GLY D 124 -9.22 13.26 27.53
CA GLY D 124 -8.85 11.89 27.32
C GLY D 124 -8.59 11.50 25.87
N GLY D 125 -9.07 12.29 24.92
CA GLY D 125 -8.74 12.03 23.53
C GLY D 125 -7.24 12.13 23.31
N ILE D 126 -6.71 11.18 22.55
CA ILE D 126 -5.28 11.14 22.29
C ILE D 126 -5.00 10.75 20.85
N CYS D 127 -4.12 11.53 20.22
CA CYS D 127 -3.74 11.30 18.84
C CYS D 127 -2.25 11.03 18.78
N ASN D 128 -1.88 9.99 18.04
CA ASN D 128 -0.49 9.66 17.76
C ASN D 128 -0.23 9.92 16.29
N ALA D 129 0.91 10.53 15.98
CA ALA D 129 1.23 10.86 14.60
C ALA D 129 2.71 10.68 14.34
N THR D 130 3.03 10.33 13.10
CA THR D 130 4.39 10.21 12.63
C THR D 130 4.51 10.93 11.29
N ASN D 131 5.71 11.42 10.99
CA ASN D 131 5.99 12.03 9.70
C ASN D 131 7.40 11.67 9.31
N ASP D 132 7.54 11.02 8.16
CA ASP D 132 8.85 10.75 7.56
C ASP D 132 9.05 11.76 6.44
N ILE D 133 10.02 12.66 6.63
CA ILE D 133 10.24 13.79 5.73
C ILE D 133 11.46 13.52 4.89
N THR D 134 11.30 13.55 3.57
CA THR D 134 12.40 13.43 2.63
C THR D 134 12.43 14.67 1.75
N LEU D 135 13.45 14.77 0.90
CA LEU D 135 13.62 15.90 0.01
C LEU D 135 13.87 15.40 -1.40
N ASP D 136 13.09 15.89 -2.35
CA ASP D 136 13.24 15.57 -3.77
C ASP D 136 13.38 16.91 -4.50
N GLY D 137 14.61 17.27 -4.86
CA GLY D 137 14.88 18.55 -5.48
C GLY D 137 14.64 19.70 -4.54
N ASP D 138 13.59 20.48 -4.81
CA ASP D 138 13.20 21.59 -3.95
C ASP D 138 11.88 21.32 -3.23
N CYS D 139 11.46 20.07 -3.16
CA CYS D 139 10.17 19.72 -2.59
C CYS D 139 10.37 18.76 -1.44
N TYR D 140 9.86 19.13 -0.27
CA TYR D 140 9.81 18.22 0.86
C TYR D 140 8.64 17.26 0.67
N ILE D 141 8.87 15.99 0.96
CA ILE D 141 7.86 14.94 0.81
C ILE D 141 7.56 14.39 2.21
N TYR D 142 6.30 14.44 2.61
CA TYR D 142 5.88 13.94 3.92
C TYR D 142 5.10 12.64 3.74
N GLU D 143 5.44 11.63 4.55
CA GLU D 143 4.63 10.43 4.68
C GLU D 143 4.10 10.42 6.12
N ILE D 144 2.79 10.64 6.26
CA ILE D 144 2.19 10.94 7.56
C ILE D 144 1.20 9.84 7.92
N ARG D 145 1.23 9.43 9.19
CA ARG D 145 0.22 8.56 9.77
C ARG D 145 -0.39 9.27 10.98
N PHE D 146 -1.71 9.17 11.12
CA PHE D 146 -2.44 9.87 12.18
C PHE D 146 -3.47 8.93 12.78
N ASP D 147 -3.48 8.80 14.10
CA ASP D 147 -4.43 7.90 14.75
C ASP D 147 -4.89 8.50 16.08
N GLY D 148 -6.16 8.86 16.15
CA GLY D 148 -6.75 9.40 17.37
C GLY D 148 -7.84 8.48 17.90
N VAL D 149 -7.92 8.37 19.22
CA VAL D 149 -8.87 7.48 19.88
C VAL D 149 -9.45 8.18 21.11
N ASN D 150 -10.60 7.67 21.55
CA ASN D 150 -11.23 8.04 22.83
C ASN D 150 -11.67 9.50 22.87
N PHE D 151 -12.03 10.07 21.72
CA PHE D 151 -12.67 11.38 21.71
C PHE D 151 -14.15 11.23 22.05
N PRO D 152 -14.64 11.84 23.12
CA PRO D 152 -16.05 11.66 23.50
C PRO D 152 -16.99 12.23 22.45
N ALA D 153 -18.13 11.57 22.30
CA ALA D 153 -19.10 12.00 21.30
C ALA D 153 -19.59 13.42 21.55
N ASN D 154 -19.70 13.83 22.82
CA ASN D 154 -20.21 15.15 23.16
C ASN D 154 -19.11 16.19 23.32
N GLY D 155 -17.87 15.85 22.96
CA GLY D 155 -16.75 16.74 23.13
C GLY D 155 -16.55 17.69 21.96
N PRO D 156 -15.69 18.69 22.14
CA PRO D 156 -15.51 19.71 21.09
C PRO D 156 -14.95 19.17 19.79
N VAL D 157 -14.23 18.04 19.80
CA VAL D 157 -13.67 17.50 18.58
C VAL D 157 -14.75 16.82 17.74
N MET D 158 -15.47 15.88 18.33
CA MET D 158 -16.51 15.18 17.59
C MET D 158 -17.72 16.07 17.30
N GLN D 159 -17.93 17.12 18.09
CA GLN D 159 -19.01 18.05 17.82
C GLN D 159 -18.57 19.22 16.92
N LYS D 160 -17.32 19.21 16.44
CA LYS D 160 -16.78 20.22 15.54
C LYS D 160 -17.07 21.63 16.06
N ARG D 161 -16.66 21.84 17.32
CA ARG D 161 -16.78 23.11 17.98
C ARG D 161 -15.47 23.86 18.20
N THR D 162 -14.40 23.50 17.52
CA THR D 162 -13.15 24.21 17.69
C THR D 162 -13.09 25.37 16.71
N VAL D 163 -12.40 26.43 17.10
CA VAL D 163 -12.25 27.62 16.27
C VAL D 163 -10.85 27.71 15.69
N LYS D 164 -9.82 27.62 16.53
CA LYS D 164 -8.44 27.69 16.07
CA LYS D 164 -8.44 27.69 16.07
C LYS D 164 -7.51 27.29 17.22
N TRP D 165 -6.28 26.96 16.84
CA TRP D 165 -5.21 26.84 17.82
C TRP D 165 -4.77 28.24 18.21
N GLU D 166 -4.50 28.44 19.50
CA GLU D 166 -3.85 29.67 19.89
C GLU D 166 -2.39 29.63 19.46
N PRO D 167 -1.72 30.78 19.38
CA PRO D 167 -0.26 30.75 19.23
C PRO D 167 0.35 29.98 20.39
N SER D 168 1.55 29.46 20.17
CA SER D 168 2.17 28.60 21.18
C SER D 168 3.67 28.78 21.18
N THR D 169 4.30 28.24 22.21
CA THR D 169 5.76 28.24 22.35
C THR D 169 6.21 26.82 22.62
N GLU D 170 6.95 26.24 21.67
CA GLU D 170 7.48 24.89 21.83
C GLU D 170 8.79 24.96 22.61
N LYS D 171 9.00 23.96 23.45
CA LYS D 171 10.23 23.83 24.24
C LYS D 171 10.99 22.65 23.64
N LEU D 172 12.24 22.89 23.22
CA LEU D 172 13.04 21.86 22.59
C LEU D 172 14.30 21.60 23.40
N TYR D 173 14.62 20.32 23.57
CA TYR D 173 15.73 19.90 24.41
C TYR D 173 16.19 18.52 23.96
N VAL D 174 17.45 18.23 24.21
CA VAL D 174 18.06 16.95 23.84
C VAL D 174 17.78 15.94 24.94
N ARG D 175 17.48 14.71 24.53
CA ARG D 175 17.37 13.60 25.47
C ARG D 175 17.92 12.36 24.79
N ASP D 176 19.04 11.85 25.32
CA ASP D 176 19.63 10.59 24.87
C ASP D 176 19.90 10.60 23.35
N GLY D 177 20.39 11.73 22.86
CA GLY D 177 20.94 11.83 21.53
C GLY D 177 19.96 12.23 20.43
N VAL D 178 18.68 12.41 20.76
CA VAL D 178 17.69 12.91 19.80
C VAL D 178 17.07 14.18 20.38
N LEU D 179 16.37 14.90 19.53
CA LEU D 179 15.74 16.16 19.91
C LEU D 179 14.29 15.93 20.30
N LYS D 180 13.87 16.54 21.40
CA LYS D 180 12.49 16.50 21.85
C LYS D 180 11.87 17.88 21.77
N GLY D 181 10.54 17.92 21.61
CA GLY D 181 9.80 19.17 21.58
C GLY D 181 8.46 19.03 22.26
N ASP D 182 8.19 19.86 23.27
CA ASP D 182 6.94 19.81 24.02
C ASP D 182 6.21 21.14 23.89
N VAL D 183 4.92 21.09 23.81
CA VAL D 183 4.10 22.28 23.74
C VAL D 183 2.81 22.08 24.52
N ASN D 184 2.45 23.08 25.31
CA ASN D 184 1.19 23.10 26.01
C ASN D 184 0.25 23.86 25.11
N GLU D 185 -0.41 23.19 24.23
CA GLU D 185 -1.36 23.87 23.35
CA GLU D 185 -1.37 23.89 23.34
C GLU D 185 -2.90 24.04 23.89
N ALA D 186 -3.61 25.00 23.30
CA ALA D 186 -5.02 25.19 23.61
C ALA D 186 -5.76 25.51 22.32
N LEU D 187 -6.92 24.89 22.15
CA LEU D 187 -7.81 25.21 21.06
C LEU D 187 -8.88 26.16 21.59
N SER D 188 -9.04 27.31 20.93
CA SER D 188 -10.15 28.18 21.26
C SER D 188 -11.44 27.56 20.74
N LEU D 189 -12.49 27.66 21.53
CA LEU D 189 -13.74 26.99 21.22
C LEU D 189 -14.83 27.99 20.86
N GLU D 190 -15.90 27.48 20.28
CA GLU D 190 -17.03 28.31 19.86
C GLU D 190 -17.68 28.84 21.13
N GLY D 191 -17.37 30.08 21.49
CA GLY D 191 -17.93 30.64 22.70
C GLY D 191 -16.93 31.13 23.74
N GLY D 192 -15.67 31.31 23.33
CA GLY D 192 -14.66 31.82 24.24
C GLY D 192 -13.70 30.87 24.95
N GLY D 193 -14.19 29.73 25.45
CA GLY D 193 -13.32 28.83 26.21
C GLY D 193 -12.17 28.20 25.45
N HIS D 194 -11.36 27.41 26.17
CA HIS D 194 -10.17 26.81 25.58
C HIS D 194 -10.12 25.32 25.96
N TYR D 195 -9.59 24.54 25.02
CA TYR D 195 -9.52 23.09 25.13
C TYR D 195 -8.05 22.70 24.98
N ARG D 196 -7.47 22.11 26.02
CA ARG D 196 -6.02 21.97 26.10
CA ARG D 196 -6.02 21.96 26.11
C ARG D 196 -5.55 20.62 25.56
N CYS D 197 -4.36 20.64 24.97
CA CYS D 197 -3.71 19.46 24.42
C CYS D 197 -2.23 19.52 24.76
N ASP D 198 -1.69 18.40 25.23
CA ASP D 198 -0.27 18.30 25.57
C ASP D 198 0.48 17.65 24.42
N PHE D 199 1.22 18.44 23.74
CA PHE D 199 2.01 17.96 22.60
CA PHE D 199 2.03 17.91 22.62
C PHE D 199 3.56 17.47 23.03
N LYS D 200 3.86 16.27 22.61
CA LYS D 200 5.14 15.61 22.95
C LYS D 200 5.70 14.99 21.68
N THR D 201 6.69 15.63 21.16
CA THR D 201 7.34 15.18 19.93
CA THR D 201 7.30 15.10 19.93
C THR D 201 8.91 14.69 20.07
N THR D 202 9.20 13.70 19.26
CA THR D 202 10.58 13.24 19.17
C THR D 202 11.01 13.43 17.73
N TYR D 203 12.08 14.20 17.53
CA TYR D 203 12.64 14.45 16.21
C TYR D 203 13.89 13.61 16.02
N LYS D 204 14.00 12.92 14.88
CA LYS D 204 15.09 11.98 14.62
C LYS D 204 15.68 12.23 13.24
N ALA D 205 16.85 12.87 13.20
CA ALA D 205 17.55 13.09 11.95
C ALA D 205 18.01 11.77 11.36
N LYS D 206 18.02 11.69 10.02
CA LYS D 206 18.45 10.48 9.35
C LYS D 206 19.97 10.34 9.31
N LYS D 207 20.70 11.41 9.59
CA LYS D 207 22.15 11.37 9.72
C LYS D 207 22.55 12.01 11.03
N VAL D 208 23.82 11.84 11.39
CA VAL D 208 24.36 12.48 12.58
C VAL D 208 24.51 13.97 12.32
N VAL D 209 23.93 14.79 13.19
CA VAL D 209 24.02 16.24 13.09
C VAL D 209 24.36 16.79 14.47
N GLN D 210 24.78 18.06 14.52
CA GLN D 210 25.07 18.66 15.81
C GLN D 210 23.76 19.00 16.52
N LEU D 211 23.72 18.68 17.81
CA LEU D 211 22.53 18.82 18.64
C LEU D 211 22.48 20.20 19.26
N PRO D 212 21.31 20.83 19.31
CA PRO D 212 21.22 22.17 19.87
C PRO D 212 21.06 22.14 21.39
N ASP D 213 21.29 23.31 21.98
CA ASP D 213 21.00 23.49 23.40
C ASP D 213 19.50 23.74 23.59
N TYR D 214 19.08 23.74 24.85
CA TYR D 214 17.69 24.05 25.19
C TYR D 214 17.25 25.36 24.57
N HIS D 215 16.14 25.34 23.85
CA HIS D 215 15.66 26.56 23.19
C HIS D 215 14.16 26.44 22.95
N PHE D 216 13.60 27.44 22.27
CA PHE D 216 12.17 27.57 22.07
C PHE D 216 11.87 27.84 20.61
N VAL D 217 10.63 27.51 20.21
CA VAL D 217 10.12 27.88 18.90
C VAL D 217 8.71 28.42 19.09
N ASP D 218 8.50 29.68 18.76
CA ASP D 218 7.17 30.25 18.77
C ASP D 218 6.42 29.81 17.52
N HIS D 219 5.13 29.50 17.68
CA HIS D 219 4.31 29.01 16.59
C HIS D 219 3.04 29.84 16.46
N HIS D 220 2.53 29.92 15.23
CA HIS D 220 1.16 30.38 15.00
C HIS D 220 0.65 29.70 13.73
N ILE D 221 -0.24 28.73 13.91
CA ILE D 221 -0.84 27.99 12.81
C ILE D 221 -2.28 28.45 12.63
N GLU D 222 -2.70 28.65 11.38
CA GLU D 222 -4.02 29.18 11.11
C GLU D 222 -4.60 28.55 9.86
N ILE D 223 -5.86 28.13 9.95
CA ILE D 223 -6.64 27.80 8.75
C ILE D 223 -7.17 29.11 8.20
N LYS D 224 -6.64 29.53 7.05
CA LYS D 224 -7.04 30.80 6.47
C LYS D 224 -8.27 30.67 5.58
N SER D 225 -8.56 29.46 5.10
CA SER D 225 -9.80 29.23 4.38
C SER D 225 -10.09 27.74 4.28
N HIS D 226 -11.34 27.44 4.00
CA HIS D 226 -11.85 26.08 3.88
C HIS D 226 -13.25 26.15 3.30
N ASP D 227 -13.67 25.04 2.70
CA ASP D 227 -15.06 24.92 2.30
C ASP D 227 -15.85 24.34 3.47
N LYS D 228 -17.17 24.15 3.27
CA LYS D 228 -18.07 23.92 4.39
C LYS D 228 -17.67 22.68 5.20
N ASP D 229 -17.48 21.54 4.53
CA ASP D 229 -17.14 20.31 5.24
C ASP D 229 -15.64 20.04 5.26
N TYR D 230 -14.83 21.06 4.99
CA TYR D 230 -13.37 20.99 5.10
C TYR D 230 -12.76 19.99 4.13
N SER D 231 -13.42 19.74 3.00
CA SER D 231 -12.80 18.94 1.96
C SER D 231 -11.59 19.66 1.36
N ASN D 232 -11.61 20.99 1.40
CA ASN D 232 -10.49 21.83 0.97
C ASN D 232 -10.12 22.74 2.12
N VAL D 233 -8.83 22.83 2.42
CA VAL D 233 -8.34 23.65 3.52
C VAL D 233 -7.04 24.32 3.08
N ASN D 234 -6.92 25.61 3.30
CA ASN D 234 -5.70 26.36 3.06
C ASN D 234 -5.09 26.67 4.45
N LEU D 235 -3.92 26.11 4.70
CA LEU D 235 -3.31 26.14 6.02
C LEU D 235 -1.98 26.89 5.98
N HIS D 236 -1.75 27.75 6.98
CA HIS D 236 -0.54 28.54 7.09
C HIS D 236 0.08 28.32 8.46
N GLU D 237 1.39 28.45 8.53
CA GLU D 237 2.14 28.43 9.81
C GLU D 237 3.28 29.39 9.82
N HIS D 238 3.53 30.04 10.92
CA HIS D 238 4.65 30.94 11.08
C HIS D 238 5.40 30.49 12.35
N ALA D 239 6.69 30.34 12.27
CA ALA D 239 7.49 29.81 13.38
C ALA D 239 8.85 30.50 13.44
N GLU D 240 9.29 30.81 14.66
CA GLU D 240 10.57 31.47 14.89
C GLU D 240 11.18 30.95 16.19
N ALA D 241 12.45 30.57 16.13
CA ALA D 241 13.14 30.04 17.30
C ALA D 241 13.80 31.17 18.09
N HIS D 242 13.93 30.94 19.40
CA HIS D 242 14.56 31.92 20.28
C HIS D 242 15.02 31.20 21.55
N SER D 243 15.71 31.95 22.41
CA SER D 243 16.29 31.40 23.64
C SER D 243 15.60 31.93 24.89
N GLY D 244 14.40 32.48 24.77
CA GLY D 244 13.69 32.95 25.94
C GLY D 244 14.25 34.25 26.50
N LEU D 245 13.73 34.60 27.67
CA LEU D 245 14.12 35.83 28.35
C LEU D 245 15.62 35.85 28.62
N PRO D 246 16.35 36.87 28.17
CA PRO D 246 17.81 36.95 28.26
C PRO D 246 18.31 37.24 29.67
N LYS E 33 -20.26 -44.71 -46.15
CA LYS E 33 -20.25 -46.08 -45.65
C LYS E 33 -18.99 -46.30 -44.85
N PRO E 34 -19.00 -47.26 -43.95
CA PRO E 34 -17.89 -47.49 -43.01
C PRO E 34 -16.55 -47.61 -43.69
N ASP E 35 -16.49 -47.95 -44.99
CA ASP E 35 -15.23 -48.07 -45.71
C ASP E 35 -15.24 -47.15 -46.93
N MET E 36 -14.35 -46.16 -46.91
CA MET E 36 -14.23 -45.17 -47.97
C MET E 36 -12.78 -45.12 -48.44
N LYS E 37 -12.58 -44.72 -49.69
CA LYS E 37 -11.24 -44.53 -50.24
C LYS E 37 -10.98 -43.06 -50.53
N ILE E 38 -9.71 -42.75 -50.78
CA ILE E 38 -9.23 -41.39 -50.98
C ILE E 38 -8.29 -41.36 -52.17
N LYS E 39 -8.43 -40.30 -52.97
CA LYS E 39 -7.52 -39.99 -54.07
C LYS E 39 -7.31 -38.48 -54.03
N LEU E 40 -6.06 -38.03 -54.16
CA LEU E 40 -5.78 -36.62 -54.01
C LEU E 40 -4.65 -36.21 -54.94
N ARG E 41 -4.61 -34.91 -55.22
CA ARG E 41 -3.48 -34.25 -55.86
C ARG E 41 -3.26 -32.91 -55.18
N MET E 42 -2.03 -32.68 -54.72
CA MET E 42 -1.65 -31.41 -54.15
C MET E 42 -0.66 -30.73 -55.09
N GLU E 43 -0.92 -29.46 -55.40
CA GLU E 43 -0.02 -28.62 -56.16
C GLU E 43 0.44 -27.48 -55.27
N GLY E 44 1.74 -27.22 -55.23
CA GLY E 44 2.20 -26.19 -54.32
C GLY E 44 3.61 -25.74 -54.57
N ALA E 45 4.08 -24.89 -53.66
CA ALA E 45 5.43 -24.33 -53.69
C ALA E 45 5.82 -23.95 -52.27
N VAL E 46 7.11 -24.09 -51.97
CA VAL E 46 7.68 -23.70 -50.69
C VAL E 46 8.90 -22.83 -50.98
N ASN E 47 8.89 -21.60 -50.48
CA ASN E 47 9.94 -20.62 -50.76
C ASN E 47 10.15 -20.43 -52.26
N GLY E 48 9.07 -20.52 -53.03
CA GLY E 48 9.12 -20.31 -54.46
C GLY E 48 9.50 -21.54 -55.27
N HIS E 49 9.70 -22.69 -54.64
CA HIS E 49 10.08 -23.92 -55.33
C HIS E 49 8.84 -24.76 -55.57
N PRO E 50 8.32 -24.83 -56.81
CA PRO E 50 7.06 -25.55 -57.02
C PRO E 50 7.23 -27.05 -56.97
N PHE E 51 6.14 -27.73 -56.64
CA PHE E 51 6.13 -29.19 -56.55
C PHE E 51 4.69 -29.68 -56.65
N ALA E 52 4.53 -30.99 -56.84
CA ALA E 52 3.22 -31.60 -56.93
C ALA E 52 3.29 -33.02 -56.38
N ILE E 53 2.24 -33.42 -55.66
CA ILE E 53 2.16 -34.72 -55.02
C ILE E 53 0.77 -35.28 -55.22
N GLU E 54 0.68 -36.59 -55.50
CA GLU E 54 -0.58 -37.29 -55.61
C GLU E 54 -0.61 -38.42 -54.59
N GLY E 55 -1.81 -38.78 -54.17
CA GLY E 55 -1.96 -39.83 -53.17
C GLY E 55 -3.25 -40.60 -53.36
N VAL E 56 -3.23 -41.85 -52.91
CA VAL E 56 -4.41 -42.70 -52.84
C VAL E 56 -4.47 -43.25 -51.42
N GLY E 57 -5.69 -43.39 -50.89
CA GLY E 57 -5.76 -43.85 -49.52
C GLY E 57 -7.09 -44.50 -49.19
N LEU E 58 -7.23 -44.83 -47.91
CA LEU E 58 -8.37 -45.59 -47.43
C LEU E 58 -8.60 -45.22 -45.97
N GLY E 59 -9.84 -45.36 -45.52
CA GLY E 59 -10.13 -45.03 -44.13
C GLY E 59 -11.52 -45.47 -43.72
N LYS E 60 -11.77 -45.35 -42.41
CA LYS E 60 -13.05 -45.69 -41.79
C LYS E 60 -13.57 -44.44 -41.07
N PRO E 61 -14.42 -43.66 -41.73
CA PRO E 61 -14.82 -42.35 -41.15
C PRO E 61 -15.47 -42.43 -39.77
N PHE E 62 -16.26 -43.47 -39.51
CA PHE E 62 -16.98 -43.54 -38.24
C PHE E 62 -16.08 -43.99 -37.08
N GLU E 63 -14.84 -44.38 -37.35
CA GLU E 63 -13.89 -44.67 -36.29
C GLU E 63 -12.75 -43.66 -36.22
N GLY E 64 -12.65 -42.76 -37.19
CA GLY E 64 -11.62 -41.74 -37.14
C GLY E 64 -10.23 -42.20 -37.53
N LYS E 65 -10.14 -43.27 -38.30
CA LYS E 65 -8.83 -43.75 -38.80
C LYS E 65 -8.73 -43.64 -40.33
N GLN E 66 -7.54 -43.39 -40.86
CA GLN E 66 -7.29 -43.32 -42.30
C GLN E 66 -5.81 -43.54 -42.55
N SER E 67 -5.49 -43.93 -43.78
CA SER E 67 -4.12 -44.08 -44.21
C SER E 67 -4.06 -43.86 -45.71
N MET E 68 -2.87 -43.48 -46.19
CA MET E 68 -2.71 -43.16 -47.59
C MET E 68 -1.25 -43.32 -47.97
N ASP E 69 -1.01 -43.51 -49.26
CA ASP E 69 0.33 -43.57 -49.82
C ASP E 69 0.51 -42.40 -50.77
N LEU E 70 1.55 -41.61 -50.55
CA LEU E 70 1.79 -40.40 -51.30
C LEU E 70 3.04 -40.56 -52.16
N LYS E 71 2.98 -40.02 -53.38
CA LYS E 71 4.11 -40.05 -54.30
C LYS E 71 4.38 -38.64 -54.80
N VAL E 72 5.64 -38.23 -54.76
CA VAL E 72 6.04 -36.93 -55.27
C VAL E 72 6.10 -37.02 -56.80
N LYS E 73 5.32 -36.16 -57.47
CA LYS E 73 5.27 -36.16 -58.93
C LYS E 73 6.17 -35.11 -59.56
N GLU E 74 6.27 -33.93 -58.94
CA GLU E 74 7.10 -32.85 -59.46
C GLU E 74 7.86 -32.20 -58.30
N GLY E 75 9.01 -31.62 -58.62
CA GLY E 75 9.79 -30.90 -57.64
C GLY E 75 10.67 -31.75 -56.75
N GLY E 76 10.76 -33.05 -57.00
CA GLY E 76 11.60 -33.91 -56.21
C GLY E 76 13.06 -33.84 -56.60
N PRO E 77 13.97 -34.15 -55.65
CA PRO E 77 13.61 -34.44 -54.27
C PRO E 77 13.25 -33.17 -53.52
N LEU E 78 12.19 -33.21 -52.71
CA LEU E 78 11.74 -32.01 -52.03
C LEU E 78 12.78 -31.56 -51.05
N PRO E 79 13.17 -30.23 -51.07
CA PRO E 79 14.21 -29.74 -50.19
C PRO E 79 13.74 -29.28 -48.81
N PHE E 80 12.52 -29.59 -48.41
CA PHE E 80 12.00 -29.17 -47.12
C PHE E 80 11.48 -30.38 -46.37
N ALA E 81 11.27 -30.18 -45.07
CA ALA E 81 10.77 -31.26 -44.23
C ALA E 81 9.38 -31.66 -44.68
N TYR E 82 9.21 -32.94 -45.00
CA TYR E 82 7.91 -33.44 -45.44
C TYR E 82 6.84 -33.22 -44.39
N ASP E 83 7.24 -33.03 -43.13
CA ASP E 83 6.28 -32.88 -42.05
C ASP E 83 5.36 -31.68 -42.22
N ILE E 84 5.76 -30.69 -43.01
CA ILE E 84 4.94 -29.50 -43.20
C ILE E 84 3.68 -29.80 -44.02
N LEU E 85 3.66 -30.91 -44.75
CA LEU E 85 2.55 -31.21 -45.64
C LEU E 85 1.46 -32.08 -45.04
N THR E 86 1.76 -32.90 -44.03
CA THR E 86 0.90 -34.05 -43.72
C THR E 86 -0.48 -33.64 -43.22
N THR E 87 -0.57 -32.60 -42.38
CA THR E 87 -1.90 -32.20 -41.92
C THR E 87 -2.75 -31.62 -43.05
N VAL E 88 -2.14 -31.30 -44.18
CA VAL E 88 -2.92 -30.88 -45.34
C VAL E 88 -3.45 -32.09 -46.10
N PHE E 89 -2.70 -33.19 -46.12
CA PHE E 89 -3.18 -34.44 -46.70
C PHE E 89 -4.26 -35.06 -45.82
N1 GYC E 90 -3.95 -34.91 -44.42
SG1 GYC E 90 -3.92 -37.93 -43.68
CB1 GYC E 90 -4.37 -36.52 -42.63
CA1 GYC E 90 -4.98 -35.42 -43.50
C1 GYC E 90 -5.52 -34.29 -42.64
N2 GYC E 90 -5.31 -34.13 -41.37
N3 GYC E 90 -6.32 -33.30 -43.15
C2 GYC E 90 -6.64 -32.46 -42.13
O2 GYC E 90 -7.33 -31.47 -42.19
CA2 GYC E 90 -5.97 -33.01 -40.94
CA3 GYC E 90 -6.76 -33.17 -44.53
CB2 GYC E 90 -6.04 -32.44 -39.68
CG2 GYC E 90 -5.07 -32.58 -38.58
CD1 GYC E 90 -4.99 -31.57 -37.62
CD2 GYC E 90 -4.23 -33.70 -38.45
CE1 GYC E 90 -4.10 -31.66 -36.58
CE2 GYC E 90 -3.35 -33.79 -37.41
CZ GYC E 90 -3.27 -32.76 -36.47
OH GYC E 90 -2.40 -32.86 -35.43
C3 GYC E 90 -8.26 -33.10 -44.63
O3 GYC E 90 -8.77 -32.53 -45.56
N ASN E 91 -8.92 -33.98 -43.72
CA ASN E 91 -10.34 -34.24 -43.94
C ASN E 91 -11.00 -34.70 -42.65
N ARG E 92 -11.73 -33.80 -42.00
CA ARG E 92 -12.31 -34.09 -40.70
C ARG E 92 -13.53 -34.99 -40.77
N VAL E 93 -13.92 -35.46 -41.96
CA VAL E 93 -14.91 -36.53 -42.02
C VAL E 93 -14.34 -37.81 -41.41
N PHE E 94 -13.01 -37.94 -41.40
CA PHE E 94 -12.34 -39.08 -40.75
C PHE E 94 -12.05 -38.75 -39.28
N ALA E 95 -13.13 -38.54 -38.53
CA ALA E 95 -13.06 -38.30 -37.10
C ALA E 95 -14.28 -38.92 -36.45
N LYS E 96 -14.07 -39.66 -35.36
CA LYS E 96 -15.19 -40.31 -34.68
C LYS E 96 -15.91 -39.28 -33.83
N TYR E 97 -17.13 -38.93 -34.24
CA TYR E 97 -17.97 -37.96 -33.54
C TYR E 97 -18.97 -38.68 -32.67
N PRO E 98 -19.06 -38.32 -31.38
CA PRO E 98 -20.10 -38.90 -30.53
C PRO E 98 -21.48 -38.38 -30.90
N GLU E 99 -22.49 -39.06 -30.37
CA GLU E 99 -23.87 -38.76 -30.75
C GLU E 99 -24.29 -37.35 -30.34
N ASN E 100 -23.75 -36.84 -29.24
CA ASN E 100 -24.19 -35.57 -28.68
C ASN E 100 -23.47 -34.36 -29.27
N ILE E 101 -22.68 -34.55 -30.32
CA ILE E 101 -21.98 -33.45 -30.99
C ILE E 101 -22.34 -33.50 -32.47
N VAL E 102 -22.85 -32.38 -33.00
CA VAL E 102 -23.22 -32.31 -34.40
C VAL E 102 -22.00 -32.51 -35.28
N ASP E 103 -22.14 -33.36 -36.29
CA ASP E 103 -21.07 -33.69 -37.22
C ASP E 103 -21.24 -32.80 -38.46
N TYR E 104 -20.47 -31.70 -38.49
CA TYR E 104 -20.55 -30.77 -39.62
C TYR E 104 -20.10 -31.44 -40.92
N PHE E 105 -19.10 -32.31 -40.83
CA PHE E 105 -18.45 -32.82 -42.03
C PHE E 105 -19.23 -33.97 -42.66
N LYS E 106 -19.65 -34.94 -41.85
CA LYS E 106 -20.48 -36.01 -42.40
C LYS E 106 -21.81 -35.49 -42.92
N GLN E 107 -22.31 -34.39 -42.33
CA GLN E 107 -23.52 -33.75 -42.86
C GLN E 107 -23.27 -33.13 -44.23
N SER E 108 -22.02 -32.77 -44.53
CA SER E 108 -21.69 -32.00 -45.71
C SER E 108 -21.71 -32.81 -47.01
N PHE E 109 -21.92 -34.11 -46.94
CA PHE E 109 -21.87 -34.98 -48.11
C PHE E 109 -23.26 -35.45 -48.48
N PRO E 110 -23.49 -35.83 -49.75
CA PRO E 110 -22.54 -36.07 -50.86
C PRO E 110 -21.98 -34.82 -51.53
N GLU E 111 -22.54 -33.65 -51.24
CA GLU E 111 -22.07 -32.43 -51.90
C GLU E 111 -20.62 -32.13 -51.55
N GLY E 112 -20.25 -32.31 -50.29
CA GLY E 112 -18.89 -32.09 -49.85
C GLY E 112 -18.70 -30.75 -49.18
N TYR E 113 -17.43 -30.42 -48.97
CA TYR E 113 -17.07 -29.16 -48.32
C TYR E 113 -15.64 -28.80 -48.72
N SER E 114 -15.24 -27.60 -48.36
CA SER E 114 -13.89 -27.11 -48.60
C SER E 114 -13.36 -26.47 -47.33
N TRP E 115 -12.03 -26.37 -47.25
CA TRP E 115 -11.42 -25.65 -46.13
C TRP E 115 -10.20 -24.88 -46.58
N GLU E 116 -9.91 -23.81 -45.85
CA GLU E 116 -8.71 -23.02 -46.01
C GLU E 116 -8.00 -22.94 -44.66
N ARG E 117 -6.66 -22.90 -44.71
CA ARG E 117 -5.87 -22.99 -43.49
C ARG E 117 -4.58 -22.18 -43.63
N SER E 118 -4.22 -21.50 -42.56
N SER E 118 -4.23 -21.47 -42.57
CA SER E 118 -2.93 -20.85 -42.41
CA SER E 118 -2.92 -20.86 -42.44
C SER E 118 -2.16 -21.54 -41.30
C SER E 118 -2.17 -21.56 -41.32
N MET E 119 -0.89 -21.84 -41.51
CA MET E 119 -0.05 -22.52 -40.53
C MET E 119 1.17 -21.67 -40.25
N ASN E 120 1.15 -21.00 -39.11
CA ASN E 120 2.14 -19.98 -38.75
C ASN E 120 3.16 -20.58 -37.80
N TYR E 121 4.37 -20.80 -38.31
CA TYR E 121 5.46 -21.34 -37.49
C TYR E 121 6.14 -20.23 -36.72
N GLU E 122 6.70 -20.59 -35.56
CA GLU E 122 7.20 -19.60 -34.60
C GLU E 122 8.43 -18.85 -35.10
N ASP E 123 9.15 -19.37 -36.10
CA ASP E 123 10.30 -18.67 -36.64
C ASP E 123 9.95 -17.82 -37.87
N GLY E 124 8.66 -17.57 -38.09
CA GLY E 124 8.23 -16.72 -39.18
C GLY E 124 7.76 -17.47 -40.41
N GLY E 125 8.13 -18.74 -40.53
CA GLY E 125 7.61 -19.54 -41.63
C GLY E 125 6.11 -19.66 -41.56
N ILE E 126 5.46 -19.55 -42.72
CA ILE E 126 4.01 -19.54 -42.81
C ILE E 126 3.59 -20.27 -44.08
N CYS E 127 2.65 -21.21 -43.95
CA CYS E 127 2.11 -21.97 -45.07
C CYS E 127 0.61 -21.73 -45.17
N ASN E 128 0.14 -21.46 -46.39
CA ASN E 128 -1.29 -21.37 -46.67
C ASN E 128 -1.71 -22.56 -47.51
N ALA E 129 -2.85 -23.17 -47.16
CA ALA E 129 -3.32 -24.35 -47.86
C ALA E 129 -4.84 -24.31 -48.00
N THR E 130 -5.32 -24.92 -49.09
CA THR E 130 -6.75 -25.07 -49.35
C THR E 130 -7.00 -26.50 -49.81
N ASN E 131 -8.22 -26.97 -49.56
CA ASN E 131 -8.63 -28.29 -50.04
C ASN E 131 -10.10 -28.23 -50.42
N ASP E 132 -10.38 -28.57 -51.68
CA ASP E 132 -11.75 -28.70 -52.17
C ASP E 132 -12.04 -30.19 -52.21
N ILE E 133 -12.93 -30.66 -51.34
CA ILE E 133 -13.19 -32.08 -51.16
C ILE E 133 -14.53 -32.41 -51.81
N THR E 134 -14.52 -33.36 -52.74
CA THR E 134 -15.71 -33.88 -53.37
C THR E 134 -15.79 -35.38 -53.12
N LEU E 135 -16.89 -35.98 -53.56
CA LEU E 135 -17.12 -37.40 -53.39
C LEU E 135 -17.55 -38.00 -54.71
N ASP E 136 -16.89 -39.08 -55.11
CA ASP E 136 -17.23 -39.83 -56.33
C ASP E 136 -17.46 -41.27 -55.90
N GLY E 137 -18.72 -41.65 -55.78
CA GLY E 137 -19.03 -42.96 -55.27
C GLY E 137 -18.62 -43.13 -53.83
N ASP E 138 -17.58 -43.92 -53.60
CA ASP E 138 -17.03 -44.09 -52.26
C ASP E 138 -15.63 -43.52 -52.09
N CYS E 139 -15.20 -42.66 -53.02
CA CYS E 139 -13.84 -42.13 -52.98
C CYS E 139 -13.93 -40.63 -52.77
N TYR E 140 -13.24 -40.14 -51.75
CA TYR E 140 -13.08 -38.71 -51.55
C TYR E 140 -11.96 -38.22 -52.47
N ILE E 141 -12.22 -37.12 -53.15
CA ILE E 141 -11.26 -36.52 -54.07
C ILE E 141 -10.88 -35.16 -53.51
N TYR E 142 -9.58 -34.94 -53.33
CA TYR E 142 -9.08 -33.67 -52.81
C TYR E 142 -8.38 -32.92 -53.93
N GLU E 143 -8.69 -31.62 -54.05
CA GLU E 143 -7.92 -30.70 -54.87
C GLU E 143 -7.26 -29.73 -53.91
N ILE E 144 -5.94 -29.84 -53.77
CA ILE E 144 -5.19 -29.18 -52.71
C ILE E 144 -4.20 -28.21 -53.31
N ARG E 145 -4.11 -27.02 -52.71
CA ARG E 145 -3.08 -26.03 -53.00
C ARG E 145 -2.33 -25.75 -51.71
N PHE E 146 -1.00 -25.64 -51.82
CA PHE E 146 -0.12 -25.46 -50.66
C PHE E 146 0.93 -24.42 -51.00
N ASP E 147 1.09 -23.41 -50.15
CA ASP E 147 2.07 -22.35 -50.42
C ASP E 147 2.72 -21.92 -49.11
N GLY E 148 4.01 -22.18 -48.99
CA GLY E 148 4.78 -21.81 -47.81
C GLY E 148 5.83 -20.77 -48.16
N VAL E 149 6.05 -19.84 -47.25
CA VAL E 149 6.94 -18.72 -47.48
C VAL E 149 7.79 -18.47 -46.24
N ASN E 150 8.92 -17.79 -46.46
CA ASN E 150 9.72 -17.22 -45.38
C ASN E 150 10.26 -18.26 -44.42
N PHE E 151 10.53 -19.48 -44.87
CA PHE E 151 11.20 -20.44 -44.00
C PHE E 151 12.70 -20.18 -44.03
N PRO E 152 13.32 -19.90 -42.88
CA PRO E 152 14.76 -19.57 -42.89
C PRO E 152 15.57 -20.78 -43.35
N ALA E 153 16.63 -20.48 -44.10
CA ALA E 153 17.48 -21.54 -44.63
C ALA E 153 18.14 -22.36 -43.54
N ASN E 154 18.34 -21.78 -42.36
CA ASN E 154 18.95 -22.47 -41.24
C ASN E 154 17.91 -23.10 -40.29
N GLY E 155 16.62 -22.94 -40.59
CA GLY E 155 15.59 -23.47 -39.73
C GLY E 155 15.41 -24.96 -39.90
N PRO E 156 14.67 -25.56 -38.97
CA PRO E 156 14.49 -27.02 -39.00
C PRO E 156 13.73 -27.52 -40.21
N VAL E 157 12.93 -26.67 -40.86
CA VAL E 157 12.18 -27.12 -42.03
C VAL E 157 13.11 -27.27 -43.23
N MET E 158 13.85 -26.22 -43.55
CA MET E 158 14.77 -26.29 -44.68
C MET E 158 15.92 -27.23 -44.40
N GLN E 159 16.41 -27.24 -43.16
CA GLN E 159 17.46 -28.19 -42.82
C GLN E 159 16.95 -29.62 -42.75
N LYS E 160 15.64 -29.84 -42.62
CA LYS E 160 15.04 -31.17 -42.50
C LYS E 160 15.49 -31.86 -41.22
N ARG E 161 15.25 -31.19 -40.10
CA ARG E 161 15.59 -31.70 -38.78
C ARG E 161 14.35 -32.07 -37.96
N THR E 162 13.20 -32.23 -38.60
CA THR E 162 11.97 -32.59 -37.93
C THR E 162 11.81 -34.11 -37.83
N VAL E 163 11.14 -34.54 -36.76
CA VAL E 163 10.88 -35.96 -36.49
C VAL E 163 9.42 -36.31 -36.75
N LYS E 164 8.50 -35.66 -36.04
CA LYS E 164 7.09 -35.99 -36.15
C LYS E 164 6.28 -34.87 -35.50
N TRP E 165 5.02 -34.77 -35.92
CA TRP E 165 4.06 -33.96 -35.18
C TRP E 165 3.69 -34.66 -33.88
N GLU E 166 3.57 -33.88 -32.81
CA GLU E 166 3.00 -34.41 -31.60
C GLU E 166 1.49 -34.58 -31.79
N PRO E 167 0.84 -35.40 -30.96
CA PRO E 167 -0.62 -35.38 -30.94
C PRO E 167 -1.13 -33.99 -30.58
N SER E 168 -2.37 -33.71 -30.97
CA SER E 168 -2.92 -32.38 -30.78
C SER E 168 -4.41 -32.47 -30.51
N THR E 169 -4.96 -31.34 -30.05
CA THR E 169 -6.39 -31.20 -29.80
C THR E 169 -6.88 -29.96 -30.50
N GLU E 170 -7.78 -30.12 -31.47
CA GLU E 170 -8.31 -29.02 -32.21
C GLU E 170 -9.55 -28.45 -31.55
N LYS E 171 -9.64 -27.13 -31.55
CA LYS E 171 -10.78 -26.43 -31.00
C LYS E 171 -11.65 -25.92 -32.14
N LEU E 172 -12.92 -26.28 -32.15
CA LEU E 172 -13.80 -25.87 -33.22
C LEU E 172 -14.93 -25.10 -32.71
N TYR E 173 -15.35 -24.13 -33.46
CA TYR E 173 -16.36 -23.17 -33.02
C TYR E 173 -16.96 -22.47 -34.23
N VAL E 174 -18.19 -22.00 -34.07
CA VAL E 174 -18.90 -21.31 -35.14
C VAL E 174 -18.56 -19.83 -35.09
N ARG E 175 -18.32 -19.24 -36.26
CA ARG E 175 -18.16 -17.80 -36.39
C ARG E 175 -18.72 -17.37 -37.73
N ASP E 176 -19.51 -16.34 -37.65
CA ASP E 176 -20.06 -15.90 -38.92
CA ASP E 176 -20.07 -15.97 -38.97
C ASP E 176 -20.81 -17.05 -39.84
N GLY E 177 -21.60 -17.90 -39.16
CA GLY E 177 -22.16 -18.98 -39.96
C GLY E 177 -21.14 -19.97 -40.48
N VAL E 178 -19.87 -19.82 -40.08
CA VAL E 178 -18.79 -20.68 -40.54
C VAL E 178 -18.27 -21.50 -39.37
N LEU E 179 -17.70 -22.66 -39.70
CA LEU E 179 -17.02 -23.50 -38.73
C LEU E 179 -15.52 -23.23 -38.80
N LYS E 180 -14.92 -22.94 -37.65
CA LYS E 180 -13.51 -22.60 -37.55
C LYS E 180 -12.74 -23.67 -36.79
N GLY E 181 -11.44 -23.74 -37.06
CA GLY E 181 -10.59 -24.70 -36.38
C GLY E 181 -9.20 -24.18 -36.05
N ASP E 182 -8.84 -24.19 -34.77
CA ASP E 182 -7.53 -23.75 -34.32
C ASP E 182 -6.83 -24.87 -33.55
N VAL E 183 -5.53 -25.01 -33.80
CA VAL E 183 -4.68 -25.97 -33.08
C VAL E 183 -3.33 -25.30 -32.80
N ASN E 184 -2.82 -25.52 -31.59
CA ASN E 184 -1.43 -25.17 -31.29
C ASN E 184 -0.59 -26.42 -31.54
N GLU E 185 -0.15 -26.55 -32.73
CA GLU E 185 0.75 -27.67 -33.03
CA GLU E 185 0.73 -27.65 -33.12
C GLU E 185 2.31 -27.50 -32.61
N ALA E 186 2.96 -28.61 -32.69
CA ALA E 186 4.38 -28.60 -32.37
C ALA E 186 5.03 -29.78 -33.09
N LEU E 187 6.18 -29.53 -33.73
CA LEU E 187 6.97 -30.57 -34.36
C LEU E 187 8.12 -30.95 -33.45
N SER E 188 8.24 -32.25 -33.15
CA SER E 188 9.41 -32.73 -32.43
C SER E 188 10.61 -32.72 -33.36
N LEU E 189 11.76 -32.35 -32.81
CA LEU E 189 12.97 -32.28 -33.61
C LEU E 189 13.89 -33.42 -33.19
N GLU E 190 14.86 -33.78 -34.05
CA GLU E 190 15.75 -34.91 -33.79
C GLU E 190 16.71 -34.63 -32.63
N GLY E 191 16.53 -33.51 -31.89
CA GLY E 191 17.41 -33.24 -30.76
C GLY E 191 16.57 -33.03 -29.51
N GLY E 192 15.31 -33.48 -29.55
CA GLY E 192 14.43 -33.36 -28.41
C GLY E 192 13.49 -32.17 -28.39
N GLY E 193 13.95 -31.02 -28.86
CA GLY E 193 13.16 -29.81 -28.82
C GLY E 193 11.89 -29.85 -29.66
N HIS E 194 11.11 -28.78 -29.61
CA HIS E 194 9.84 -28.71 -30.32
C HIS E 194 9.77 -27.39 -31.06
N TYR E 195 9.11 -27.42 -32.22
CA TYR E 195 9.03 -26.30 -33.15
C TYR E 195 7.55 -26.00 -33.38
N ARG E 196 7.04 -24.97 -32.73
CA ARG E 196 5.60 -24.78 -32.65
C ARG E 196 5.05 -24.14 -33.93
N CYS E 197 3.80 -24.49 -34.24
CA CYS E 197 3.07 -23.99 -35.39
C CYS E 197 1.63 -23.72 -34.98
N ASP E 198 1.10 -22.58 -35.38
CA ASP E 198 -0.27 -22.21 -35.06
C ASP E 198 -1.18 -22.53 -36.24
N PHE E 199 -2.10 -23.44 -36.01
CA PHE E 199 -3.11 -23.71 -37.01
CA PHE E 199 -3.06 -23.75 -37.03
C PHE E 199 -4.52 -22.92 -36.94
N LYS E 200 -4.84 -22.38 -38.10
CA LYS E 200 -6.08 -21.69 -38.24
C LYS E 200 -6.80 -22.18 -39.52
N THR E 201 -7.95 -22.82 -39.35
CA THR E 201 -8.66 -23.41 -40.48
C THR E 201 -10.11 -22.95 -40.49
N THR E 202 -10.62 -22.72 -41.70
CA THR E 202 -12.01 -22.35 -41.94
C THR E 202 -12.66 -23.46 -42.76
N TYR E 203 -13.70 -24.07 -42.21
CA TYR E 203 -14.43 -25.15 -42.89
C TYR E 203 -15.73 -24.61 -43.46
N LYS E 204 -16.02 -24.94 -44.72
CA LYS E 204 -17.20 -24.44 -45.42
C LYS E 204 -17.90 -25.59 -46.16
N ALA E 205 -19.03 -26.04 -45.62
CA ALA E 205 -19.91 -26.99 -46.30
C ALA E 205 -20.50 -26.35 -47.57
N LYS E 206 -20.65 -27.21 -48.55
CA LYS E 206 -21.12 -26.76 -49.84
C LYS E 206 -22.60 -26.47 -49.84
N LYS E 207 -23.29 -27.00 -48.85
CA LYS E 207 -24.70 -26.78 -48.67
C LYS E 207 -24.91 -26.32 -47.23
N VAL E 208 -26.11 -25.88 -46.94
CA VAL E 208 -26.41 -25.41 -45.64
C VAL E 208 -26.61 -26.58 -44.76
N VAL E 209 -25.87 -26.68 -43.66
CA VAL E 209 -26.03 -27.84 -42.80
C VAL E 209 -26.11 -27.30 -41.38
N GLN E 210 -26.44 -28.19 -40.45
CA GLN E 210 -26.54 -27.82 -39.04
C GLN E 210 -25.16 -27.48 -38.50
N LEU E 211 -25.08 -26.45 -37.67
CA LEU E 211 -23.80 -26.05 -37.10
C LEU E 211 -23.64 -26.62 -35.69
N PRO E 212 -22.45 -27.10 -35.36
CA PRO E 212 -22.22 -27.66 -34.03
C PRO E 212 -21.85 -26.59 -33.02
N ASP E 213 -21.97 -26.96 -31.74
CA ASP E 213 -21.46 -26.10 -30.69
C ASP E 213 -19.96 -26.30 -30.51
N TYR E 214 -19.37 -25.43 -29.69
CA TYR E 214 -17.95 -25.53 -29.38
C TYR E 214 -17.58 -26.92 -28.89
N HIS E 215 -16.57 -27.51 -29.52
CA HIS E 215 -16.13 -28.86 -29.19
C HIS E 215 -14.68 -29.02 -29.60
N PHE E 216 -14.17 -30.24 -29.44
CA PHE E 216 -12.76 -30.53 -29.65
C PHE E 216 -12.60 -31.76 -30.54
N VAL E 217 -11.42 -31.87 -31.15
CA VAL E 217 -11.03 -33.06 -31.91
C VAL E 217 -9.59 -33.40 -31.56
N ASP E 218 -9.37 -34.56 -30.97
CA ASP E 218 -8.03 -35.05 -30.72
C ASP E 218 -7.43 -35.61 -32.00
N HIS E 219 -6.15 -35.34 -32.21
CA HIS E 219 -5.46 -35.77 -33.43
C HIS E 219 -4.21 -36.56 -33.08
N HIS E 220 -3.84 -37.46 -33.97
CA HIS E 220 -2.50 -38.06 -33.96
C HIS E 220 -2.18 -38.45 -35.40
N ILE E 221 -1.29 -37.69 -36.03
CA ILE E 221 -0.86 -37.94 -37.40
C ILE E 221 0.56 -38.51 -37.33
N GLU E 222 0.81 -39.55 -38.11
CA GLU E 222 2.09 -40.25 -38.08
C GLU E 222 2.47 -40.68 -39.48
N ILE E 223 3.71 -40.41 -39.87
CA ILE E 223 4.31 -41.01 -41.06
C ILE E 223 4.82 -42.38 -40.66
N LYS E 224 4.16 -43.43 -41.13
CA LYS E 224 4.53 -44.79 -40.74
C LYS E 224 5.60 -45.39 -41.64
N SER E 225 5.80 -44.87 -42.85
CA SER E 225 6.84 -45.36 -43.73
C SER E 225 7.16 -44.30 -44.78
N HIS E 226 8.40 -44.32 -45.24
CA HIS E 226 8.84 -43.43 -46.32
C HIS E 226 10.16 -43.94 -46.86
N ASP E 227 10.46 -43.58 -48.10
CA ASP E 227 11.78 -43.85 -48.66
C ASP E 227 12.71 -42.70 -48.28
N LYS E 228 13.97 -42.79 -48.71
CA LYS E 228 15.00 -41.91 -48.19
C LYS E 228 14.66 -40.44 -48.43
N ASP E 229 14.47 -40.05 -49.70
CA ASP E 229 14.16 -38.66 -50.02
C ASP E 229 12.67 -38.36 -49.99
N TYR E 230 11.88 -39.23 -49.36
CA TYR E 230 10.45 -39.00 -49.14
C TYR E 230 9.66 -38.94 -50.46
N SER E 231 10.17 -39.59 -51.50
CA SER E 231 9.40 -39.70 -52.73
C SER E 231 8.14 -40.56 -52.53
N ASN E 232 8.18 -41.48 -51.58
CA ASN E 232 7.04 -42.31 -51.22
C ASN E 232 6.81 -42.15 -49.73
N VAL E 233 5.55 -41.91 -49.34
CA VAL E 233 5.20 -41.68 -47.94
C VAL E 233 3.89 -42.40 -47.64
N ASN E 234 3.86 -43.07 -46.53
CA ASN E 234 2.68 -43.75 -46.08
C ASN E 234 2.23 -43.02 -44.80
N LEU E 235 1.08 -42.36 -44.87
CA LEU E 235 0.65 -41.43 -43.84
C LEU E 235 -0.62 -41.92 -43.18
N HIS E 236 -0.68 -41.88 -41.86
CA HIS E 236 -1.84 -42.29 -41.14
C HIS E 236 -2.28 -41.15 -40.20
N GLU E 237 -3.54 -41.14 -39.82
CA GLU E 237 -4.13 -40.20 -38.86
C GLU E 237 -5.24 -40.82 -38.09
N HIS E 238 -5.29 -40.68 -36.76
CA HIS E 238 -6.39 -41.09 -35.91
C HIS E 238 -7.03 -39.81 -35.30
N ALA E 239 -8.36 -39.70 -35.33
CA ALA E 239 -9.06 -38.54 -34.80
C ALA E 239 -10.41 -38.90 -34.15
N GLU E 240 -10.68 -38.25 -33.03
CA GLU E 240 -11.88 -38.46 -32.23
C GLU E 240 -12.33 -37.12 -31.54
N ALA E 241 -13.56 -36.69 -31.78
CA ALA E 241 -14.18 -35.49 -31.25
C ALA E 241 -14.65 -35.75 -29.82
N HIS E 242 -14.65 -34.69 -29.02
CA HIS E 242 -15.11 -34.77 -27.64
C HIS E 242 -15.46 -33.36 -27.20
N SER E 243 -16.18 -33.29 -26.08
CA SER E 243 -16.67 -32.02 -25.56
C SER E 243 -15.74 -31.41 -24.51
N GLY E 244 -14.61 -32.05 -24.23
CA GLY E 244 -13.70 -31.55 -23.21
C GLY E 244 -13.98 -32.14 -21.85
N LEU E 245 -13.28 -31.57 -20.86
CA LEU E 245 -13.38 -32.04 -19.49
C LEU E 245 -14.82 -31.93 -19.00
N PRO E 246 -15.44 -33.04 -18.57
CA PRO E 246 -16.86 -33.06 -18.18
C PRO E 246 -17.10 -32.41 -16.82
N LYS F 33 -21.94 -19.58 21.06
CA LYS F 33 -21.79 -21.00 21.36
C LYS F 33 -20.67 -21.22 22.38
N PRO F 34 -20.71 -22.35 23.10
CA PRO F 34 -19.63 -22.63 24.07
C PRO F 34 -18.24 -22.68 23.47
N ASP F 35 -18.12 -22.96 22.16
CA ASP F 35 -16.82 -23.00 21.48
C ASP F 35 -16.88 -22.07 20.29
N MET F 36 -16.02 -21.06 20.29
CA MET F 36 -16.00 -20.06 19.22
C MET F 36 -14.60 -19.96 18.63
N LYS F 37 -14.54 -19.46 17.41
CA LYS F 37 -13.29 -19.27 16.68
C LYS F 37 -12.95 -17.79 16.58
N ILE F 38 -11.69 -17.52 16.25
CA ILE F 38 -11.17 -16.16 16.14
C ILE F 38 -10.33 -16.06 14.89
N LYS F 39 -10.48 -14.95 14.16
CA LYS F 39 -9.63 -14.62 13.02
C LYS F 39 -9.38 -13.12 13.06
N LEU F 40 -8.14 -12.71 12.88
CA LEU F 40 -7.80 -11.30 13.05
C LEU F 40 -6.70 -10.89 12.09
N ARG F 41 -6.63 -9.59 11.84
CA ARG F 41 -5.50 -8.97 11.17
C ARG F 41 -5.21 -7.65 11.85
N MET F 42 -3.98 -7.45 12.28
CA MET F 42 -3.54 -6.18 12.84
C MET F 42 -2.57 -5.52 11.86
N GLU F 43 -2.83 -4.26 11.54
CA GLU F 43 -1.91 -3.44 10.77
C GLU F 43 -1.49 -2.28 11.67
N GLY F 44 -0.19 -2.02 11.73
CA GLY F 44 0.24 -1.01 12.67
C GLY F 44 1.65 -0.53 12.45
N ALA F 45 2.10 0.28 13.41
CA ALA F 45 3.44 0.87 13.38
C ALA F 45 3.85 1.20 14.82
N VAL F 46 5.14 1.07 15.08
CA VAL F 46 5.73 1.47 16.36
C VAL F 46 6.93 2.36 16.07
N ASN F 47 6.90 3.59 16.59
CA ASN F 47 7.92 4.59 16.30
C ASN F 47 8.08 4.83 14.81
N GLY F 48 6.99 4.73 14.06
CA GLY F 48 6.99 5.00 12.64
C GLY F 48 7.39 3.83 11.76
N HIS F 49 7.63 2.65 12.33
CA HIS F 49 8.03 1.50 11.53
C HIS F 49 6.84 0.55 11.39
N PRO F 50 6.36 0.31 10.17
CA PRO F 50 5.10 -0.42 10.00
C PRO F 50 5.28 -1.93 10.05
N PHE F 51 4.20 -2.61 10.40
CA PHE F 51 4.19 -4.06 10.51
C PHE F 51 2.76 -4.54 10.37
N ALA F 52 2.61 -5.85 10.18
CA ALA F 52 1.30 -6.47 10.05
C ALA F 52 1.35 -7.88 10.62
N ILE F 53 0.29 -8.27 11.33
CA ILE F 53 0.21 -9.56 11.99
C ILE F 53 -1.19 -10.13 11.76
N GLU F 54 -1.25 -11.44 11.50
CA GLU F 54 -2.52 -12.15 11.37
C GLU F 54 -2.55 -13.26 12.41
N GLY F 55 -3.75 -13.63 12.82
CA GLY F 55 -3.91 -14.66 13.82
C GLY F 55 -5.19 -15.45 13.64
N VAL F 56 -5.15 -16.69 14.11
CA VAL F 56 -6.32 -17.57 14.18
C VAL F 56 -6.36 -18.14 15.58
N GLY F 57 -7.56 -18.32 16.12
CA GLY F 57 -7.65 -18.79 17.48
C GLY F 57 -8.99 -19.44 17.79
N LEU F 58 -9.16 -19.77 19.07
CA LEU F 58 -10.32 -20.47 19.57
C LEU F 58 -10.55 -20.02 21.01
N GLY F 59 -11.79 -20.13 21.47
CA GLY F 59 -12.06 -19.75 22.83
C GLY F 59 -13.42 -20.22 23.28
N LYS F 60 -13.65 -20.06 24.59
CA LYS F 60 -14.89 -20.46 25.26
C LYS F 60 -15.46 -19.22 25.93
N PRO F 61 -16.38 -18.51 25.27
CA PRO F 61 -16.85 -17.22 25.81
C PRO F 61 -17.41 -17.31 27.21
N PHE F 62 -18.12 -18.40 27.53
CA PHE F 62 -18.73 -18.55 28.84
C PHE F 62 -17.74 -18.97 29.93
N GLU F 63 -16.56 -19.47 29.54
CA GLU F 63 -15.51 -19.79 30.50
C GLU F 63 -14.49 -18.67 30.63
N GLY F 64 -14.52 -17.68 29.73
CA GLY F 64 -13.58 -16.58 29.79
C GLY F 64 -12.17 -16.94 29.41
N LYS F 65 -12.00 -17.93 28.54
CA LYS F 65 -10.68 -18.38 28.13
C LYS F 65 -10.58 -18.41 26.61
N GLN F 66 -9.40 -18.18 26.10
CA GLN F 66 -9.13 -18.18 24.67
C GLN F 66 -7.66 -18.36 24.41
N SER F 67 -7.34 -18.76 23.20
CA SER F 67 -5.96 -18.94 22.79
C SER F 67 -5.89 -18.71 21.28
N MET F 68 -4.70 -18.35 20.81
CA MET F 68 -4.56 -18.03 19.40
C MET F 68 -3.11 -18.15 18.99
N ASP F 69 -2.90 -18.34 17.69
CA ASP F 69 -1.59 -18.37 17.08
C ASP F 69 -1.47 -17.19 16.13
N LEU F 70 -0.41 -16.41 16.29
CA LEU F 70 -0.19 -15.19 15.52
C LEU F 70 1.08 -15.30 14.68
N LYS F 71 1.06 -14.69 13.50
CA LYS F 71 2.22 -14.66 12.64
C LYS F 71 2.51 -13.26 12.10
N VAL F 72 3.72 -12.80 12.23
CA VAL F 72 4.12 -11.51 11.68
C VAL F 72 4.18 -11.66 10.16
N LYS F 73 3.41 -10.84 9.46
CA LYS F 73 3.35 -10.88 8.00
C LYS F 73 4.26 -9.85 7.34
N GLU F 74 4.37 -8.66 7.93
CA GLU F 74 5.18 -7.59 7.41
C GLU F 74 5.92 -6.93 8.57
N GLY F 75 7.08 -6.36 8.28
CA GLY F 75 7.82 -5.64 9.30
C GLY F 75 8.68 -6.50 10.21
N GLY F 76 8.77 -7.80 9.96
CA GLY F 76 9.60 -8.66 10.76
C GLY F 76 11.06 -8.57 10.35
N PRO F 77 11.98 -8.87 11.29
CA PRO F 77 11.69 -9.16 12.69
C PRO F 77 11.28 -7.91 13.45
N LEU F 78 10.29 -8.03 14.31
CA LEU F 78 9.78 -6.87 15.02
C LEU F 78 10.87 -6.31 15.91
N PRO F 79 11.15 -4.98 15.83
CA PRO F 79 12.21 -4.41 16.65
C PRO F 79 11.77 -3.94 18.03
N PHE F 80 10.57 -4.30 18.46
CA PHE F 80 10.04 -3.87 19.75
C PHE F 80 9.51 -5.08 20.51
N ALA F 81 9.31 -4.88 21.81
CA ALA F 81 8.80 -5.95 22.67
C ALA F 81 7.40 -6.37 22.23
N TYR F 82 7.24 -7.66 21.94
CA TYR F 82 5.95 -8.18 21.49
C TYR F 82 4.86 -7.93 22.52
N ASP F 83 5.21 -7.81 23.80
CA ASP F 83 4.21 -7.74 24.85
C ASP F 83 3.30 -6.52 24.70
N ILE F 84 3.79 -5.44 24.09
CA ILE F 84 2.94 -4.25 23.96
C ILE F 84 1.72 -4.53 23.08
N LEU F 85 1.77 -5.61 22.28
CA LEU F 85 0.68 -5.91 21.35
C LEU F 85 -0.40 -6.81 21.95
N THR F 86 -0.07 -7.61 22.97
CA THR F 86 -0.88 -8.79 23.27
C THR F 86 -2.28 -8.45 23.78
N THR F 87 -2.43 -7.43 24.63
CA THR F 87 -3.78 -7.09 25.07
C THR F 87 -4.63 -6.51 23.95
N VAL F 88 -4.03 -6.16 22.81
CA VAL F 88 -4.84 -5.73 21.68
C VAL F 88 -5.37 -6.95 20.91
N PHE F 89 -4.60 -8.03 20.86
CA PHE F 89 -5.06 -9.28 20.29
C PHE F 89 -6.14 -9.91 21.17
N1 GYC F 90 -5.84 -9.82 22.57
SG1 GYC F 90 -5.72 -12.86 23.34
CB1 GYC F 90 -6.12 -11.44 24.39
CA1 GYC F 90 -6.81 -10.36 23.55
C1 GYC F 90 -7.32 -9.23 24.42
N2 GYC F 90 -7.07 -9.07 25.69
N3 GYC F 90 -8.12 -8.23 23.95
C2 GYC F 90 -8.40 -7.38 24.97
O2 GYC F 90 -9.09 -6.38 24.92
CA2 GYC F 90 -7.70 -7.93 26.13
CA3 GYC F 90 -8.58 -8.09 22.56
CB2 GYC F 90 -7.74 -7.36 27.38
CG2 GYC F 90 -6.76 -7.50 28.47
CD1 GYC F 90 -6.65 -6.46 29.40
CD2 GYC F 90 -5.99 -8.66 28.63
CE1 GYC F 90 -5.76 -6.55 30.43
CE2 GYC F 90 -5.10 -8.74 29.68
CZ GYC F 90 -4.98 -7.69 30.58
OH GYC F 90 -4.12 -7.78 31.62
C3 GYC F 90 -10.08 -8.00 22.47
O3 GYC F 90 -10.58 -7.42 21.54
N ASN F 91 -10.75 -8.92 23.34
CA ASN F 91 -12.16 -9.13 23.04
C ASN F 91 -12.86 -9.60 24.32
N ARG F 92 -13.60 -8.68 24.95
CA ARG F 92 -14.20 -8.98 26.25
C ARG F 92 -15.40 -9.91 26.16
N VAL F 93 -15.73 -10.45 24.99
CA VAL F 93 -16.68 -11.56 24.95
C VAL F 93 -16.10 -12.78 25.62
N PHE F 94 -14.76 -12.89 25.64
CA PHE F 94 -14.08 -13.99 26.31
C PHE F 94 -13.78 -13.61 27.77
N ALA F 95 -14.87 -13.41 28.51
CA ALA F 95 -14.82 -13.12 29.93
C ALA F 95 -16.04 -13.77 30.57
N LYS F 96 -15.81 -14.48 31.68
CA LYS F 96 -16.90 -15.17 32.36
C LYS F 96 -17.70 -14.17 33.18
N TYR F 97 -18.92 -13.89 32.73
CA TYR F 97 -19.79 -12.96 33.45
C TYR F 97 -20.80 -13.73 34.28
N PRO F 98 -20.91 -13.46 35.58
CA PRO F 98 -21.98 -14.07 36.37
C PRO F 98 -23.32 -13.47 36.01
N GLU F 99 -24.38 -14.15 36.46
CA GLU F 99 -25.74 -13.76 36.08
C GLU F 99 -26.10 -12.38 36.62
N ASN F 100 -25.55 -12.00 37.77
CA ASN F 100 -25.91 -10.74 38.41
C ASN F 100 -25.19 -9.53 37.82
N ILE F 101 -24.35 -9.71 36.82
CA ILE F 101 -23.68 -8.59 36.14
C ILE F 101 -24.07 -8.64 34.67
N VAL F 102 -24.65 -7.56 34.17
CA VAL F 102 -25.02 -7.44 32.80
C VAL F 102 -23.80 -7.62 31.91
N ASP F 103 -23.94 -8.41 30.86
CA ASP F 103 -22.86 -8.69 29.92
C ASP F 103 -23.06 -7.80 28.70
N TYR F 104 -22.33 -6.68 28.65
CA TYR F 104 -22.46 -5.74 27.55
C TYR F 104 -22.03 -6.36 26.23
N PHE F 105 -21.01 -7.22 26.27
CA PHE F 105 -20.36 -7.71 25.06
C PHE F 105 -21.12 -8.88 24.42
N LYS F 106 -21.50 -9.87 25.22
CA LYS F 106 -22.27 -10.97 24.67
C LYS F 106 -23.63 -10.49 24.15
N GLN F 107 -24.17 -9.42 24.73
CA GLN F 107 -25.41 -8.84 24.22
C GLN F 107 -25.22 -8.25 22.83
N SER F 108 -24.04 -7.70 22.55
CA SER F 108 -23.82 -6.91 21.34
C SER F 108 -23.87 -7.74 20.07
N PHE F 109 -23.88 -9.06 20.17
CA PHE F 109 -23.85 -9.90 18.98
C PHE F 109 -25.24 -10.36 18.62
N PRO F 110 -25.49 -10.70 17.34
CA PRO F 110 -24.54 -10.90 16.23
C PRO F 110 -23.97 -9.63 15.57
N GLU F 111 -24.52 -8.45 15.88
CA GLU F 111 -24.05 -7.23 15.22
C GLU F 111 -22.60 -6.93 15.58
N GLY F 112 -22.23 -7.16 16.84
CA GLY F 112 -20.86 -6.98 17.26
C GLY F 112 -20.64 -5.64 17.95
N TYR F 113 -19.37 -5.32 18.14
CA TYR F 113 -18.99 -4.08 18.80
C TYR F 113 -17.56 -3.73 18.37
N SER F 114 -17.16 -2.51 18.72
CA SER F 114 -15.82 -2.03 18.45
C SER F 114 -15.25 -1.41 19.72
N TRP F 115 -13.92 -1.29 19.78
CA TRP F 115 -13.34 -0.59 20.90
C TRP F 115 -12.13 0.22 20.45
N GLU F 116 -11.85 1.26 21.22
CA GLU F 116 -10.69 2.12 21.06
C GLU F 116 -9.93 2.11 22.37
N ARG F 117 -8.60 2.22 22.30
CA ARG F 117 -7.81 2.08 23.51
C ARG F 117 -6.55 2.93 23.42
N SER F 118 -6.24 3.61 24.52
N SER F 118 -6.24 3.61 24.52
CA SER F 118 -4.96 4.26 24.70
CA SER F 118 -4.96 4.26 24.71
C SER F 118 -4.16 3.50 25.75
C SER F 118 -4.16 3.52 25.78
N MET F 119 -2.87 3.32 25.51
CA MET F 119 -1.98 2.62 26.43
C MET F 119 -0.80 3.55 26.69
N ASN F 120 -0.82 4.19 27.86
CA ASN F 120 0.14 5.23 28.24
C ASN F 120 1.19 4.61 29.16
N TYR F 121 2.39 4.41 28.63
CA TYR F 121 3.48 3.84 29.42
C TYR F 121 4.19 4.92 30.23
N GLU F 122 4.76 4.50 31.37
CA GLU F 122 5.28 5.48 32.33
C GLU F 122 6.51 6.24 31.82
N ASP F 123 7.20 5.74 30.79
CA ASP F 123 8.33 6.49 30.23
C ASP F 123 7.93 7.32 29.01
N GLY F 124 6.63 7.53 28.77
CA GLY F 124 6.20 8.40 27.70
C GLY F 124 5.75 7.68 26.44
N GLY F 125 6.14 6.41 26.26
CA GLY F 125 5.62 5.66 25.14
C GLY F 125 4.11 5.53 25.23
N ILE F 126 3.50 5.63 24.07
CA ILE F 126 2.04 5.61 24.13
C ILE F 126 1.53 4.91 22.89
N CYS F 127 0.63 3.98 23.03
CA CYS F 127 0.09 3.18 21.95
C CYS F 127 -1.41 3.41 21.87
N ASN F 128 -1.89 3.67 20.66
CA ASN F 128 -3.32 3.78 20.37
C ASN F 128 -3.73 2.58 19.55
N ALA F 129 -4.88 1.99 19.87
CA ALA F 129 -5.35 0.80 19.17
C ALA F 129 -6.86 0.85 19.02
N THR F 130 -7.33 0.24 17.94
CA THR F 130 -8.75 0.06 17.68
C THR F 130 -8.99 -1.37 17.23
N ASN F 131 -10.19 -1.87 17.49
CA ASN F 131 -10.59 -3.19 17.04
C ASN F 131 -12.06 -3.14 16.67
N ASP F 132 -12.36 -3.49 15.43
CA ASP F 132 -13.74 -3.64 14.97
C ASP F 132 -14.03 -5.13 14.91
N ILE F 133 -14.93 -5.59 15.78
CA ILE F 133 -15.21 -7.00 15.96
C ILE F 133 -16.54 -7.34 15.31
N THR F 134 -16.52 -8.28 14.37
CA THR F 134 -17.73 -8.80 13.74
C THR F 134 -17.82 -10.30 13.97
N LEU F 135 -18.93 -10.90 13.54
CA LEU F 135 -19.15 -12.32 13.73
C LEU F 135 -19.60 -12.93 12.41
N ASP F 136 -18.91 -14.01 12.01
CA ASP F 136 -19.25 -14.77 10.80
C ASP F 136 -19.45 -16.22 11.22
N GLY F 137 -20.69 -16.65 11.36
CA GLY F 137 -20.99 -17.98 11.84
C GLY F 137 -20.57 -18.17 13.28
N ASP F 138 -19.52 -18.96 13.52
CA ASP F 138 -18.98 -19.18 14.84
C ASP F 138 -17.60 -18.56 15.02
N CYS F 139 -17.22 -17.63 14.15
CA CYS F 139 -15.89 -17.04 14.17
C CYS F 139 -16.00 -15.54 14.36
N TYR F 140 -15.32 -15.03 15.39
CA TYR F 140 -15.17 -13.59 15.55
C TYR F 140 -14.06 -13.11 14.62
N ILE F 141 -14.32 -11.98 13.96
CA ILE F 141 -13.36 -11.40 13.03
C ILE F 141 -12.94 -10.03 13.57
N TYR F 142 -11.65 -9.84 13.75
CA TYR F 142 -11.10 -8.60 14.26
C TYR F 142 -10.41 -7.83 13.13
N GLU F 143 -10.70 -6.53 13.05
CA GLU F 143 -9.94 -5.60 12.23
C GLU F 143 -9.24 -4.64 13.19
N ILE F 144 -7.92 -4.76 13.30
CA ILE F 144 -7.15 -4.10 14.34
C ILE F 144 -6.17 -3.11 13.73
N ARG F 145 -6.07 -1.93 14.34
CA ARG F 145 -5.05 -0.95 14.03
C ARG F 145 -4.27 -0.65 15.30
N PHE F 146 -2.95 -0.53 15.18
CA PHE F 146 -2.08 -0.34 16.34
C PHE F 146 -1.01 0.70 16.00
N ASP F 147 -0.85 1.72 16.84
CA ASP F 147 0.12 2.77 16.56
C ASP F 147 0.77 3.24 17.87
N GLY F 148 2.07 2.97 18.00
CA GLY F 148 2.83 3.39 19.17
C GLY F 148 3.93 4.37 18.78
N VAL F 149 4.16 5.37 19.64
CA VAL F 149 5.12 6.42 19.38
C VAL F 149 5.89 6.75 20.66
N ASN F 150 7.05 7.38 20.49
CA ASN F 150 7.82 7.97 21.58
C ASN F 150 8.35 6.92 22.56
N PHE F 151 8.60 5.71 22.08
CA PHE F 151 9.29 4.72 22.90
C PHE F 151 10.79 5.01 22.85
N PRO F 152 11.43 5.29 23.98
CA PRO F 152 12.85 5.63 23.94
C PRO F 152 13.70 4.45 23.50
N ALA F 153 14.80 4.77 22.82
CA ALA F 153 15.68 3.73 22.30
C ALA F 153 16.24 2.86 23.40
N ASN F 154 16.50 3.42 24.58
CA ASN F 154 17.10 2.69 25.68
C ASN F 154 16.07 2.12 26.65
N GLY F 155 14.79 2.17 26.30
CA GLY F 155 13.74 1.72 27.17
C GLY F 155 13.47 0.23 27.05
N PRO F 156 12.70 -0.33 27.98
CA PRO F 156 12.48 -1.78 27.98
C PRO F 156 11.73 -2.30 26.76
N VAL F 157 10.97 -1.46 26.08
CA VAL F 157 10.22 -1.91 24.89
C VAL F 157 11.16 -2.08 23.70
N MET F 158 11.91 -1.03 23.35
CA MET F 158 12.82 -1.13 22.21
C MET F 158 14.03 -2.00 22.50
N GLN F 159 14.41 -2.18 23.73
CA GLN F 159 15.49 -3.09 24.10
C GLN F 159 14.97 -4.53 24.28
N LYS F 160 13.67 -4.75 24.19
CA LYS F 160 13.05 -6.06 24.36
C LYS F 160 13.49 -6.72 25.67
N ARG F 161 13.24 -6.00 26.77
CA ARG F 161 13.54 -6.47 28.11
C ARG F 161 12.30 -6.80 28.92
N THR F 162 11.15 -6.99 28.26
CA THR F 162 9.93 -7.35 28.95
C THR F 162 9.81 -8.87 29.05
N VAL F 163 9.20 -9.33 30.13
CA VAL F 163 9.01 -10.75 30.39
C VAL F 163 7.56 -11.17 30.20
N LYS F 164 6.63 -10.45 30.84
CA LYS F 164 5.22 -10.76 30.75
C LYS F 164 4.41 -9.64 31.39
N TRP F 165 3.14 -9.57 31.01
CA TRP F 165 2.19 -8.77 31.78
C TRP F 165 1.85 -9.49 33.08
N GLU F 166 1.75 -8.73 34.16
CA GLU F 166 1.22 -9.29 35.39
C GLU F 166 -0.29 -9.49 35.24
N PRO F 167 -0.90 -10.31 36.09
CA PRO F 167 -2.37 -10.33 36.14
C PRO F 167 -2.87 -8.93 36.45
N SER F 168 -4.12 -8.67 36.07
CA SER F 168 -4.66 -7.32 36.23
C SER F 168 -6.14 -7.38 36.53
N THR F 169 -6.67 -6.24 36.96
CA THR F 169 -8.10 -6.08 37.23
C THR F 169 -8.59 -4.84 36.49
N GLU F 170 -9.48 -5.05 35.52
CA GLU F 170 -10.04 -3.96 34.74
C GLU F 170 -11.33 -3.44 35.37
N LYS F 171 -11.42 -2.11 35.51
CA LYS F 171 -12.58 -1.46 36.10
C LYS F 171 -13.44 -0.93 34.97
N LEU F 172 -14.71 -1.35 34.92
CA LEU F 172 -15.60 -1.01 33.83
C LEU F 172 -16.77 -0.19 34.35
N TYR F 173 -17.13 0.86 33.62
CA TYR F 173 -18.14 1.80 34.05
C TYR F 173 -18.72 2.50 32.84
N VAL F 174 -19.95 2.98 32.99
CA VAL F 174 -20.67 3.68 31.93
C VAL F 174 -20.29 5.15 31.99
N ARG F 175 -20.10 5.75 30.83
CA ARG F 175 -19.91 7.19 30.73
C ARG F 175 -20.62 7.67 29.47
N ASP F 176 -21.69 8.44 29.66
CA ASP F 176 -22.42 9.06 28.56
C ASP F 176 -22.85 8.03 27.51
N GLY F 177 -23.43 6.95 27.99
CA GLY F 177 -24.07 5.96 27.14
C GLY F 177 -23.17 4.91 26.54
N VAL F 178 -21.85 4.98 26.78
CA VAL F 178 -20.93 3.95 26.31
C VAL F 178 -20.22 3.36 27.51
N LEU F 179 -19.56 2.22 27.29
CA LEU F 179 -18.87 1.50 28.35
C LEU F 179 -17.39 1.82 28.30
N LYS F 180 -16.81 2.14 29.45
CA LYS F 180 -15.39 2.41 29.59
C LYS F 180 -14.73 1.30 30.39
N GLY F 181 -13.43 1.11 30.14
CA GLY F 181 -12.64 0.14 30.87
C GLY F 181 -11.23 0.65 31.10
N ASP F 182 -10.80 0.73 32.36
CA ASP F 182 -9.47 1.22 32.71
C ASP F 182 -8.71 0.14 33.46
N VAL F 183 -7.41 0.03 33.19
CA VAL F 183 -6.54 -0.93 33.87
C VAL F 183 -5.22 -0.26 34.21
N ASN F 184 -4.69 -0.57 35.37
CA ASN F 184 -3.39 -0.18 35.83
C ASN F 184 -2.48 -1.38 35.54
N GLU F 185 -2.01 -1.47 34.30
CA GLU F 185 -1.09 -2.55 33.88
CA GLU F 185 -1.09 -2.55 33.88
C GLU F 185 0.49 -2.40 34.08
N ALA F 186 1.08 -3.55 34.41
CA ALA F 186 2.51 -3.54 34.66
C ALA F 186 3.15 -4.70 33.90
N LEU F 187 4.27 -4.41 33.24
CA LEU F 187 5.07 -5.44 32.60
C LEU F 187 6.21 -5.82 33.52
N SER F 188 6.35 -7.12 33.77
CA SER F 188 7.53 -7.60 34.47
C SER F 188 8.72 -7.55 33.53
N LEU F 189 9.85 -7.12 34.04
CA LEU F 189 11.06 -6.99 33.26
C LEU F 189 12.14 -8.02 33.58
N GLU F 190 13.13 -8.10 32.73
CA GLU F 190 14.23 -9.04 32.90
C GLU F 190 14.86 -9.10 34.27
N GLY F 191 15.10 -8.01 34.93
CA GLY F 191 15.65 -8.13 36.27
C GLY F 191 14.73 -8.05 37.45
N GLY F 192 13.45 -8.36 37.33
CA GLY F 192 12.53 -8.30 38.44
C GLY F 192 11.69 -7.05 38.55
N GLY F 193 12.13 -5.94 37.95
CA GLY F 193 11.38 -4.70 38.05
C GLY F 193 10.11 -4.72 37.24
N HIS F 194 9.35 -3.62 37.33
CA HIS F 194 8.06 -3.52 36.66
C HIS F 194 7.96 -2.20 35.91
N TYR F 195 7.29 -2.24 34.78
CA TYR F 195 7.14 -1.13 33.85
C TYR F 195 5.65 -0.89 33.66
N ARG F 196 5.16 0.27 34.09
CA ARG F 196 3.73 0.50 34.24
C ARG F 196 3.10 1.08 32.97
N CYS F 197 1.84 0.71 32.75
CA CYS F 197 1.07 1.20 31.62
C CYS F 197 -0.37 1.48 32.06
N ASP F 198 -0.88 2.64 31.66
CA ASP F 198 -2.25 3.03 31.96
C ASP F 198 -3.14 2.73 30.77
N PHE F 199 -3.92 1.72 30.92
CA PHE F 199 -4.90 1.38 29.87
CA PHE F 199 -4.87 1.32 29.90
C PHE F 199 -6.36 2.12 30.03
N LYS F 200 -6.76 2.64 28.91
CA LYS F 200 -8.03 3.37 28.82
C LYS F 200 -8.77 2.95 27.56
N THR F 201 -9.79 2.18 27.75
CA THR F 201 -10.59 1.68 26.67
CA THR F 201 -10.54 1.74 26.60
C THR F 201 -12.14 2.16 26.58
N THR F 202 -12.59 2.40 25.38
CA THR F 202 -13.99 2.74 25.15
C THR F 202 -14.60 1.61 24.33
N TYR F 203 -15.65 0.99 24.86
CA TYR F 203 -16.37 -0.08 24.18
C TYR F 203 -17.68 0.46 23.62
N LYS F 204 -17.96 0.17 22.34
CA LYS F 204 -19.13 0.69 21.65
C LYS F 204 -19.83 -0.45 20.93
N ALA F 205 -21.00 -0.84 21.43
CA ALA F 205 -21.82 -1.82 20.74
C ALA F 205 -22.38 -1.22 19.46
N LYS F 206 -22.53 -2.05 18.43
CA LYS F 206 -23.10 -1.61 17.17
C LYS F 206 -24.61 -1.48 17.22
N LYS F 207 -25.23 -2.05 18.24
CA LYS F 207 -26.66 -1.90 18.49
C LYS F 207 -26.87 -1.44 19.93
N VAL F 208 -28.10 -1.03 20.23
CA VAL F 208 -28.45 -0.65 21.59
C VAL F 208 -28.56 -1.90 22.44
N VAL F 209 -27.84 -1.92 23.56
CA VAL F 209 -27.86 -3.03 24.50
C VAL F 209 -28.06 -2.47 25.90
N GLN F 210 -28.38 -3.36 26.83
CA GLN F 210 -28.47 -2.98 28.23
C GLN F 210 -27.08 -2.64 28.78
N LEU F 211 -26.99 -1.53 29.51
CA LEU F 211 -25.70 -1.12 30.03
C LEU F 211 -25.48 -1.70 31.43
N PRO F 212 -24.28 -2.16 31.74
CA PRO F 212 -24.03 -2.75 33.06
C PRO F 212 -23.72 -1.68 34.10
N ASP F 213 -23.79 -2.09 35.36
CA ASP F 213 -23.33 -1.26 36.47
C ASP F 213 -21.82 -1.37 36.58
N TYR F 214 -21.27 -0.52 37.46
CA TYR F 214 -19.83 -0.55 37.75
C TYR F 214 -19.39 -1.95 38.16
N HIS F 215 -18.38 -2.48 37.50
CA HIS F 215 -17.90 -3.82 37.82
C HIS F 215 -16.45 -3.97 37.41
N PHE F 216 -15.93 -5.18 37.57
CA PHE F 216 -14.52 -5.48 37.36
C PHE F 216 -14.38 -6.71 36.47
N VAL F 217 -13.23 -6.82 35.83
CA VAL F 217 -12.84 -8.01 35.08
C VAL F 217 -11.40 -8.31 35.42
N ASP F 218 -11.15 -9.46 36.04
CA ASP F 218 -9.79 -9.91 36.27
C ASP F 218 -9.24 -10.50 34.98
N HIS F 219 -7.96 -10.23 34.70
CA HIS F 219 -7.32 -10.70 33.49
C HIS F 219 -6.04 -11.44 33.83
N HIS F 220 -5.68 -12.39 32.96
CA HIS F 220 -4.33 -12.97 32.97
C HIS F 220 -4.00 -13.38 31.54
N ILE F 221 -3.12 -12.62 30.90
CA ILE F 221 -2.69 -12.89 29.53
C ILE F 221 -1.25 -13.41 29.56
N GLU F 222 -0.97 -14.44 28.77
CA GLU F 222 0.35 -15.07 28.76
C GLU F 222 0.73 -15.49 27.36
N ILE F 223 1.97 -15.21 26.97
CA ILE F 223 2.56 -15.83 25.80
C ILE F 223 3.05 -17.21 26.24
N LYS F 224 2.41 -18.27 25.75
CA LYS F 224 2.79 -19.61 26.17
C LYS F 224 3.94 -20.16 25.35
N SER F 225 4.09 -19.71 24.11
CA SER F 225 5.19 -20.15 23.27
C SER F 225 5.41 -19.13 22.17
N HIS F 226 6.64 -19.10 21.66
CA HIS F 226 7.04 -18.21 20.59
C HIS F 226 8.37 -18.71 20.03
N ASP F 227 8.66 -18.34 18.79
CA ASP F 227 9.99 -18.61 18.24
C ASP F 227 10.89 -17.42 18.58
N LYS F 228 12.16 -17.51 18.15
CA LYS F 228 13.18 -16.59 18.65
C LYS F 228 12.83 -15.13 18.36
N ASP F 229 12.49 -14.81 17.12
CA ASP F 229 12.18 -13.42 16.76
C ASP F 229 10.70 -13.10 16.85
N TYR F 230 9.91 -13.98 17.47
CA TYR F 230 8.48 -13.76 17.70
C TYR F 230 7.69 -13.69 16.39
N SER F 231 8.20 -14.35 15.34
CA SER F 231 7.43 -14.47 14.12
C SER F 231 6.19 -15.35 14.35
N ASN F 232 6.27 -16.26 15.31
CA ASN F 232 5.14 -17.10 15.71
C ASN F 232 4.96 -16.95 17.22
N VAL F 233 3.72 -16.75 17.64
CA VAL F 233 3.40 -16.53 19.05
C VAL F 233 2.10 -17.27 19.35
N ASN F 234 2.07 -18.01 20.45
CA ASN F 234 0.87 -18.68 20.93
C ASN F 234 0.45 -17.89 22.18
N LEU F 235 -0.71 -17.29 22.15
CA LEU F 235 -1.17 -16.36 23.16
C LEU F 235 -2.44 -16.88 23.82
N HIS F 236 -2.49 -16.78 25.14
CA HIS F 236 -3.62 -17.19 25.91
C HIS F 236 -4.10 -16.09 26.84
N GLU F 237 -5.40 -16.09 27.13
CA GLU F 237 -6.02 -15.11 28.03
C GLU F 237 -7.21 -15.69 28.80
N HIS F 238 -7.21 -15.49 30.12
CA HIS F 238 -8.24 -15.94 31.00
C HIS F 238 -8.86 -14.66 31.65
N ALA F 239 -10.16 -14.56 31.68
CA ALA F 239 -10.83 -13.35 32.18
C ALA F 239 -12.13 -13.74 32.87
N GLU F 240 -12.41 -13.06 33.99
CA GLU F 240 -13.63 -13.33 34.77
C GLU F 240 -14.11 -12.02 35.39
N ALA F 241 -15.40 -11.74 35.21
CA ALA F 241 -15.99 -10.52 35.75
C ALA F 241 -16.46 -10.75 37.19
N HIS F 242 -16.44 -9.68 37.97
CA HIS F 242 -16.89 -9.74 39.36
C HIS F 242 -17.24 -8.35 39.83
N SER F 243 -17.77 -8.26 41.04
CA SER F 243 -18.26 -7.01 41.62
C SER F 243 -17.39 -6.52 42.76
N GLY F 244 -16.17 -7.04 42.89
CA GLY F 244 -15.28 -6.58 43.92
C GLY F 244 -15.67 -7.11 45.29
N LEU F 245 -14.99 -6.58 46.31
CA LEU F 245 -15.21 -7.01 47.67
C LEU F 245 -16.67 -6.77 48.06
N PRO F 246 -17.41 -7.81 48.46
CA PRO F 246 -18.85 -7.70 48.74
C PRO F 246 -19.13 -7.05 50.09
N LYS G 33 5.34 25.31 -23.48
CA LYS G 33 6.33 26.33 -23.76
C LYS G 33 7.51 25.80 -24.59
N PRO G 34 8.31 26.68 -25.15
CA PRO G 34 9.47 26.11 -25.92
C PRO G 34 10.47 25.27 -25.13
N ASP G 35 10.57 25.46 -23.82
CA ASP G 35 11.44 24.64 -22.98
C ASP G 35 10.57 24.08 -21.86
N MET G 36 10.49 22.76 -21.78
CA MET G 36 9.64 22.10 -20.81
C MET G 36 10.48 21.16 -19.96
N LYS G 37 9.96 20.85 -18.78
CA LYS G 37 10.64 19.96 -17.85
C LYS G 37 9.92 18.62 -17.85
N ILE G 38 10.62 17.60 -17.33
CA ILE G 38 10.10 16.25 -17.29
C ILE G 38 10.43 15.66 -15.92
N LYS G 39 9.45 15.01 -15.32
CA LYS G 39 9.65 14.24 -14.10
C LYS G 39 8.81 12.98 -14.20
N LEU G 40 9.39 11.84 -13.86
CA LEU G 40 8.70 10.57 -14.04
C LEU G 40 9.10 9.61 -12.93
N ARG G 41 8.25 8.62 -12.73
CA ARG G 41 8.59 7.46 -11.93
C ARG G 41 8.03 6.23 -12.62
N MET G 42 8.87 5.25 -12.88
CA MET G 42 8.46 3.98 -13.45
C MET G 42 8.55 2.91 -12.37
N GLU G 43 7.46 2.18 -12.17
CA GLU G 43 7.43 1.00 -11.33
C GLU G 43 7.12 -0.18 -12.24
N GLY G 44 7.89 -1.24 -12.13
CA GLY G 44 7.67 -2.32 -13.06
C GLY G 44 8.35 -3.60 -12.65
N ALA G 45 8.26 -4.58 -13.56
CA ALA G 45 8.83 -5.89 -13.34
C ALA G 45 9.12 -6.56 -14.68
N VAL G 46 10.18 -7.35 -14.71
CA VAL G 46 10.56 -8.14 -15.87
C VAL G 46 10.79 -9.57 -15.40
N ASN G 47 10.05 -10.52 -15.97
CA ASN G 47 10.15 -11.92 -15.59
C ASN G 47 9.91 -12.13 -14.10
N GLY G 48 9.01 -11.33 -13.53
CA GLY G 48 8.63 -11.47 -12.14
C GLY G 48 9.50 -10.76 -11.12
N HIS G 49 10.70 -10.29 -11.50
CA HIS G 49 11.57 -9.57 -10.56
CA HIS G 49 11.54 -9.58 -10.55
C HIS G 49 11.26 -8.10 -10.65
N PRO G 50 10.87 -7.43 -9.54
CA PRO G 50 10.43 -6.05 -9.58
C PRO G 50 11.57 -5.03 -9.48
N PHE G 51 11.27 -3.84 -9.98
CA PHE G 51 12.23 -2.74 -9.98
C PHE G 51 11.48 -1.42 -10.05
N ALA G 52 12.20 -0.33 -9.81
CA ALA G 52 11.63 1.01 -9.87
C ALA G 52 12.71 1.98 -10.34
N ILE G 53 12.31 2.93 -11.19
CA ILE G 53 13.22 3.90 -11.77
C ILE G 53 12.57 5.28 -11.73
N GLU G 54 13.37 6.30 -11.43
CA GLU G 54 12.92 7.69 -11.45
C GLU G 54 13.79 8.47 -12.40
N GLY G 55 13.25 9.53 -12.97
CA GLY G 55 13.99 10.34 -13.92
C GLY G 55 13.58 11.79 -13.89
N VAL G 56 14.52 12.66 -14.24
CA VAL G 56 14.29 14.08 -14.41
C VAL G 56 14.85 14.46 -15.77
N GLY G 57 14.15 15.35 -16.46
CA GLY G 57 14.61 15.72 -17.78
C GLY G 57 14.03 17.05 -18.22
N LEU G 58 14.31 17.38 -19.48
CA LEU G 58 13.88 18.63 -20.07
C LEU G 58 13.74 18.38 -21.56
N GLY G 59 12.96 19.22 -22.22
CA GLY G 59 12.83 19.01 -23.65
C GLY G 59 12.26 20.22 -24.35
N LYS G 60 12.29 20.13 -25.68
CA LYS G 60 11.85 21.19 -26.57
C LYS G 60 10.73 20.62 -27.42
N PRO G 61 9.47 20.78 -27.01
CA PRO G 61 8.38 20.11 -27.72
C PRO G 61 8.26 20.49 -29.18
N PHE G 62 8.50 21.75 -29.53
CA PHE G 62 8.37 22.19 -30.91
C PHE G 62 9.58 21.83 -31.77
N GLU G 63 10.73 21.51 -31.16
CA GLU G 63 11.86 20.97 -31.89
C GLU G 63 11.91 19.45 -31.85
N GLY G 64 11.00 18.81 -31.11
CA GLY G 64 10.94 17.36 -31.08
C GLY G 64 12.15 16.70 -30.46
N LYS G 65 12.79 17.35 -29.51
CA LYS G 65 13.99 16.82 -28.87
C LYS G 65 13.82 16.83 -27.36
N GLN G 66 14.41 15.85 -26.71
CA GLN G 66 14.35 15.72 -25.25
C GLN G 66 15.51 14.92 -24.74
N SER G 67 15.77 15.06 -23.45
CA SER G 67 16.80 14.29 -22.77
C SER G 67 16.44 14.19 -21.29
N MET G 68 16.97 13.16 -20.64
CA MET G 68 16.63 12.92 -19.25
C MET G 68 17.71 12.07 -18.61
N ASP G 69 17.77 12.10 -17.27
CA ASP G 69 18.66 11.27 -16.47
C ASP G 69 17.80 10.38 -15.61
N LEU G 70 18.14 9.10 -15.59
CA LEU G 70 17.39 8.12 -14.81
C LEU G 70 18.32 7.33 -13.88
N LYS G 71 17.78 6.85 -12.77
CA LYS G 71 18.56 6.10 -11.80
C LYS G 71 17.71 5.05 -11.10
N VAL G 72 18.09 3.79 -11.24
CA VAL G 72 17.37 2.68 -10.61
C VAL G 72 17.23 2.90 -9.11
N LYS G 73 16.02 3.04 -8.66
CA LYS G 73 15.74 3.22 -7.27
C LYS G 73 15.61 1.88 -6.55
N GLU G 74 14.95 0.88 -7.14
CA GLU G 74 14.74 -0.44 -6.56
C GLU G 74 15.00 -1.50 -7.62
N GLY G 75 15.39 -2.69 -7.17
CA GLY G 75 15.62 -3.81 -8.06
C GLY G 75 16.96 -3.82 -8.77
N GLY G 76 17.86 -2.89 -8.44
CA GLY G 76 19.17 -2.86 -9.04
C GLY G 76 20.10 -3.87 -8.41
N PRO G 77 21.13 -4.32 -9.16
CA PRO G 77 21.39 -4.00 -10.57
C PRO G 77 20.42 -4.69 -11.52
N LEU G 78 19.98 -3.99 -12.56
CA LEU G 78 18.98 -4.55 -13.47
C LEU G 78 19.57 -5.76 -14.19
N PRO G 79 18.88 -6.90 -14.17
CA PRO G 79 19.37 -8.10 -14.86
C PRO G 79 18.94 -8.24 -16.32
N PHE G 80 18.34 -7.21 -16.91
CA PHE G 80 17.87 -7.26 -18.29
C PHE G 80 18.38 -6.06 -19.05
N ALA G 81 18.26 -6.13 -20.38
CA ALA G 81 18.71 -5.05 -21.25
C ALA G 81 17.90 -3.78 -20.97
N TYR G 82 18.61 -2.69 -20.65
CA TYR G 82 17.96 -1.42 -20.37
C TYR G 82 17.17 -0.91 -21.58
N ASP G 83 17.51 -1.35 -22.79
CA ASP G 83 16.89 -0.81 -24.00
C ASP G 83 15.41 -1.12 -24.08
N ILE G 84 14.94 -2.16 -23.39
CA ILE G 84 13.51 -2.48 -23.42
C ILE G 84 12.70 -1.43 -22.68
N LEU G 85 13.36 -0.62 -21.86
CA LEU G 85 12.69 0.40 -21.06
C LEU G 85 12.63 1.75 -21.76
N THR G 86 13.55 2.01 -22.69
CA THR G 86 13.84 3.39 -23.10
C THR G 86 12.68 4.03 -23.85
N THR G 87 12.03 3.29 -24.74
CA THR G 87 10.90 3.88 -25.46
C THR G 87 9.70 4.14 -24.54
N VAL G 88 9.69 3.56 -23.35
CA VAL G 88 8.65 3.88 -22.39
C VAL G 88 9.00 5.18 -21.65
N PHE G 89 10.28 5.43 -21.43
CA PHE G 89 10.74 6.69 -20.87
C PHE G 89 10.57 7.82 -21.89
N1 GYC G 90 10.87 7.44 -23.24
SG1 GYC G 90 13.03 9.71 -23.88
CB1 GYC G 90 11.95 8.78 -25.00
CA1 GYC G 90 10.63 8.45 -24.27
C1 GYC G 90 9.61 7.96 -25.26
N2 GYC G 90 9.85 7.59 -26.49
N3 GYC G 90 8.27 7.84 -24.97
C2 GYC G 90 7.64 7.37 -26.08
O2 GYC G 90 6.45 7.13 -26.20
CA2 GYC G 90 8.69 7.20 -27.09
CA3 GYC G 90 7.63 8.16 -23.69
CB2 GYC G 90 8.46 6.75 -28.38
CG2 GYC G 90 9.44 6.12 -29.28
CD1 GYC G 90 8.98 5.26 -30.29
CD2 GYC G 90 10.83 6.36 -29.16
CE1 GYC G 90 9.86 4.66 -31.15
CE2 GYC G 90 11.70 5.75 -30.02
CZ GYC G 90 11.23 4.90 -31.02
OH GYC G 90 12.10 4.30 -31.87
C3 GYC G 90 6.52 9.15 -23.87
O3 GYC G 90 5.59 9.17 -23.10
N ASN G 91 6.79 10.19 -24.82
CA ASN G 91 5.87 11.32 -24.75
C ASN G 91 5.88 12.07 -26.08
N ARG G 92 4.84 11.84 -26.88
CA ARG G 92 4.79 12.36 -28.25
C ARG G 92 4.50 13.86 -28.32
N VAL G 93 4.35 14.56 -27.19
CA VAL G 93 4.37 16.02 -27.25
C VAL G 93 5.75 16.49 -27.67
N PHE G 94 6.78 15.69 -27.40
CA PHE G 94 8.14 15.99 -27.84
C PHE G 94 8.37 15.43 -29.25
N ALA G 95 7.65 16.03 -30.17
CA ALA G 95 7.71 15.69 -31.59
C ALA G 95 7.41 16.92 -32.39
N LYS G 96 8.22 17.18 -33.41
CA LYS G 96 8.01 18.32 -34.23
C LYS G 96 6.89 18.06 -35.20
N TYR G 97 5.73 18.63 -35.00
CA TYR G 97 4.63 18.44 -35.88
C TYR G 97 4.57 19.59 -36.88
N PRO G 98 4.31 19.29 -38.16
CA PRO G 98 4.20 20.43 -39.05
C PRO G 98 2.78 20.99 -38.95
N GLU G 99 2.58 22.16 -39.54
CA GLU G 99 1.28 22.78 -39.42
C GLU G 99 0.18 22.04 -40.16
N ASN G 100 0.55 21.23 -41.13
CA ASN G 100 -0.45 20.52 -41.87
C ASN G 100 -0.93 19.25 -41.22
N ILE G 101 -0.32 18.81 -40.15
CA ILE G 101 -0.79 17.62 -39.48
C ILE G 101 -1.27 18.00 -38.08
N VAL G 102 -2.51 17.71 -37.78
CA VAL G 102 -3.10 18.04 -36.49
C VAL G 102 -2.30 17.38 -35.38
N ASP G 103 -2.00 18.14 -34.33
CA ASP G 103 -1.19 17.67 -33.21
C ASP G 103 -2.11 17.18 -32.10
N TYR G 104 -2.30 15.86 -32.03
CA TYR G 104 -3.19 15.27 -31.03
C TYR G 104 -2.69 15.52 -29.61
N PHE G 105 -1.38 15.48 -29.41
CA PHE G 105 -0.82 15.46 -28.06
C PHE G 105 -0.73 16.86 -27.46
N LYS G 106 -0.21 17.82 -28.24
CA LYS G 106 -0.14 19.19 -27.75
C LYS G 106 -1.54 19.75 -27.47
N GLN G 107 -2.56 19.23 -28.15
CA GLN G 107 -3.93 19.62 -27.88
C GLN G 107 -4.36 19.23 -26.48
N SER G 108 -3.96 18.04 -26.03
CA SER G 108 -4.53 17.45 -24.82
C SER G 108 -4.20 18.23 -23.55
N PHE G 109 -3.23 19.13 -23.60
CA PHE G 109 -2.81 19.87 -22.42
C PHE G 109 -3.58 21.19 -22.31
N PRO G 110 -3.69 21.76 -21.09
CA PRO G 110 -2.99 21.42 -19.85
C PRO G 110 -3.45 20.16 -19.13
N GLU G 111 -4.59 19.59 -19.55
CA GLU G 111 -5.10 18.40 -18.88
C GLU G 111 -4.17 17.20 -19.07
N GLY G 112 -3.61 17.04 -20.26
CA GLY G 112 -2.69 15.96 -20.52
C GLY G 112 -3.36 14.78 -21.21
N TYR G 113 -2.63 13.66 -21.24
CA TYR G 113 -3.12 12.44 -21.88
C TYR G 113 -2.40 11.25 -21.26
N SER G 114 -2.88 10.05 -21.61
CA SER G 114 -2.28 8.80 -21.16
C SER G 114 -2.16 7.87 -22.36
N TRP G 115 -1.28 6.87 -22.25
CA TRP G 115 -1.16 5.86 -23.30
C TRP G 115 -0.85 4.50 -22.70
N GLU G 116 -1.23 3.47 -23.45
CA GLU G 116 -0.94 2.07 -23.15
C GLU G 116 -0.20 1.45 -24.33
N ARG G 117 0.69 0.50 -24.06
CA ARG G 117 1.53 -0.02 -25.12
C ARG G 117 1.86 -1.50 -24.88
N SER G 118 1.85 -2.30 -25.94
CA SER G 118 2.30 -3.67 -25.83
C SER G 118 3.48 -3.75 -26.81
N MET G 119 4.61 -4.31 -26.38
CA MET G 119 5.82 -4.46 -27.18
C MET G 119 6.11 -5.98 -27.32
N ASN G 120 5.93 -6.49 -28.53
CA ASN G 120 6.03 -7.92 -28.82
C ASN G 120 7.36 -8.21 -29.51
N TYR G 121 8.27 -8.79 -28.79
CA TYR G 121 9.55 -9.18 -29.32
C TYR G 121 9.45 -10.50 -30.07
N GLU G 122 10.25 -10.68 -31.09
CA GLU G 122 10.18 -11.88 -31.93
C GLU G 122 10.44 -13.22 -31.26
N ASP G 123 11.18 -13.21 -30.19
CA ASP G 123 11.45 -14.48 -29.50
C ASP G 123 10.43 -14.79 -28.40
N GLY G 124 9.29 -14.09 -28.39
CA GLY G 124 8.23 -14.35 -27.46
C GLY G 124 8.17 -13.41 -26.27
N GLY G 125 9.27 -12.72 -25.97
CA GLY G 125 9.23 -11.73 -24.91
C GLY G 125 8.24 -10.62 -25.23
N ILE G 126 7.49 -10.21 -24.22
CA ILE G 126 6.41 -9.25 -24.41
C ILE G 126 6.37 -8.32 -23.20
N CYS G 127 6.33 -7.01 -23.45
CA CYS G 127 6.25 -6.00 -22.40
C CYS G 127 4.97 -5.20 -22.56
N ASN G 128 4.24 -5.02 -21.46
CA ASN G 128 3.07 -4.16 -21.41
C ASN G 128 3.42 -2.93 -20.58
N ALA G 129 3.03 -1.75 -21.07
CA ALA G 129 3.38 -0.52 -20.39
C ALA G 129 2.25 0.50 -20.49
N THR G 130 2.14 1.33 -19.45
CA THR G 130 1.19 2.44 -19.42
C THR G 130 1.91 3.67 -18.89
N ASN G 131 1.41 4.83 -19.30
CA ASN G 131 1.94 6.11 -18.81
C ASN G 131 0.80 7.12 -18.73
N ASP G 132 0.61 7.69 -17.54
CA ASP G 132 -0.37 8.77 -17.33
C ASP G 132 0.41 10.06 -17.21
N ILE G 133 0.29 10.95 -18.21
CA ILE G 133 1.07 12.17 -18.30
C ILE G 133 0.20 13.36 -17.88
N THR G 134 0.67 14.10 -16.88
CA THR G 134 0.02 15.33 -16.42
C THR G 134 1.01 16.49 -16.56
N LEU G 135 0.53 17.69 -16.27
CA LEU G 135 1.34 18.90 -16.41
C LEU G 135 1.28 19.72 -15.14
N ASP G 136 2.45 20.08 -14.61
CA ASP G 136 2.58 20.93 -13.44
C ASP G 136 3.49 22.09 -13.82
N GLY G 137 2.90 23.25 -14.13
CA GLY G 137 3.66 24.39 -14.58
C GLY G 137 4.29 24.14 -15.93
N ASP G 138 5.62 24.00 -15.95
CA ASP G 138 6.37 23.69 -17.16
C ASP G 138 6.96 22.28 -17.12
N CYS G 139 6.44 21.42 -16.25
CA CYS G 139 6.98 20.09 -16.04
C CYS G 139 5.92 19.04 -16.33
N TYR G 140 6.24 18.13 -17.23
CA TYR G 140 5.40 16.96 -17.46
C TYR G 140 5.67 15.92 -16.39
N ILE G 141 4.60 15.31 -15.89
CA ILE G 141 4.70 14.28 -14.85
C ILE G 141 4.20 12.97 -15.43
N TYR G 142 5.06 11.94 -15.42
CA TYR G 142 4.71 10.63 -15.92
C TYR G 142 4.55 9.67 -14.75
N GLU G 143 3.46 8.89 -14.77
CA GLU G 143 3.28 7.76 -13.87
C GLU G 143 3.31 6.50 -14.72
N ILE G 144 4.36 5.74 -14.58
CA ILE G 144 4.59 4.60 -15.43
C ILE G 144 4.57 3.26 -14.80
N ARG G 145 3.96 2.31 -15.49
CA ARG G 145 3.99 0.91 -15.10
C ARG G 145 4.54 0.11 -16.27
N PHE G 146 5.41 -0.86 -15.97
CA PHE G 146 6.09 -1.64 -17.00
C PHE G 146 6.08 -3.10 -16.59
N ASP G 147 5.62 -3.98 -17.47
CA ASP G 147 5.53 -5.40 -17.14
C ASP G 147 5.90 -6.24 -18.35
N GLY G 148 7.04 -6.91 -18.26
CA GLY G 148 7.51 -7.79 -19.32
C GLY G 148 7.62 -9.21 -18.83
N VAL G 149 7.26 -10.17 -19.69
CA VAL G 149 7.24 -11.59 -19.33
C VAL G 149 7.80 -12.41 -20.48
N ASN G 150 8.14 -13.65 -20.16
CA ASN G 150 8.59 -14.67 -21.06
C ASN G 150 9.88 -14.43 -21.82
N PHE G 151 10.75 -13.61 -21.30
CA PHE G 151 12.06 -13.40 -21.92
C PHE G 151 12.96 -14.61 -21.67
N PRO G 152 13.44 -15.29 -22.71
CA PRO G 152 14.25 -16.49 -22.50
C PRO G 152 15.56 -16.19 -21.80
N ALA G 153 16.03 -17.17 -21.02
CA ALA G 153 17.24 -16.97 -20.22
C ALA G 153 18.45 -16.65 -21.08
N ASN G 154 18.62 -17.33 -22.21
CA ASN G 154 19.74 -17.05 -23.11
C ASN G 154 19.38 -16.07 -24.22
N GLY G 155 18.25 -15.38 -24.11
CA GLY G 155 17.90 -14.38 -25.10
C GLY G 155 18.73 -13.13 -24.94
N PRO G 156 18.69 -12.27 -25.96
CA PRO G 156 19.50 -11.05 -25.93
C PRO G 156 19.09 -10.08 -24.85
N VAL G 157 17.86 -10.13 -24.37
CA VAL G 157 17.41 -9.22 -23.33
C VAL G 157 17.97 -9.63 -21.97
N MET G 158 17.77 -10.89 -21.59
CA MET G 158 18.23 -11.38 -20.33
C MET G 158 19.74 -11.52 -20.23
N GLN G 159 20.43 -11.53 -21.37
CA GLN G 159 21.90 -11.56 -21.39
C GLN G 159 22.56 -10.23 -21.71
N LYS G 160 21.77 -9.21 -21.85
CA LYS G 160 22.27 -7.87 -22.16
C LYS G 160 23.14 -7.88 -23.42
N ARG G 161 22.55 -8.35 -24.52
CA ARG G 161 23.25 -8.35 -25.80
C ARG G 161 22.66 -7.34 -26.78
N THR G 162 21.96 -6.35 -26.25
CA THR G 162 21.44 -5.30 -27.12
C THR G 162 22.36 -4.15 -27.16
N VAL G 163 22.38 -3.48 -28.28
CA VAL G 163 23.29 -2.36 -28.46
C VAL G 163 22.54 -1.04 -28.47
N LYS G 164 21.47 -0.95 -29.26
CA LYS G 164 20.82 0.31 -29.54
C LYS G 164 19.58 0.10 -30.40
N TRP G 165 18.50 0.81 -30.10
CA TRP G 165 17.36 0.83 -31.01
C TRP G 165 17.77 1.51 -32.31
N GLU G 166 17.32 0.94 -33.41
CA GLU G 166 17.50 1.60 -34.65
C GLU G 166 16.48 2.71 -34.61
N PRO G 167 16.63 3.63 -35.54
CA PRO G 167 15.63 4.68 -35.69
C PRO G 167 14.37 4.08 -36.29
N SER G 168 13.29 4.82 -36.27
CA SER G 168 12.07 4.18 -36.67
C SER G 168 11.07 5.14 -37.18
N THR G 169 10.00 4.61 -37.77
CA THR G 169 8.91 5.43 -38.27
C THR G 169 7.61 4.88 -37.72
N GLU G 170 6.93 5.64 -36.89
CA GLU G 170 5.68 5.22 -36.31
C GLU G 170 4.54 5.61 -37.21
N LYS G 171 3.54 4.76 -37.30
CA LYS G 171 2.33 4.99 -38.07
C LYS G 171 1.18 5.25 -37.10
N LEU G 172 0.53 6.41 -37.25
CA LEU G 172 -0.53 6.83 -36.34
C LEU G 172 -1.84 6.98 -37.11
N TYR G 173 -2.93 6.52 -36.50
CA TYR G 173 -4.23 6.47 -37.15
C TYR G 173 -5.31 6.46 -36.08
N VAL G 174 -6.50 6.94 -36.46
CA VAL G 174 -7.63 7.04 -35.55
C VAL G 174 -8.40 5.72 -35.53
N ARG G 175 -8.79 5.29 -34.33
CA ARG G 175 -9.72 4.17 -34.18
C ARG G 175 -10.53 4.39 -32.91
N ASP G 176 -11.86 4.26 -33.02
CA ASP G 176 -12.78 4.44 -31.90
C ASP G 176 -12.52 5.81 -31.23
N GLY G 177 -12.35 6.84 -32.05
CA GLY G 177 -12.21 8.19 -31.53
C GLY G 177 -10.94 8.49 -30.78
N VAL G 178 -10.02 7.53 -30.64
CA VAL G 178 -8.75 7.80 -30.00
C VAL G 178 -7.64 7.57 -31.02
N LEU G 179 -6.39 7.75 -30.61
CA LEU G 179 -5.25 7.63 -31.50
C LEU G 179 -4.44 6.39 -31.15
N LYS G 180 -4.03 5.65 -32.18
CA LYS G 180 -3.16 4.51 -32.01
C LYS G 180 -1.87 4.73 -32.80
N GLY G 181 -0.81 4.03 -32.38
CA GLY G 181 0.47 4.15 -33.06
C GLY G 181 1.35 2.92 -32.94
N ASP G 182 1.27 2.05 -33.93
CA ASP G 182 2.07 0.83 -33.96
C ASP G 182 3.39 1.10 -34.66
N VAL G 183 4.40 0.29 -34.38
CA VAL G 183 5.70 0.48 -35.01
C VAL G 183 6.47 -0.82 -35.24
N ASN G 184 7.43 -0.75 -36.17
CA ASN G 184 8.27 -1.87 -36.52
C ASN G 184 9.64 -1.57 -36.00
N GLU G 185 9.83 -1.84 -34.75
CA GLU G 185 11.16 -1.65 -34.14
CA GLU G 185 11.12 -1.67 -34.03
C GLU G 185 12.21 -2.87 -34.25
N ALA G 186 13.41 -2.46 -33.96
CA ALA G 186 14.49 -3.43 -34.03
C ALA G 186 15.67 -2.95 -33.20
N LEU G 187 16.23 -3.85 -32.40
CA LEU G 187 17.45 -3.59 -31.64
C LEU G 187 18.64 -4.24 -32.33
N SER G 188 19.69 -3.46 -32.55
CA SER G 188 20.94 -4.02 -33.05
C SER G 188 21.61 -4.84 -31.96
N LEU G 189 22.27 -5.93 -32.35
CA LEU G 189 22.80 -6.90 -31.41
C LEU G 189 24.32 -6.85 -31.32
N GLU G 190 24.83 -7.51 -30.27
CA GLU G 190 26.24 -7.43 -29.87
C GLU G 190 27.21 -8.07 -30.86
N GLY G 191 26.71 -8.78 -31.87
CA GLY G 191 27.57 -9.42 -32.85
C GLY G 191 27.04 -9.20 -34.24
N GLY G 192 26.19 -8.19 -34.38
CA GLY G 192 25.52 -7.90 -35.63
C GLY G 192 24.14 -8.53 -35.65
N GLY G 193 23.36 -8.13 -36.65
CA GLY G 193 21.99 -8.58 -36.74
C GLY G 193 21.07 -7.75 -35.87
N HIS G 194 19.78 -8.05 -35.96
CA HIS G 194 18.76 -7.26 -35.29
C HIS G 194 17.74 -8.15 -34.60
N TYR G 195 17.16 -7.61 -33.53
CA TYR G 195 16.21 -8.29 -32.67
C TYR G 195 14.92 -7.49 -32.71
N ARG G 196 13.91 -8.02 -33.40
CA ARG G 196 12.73 -7.24 -33.76
C ARG G 196 11.71 -7.22 -32.65
N CYS G 197 10.96 -6.12 -32.58
CA CYS G 197 9.88 -5.93 -31.63
C CYS G 197 8.82 -5.09 -32.31
N ASP G 198 7.57 -5.52 -32.20
CA ASP G 198 6.46 -4.78 -32.77
C ASP G 198 5.76 -3.97 -31.68
N PHE G 199 5.78 -2.67 -31.81
CA PHE G 199 5.02 -1.84 -30.83
CA PHE G 199 4.89 -2.01 -30.94
C PHE G 199 3.55 -1.39 -31.32
N LYS G 200 2.69 -1.67 -30.38
CA LYS G 200 1.26 -1.23 -30.42
C LYS G 200 0.77 -0.27 -29.17
N THR G 201 0.40 0.91 -29.57
CA THR G 201 0.03 1.86 -28.59
C THR G 201 -1.28 2.52 -28.80
N THR G 202 -1.95 2.84 -27.72
CA THR G 202 -3.20 3.57 -27.77
C THR G 202 -3.03 4.87 -27.00
N TYR G 203 -3.24 6.01 -27.67
CA TYR G 203 -3.13 7.32 -27.06
C TYR G 203 -4.54 7.85 -26.76
N LYS G 204 -4.78 8.25 -25.52
CA LYS G 204 -6.09 8.71 -25.07
CA LYS G 204 -6.09 8.72 -25.06
C LYS G 204 -5.96 10.10 -24.44
N ALA G 205 -6.61 11.08 -25.06
CA ALA G 205 -6.63 12.43 -24.50
C ALA G 205 -7.66 12.52 -23.38
N LYS G 206 -7.36 13.38 -22.43
CA LYS G 206 -8.19 13.59 -21.28
C LYS G 206 -9.34 14.46 -21.59
N LYS G 207 -9.24 15.16 -22.68
CA LYS G 207 -10.33 15.97 -23.09
C LYS G 207 -10.62 15.71 -24.56
N VAL G 208 -11.61 16.40 -25.10
CA VAL G 208 -11.97 16.33 -26.50
C VAL G 208 -11.04 17.13 -27.34
N VAL G 209 -10.42 16.53 -28.33
CA VAL G 209 -9.46 17.21 -29.17
C VAL G 209 -9.81 16.83 -30.59
N GLN G 210 -9.18 17.52 -31.53
CA GLN G 210 -9.40 17.22 -32.93
C GLN G 210 -8.58 16.00 -33.33
N LEU G 211 -9.22 15.04 -33.98
CA LEU G 211 -8.50 13.85 -34.37
C LEU G 211 -7.72 14.11 -35.66
N PRO G 212 -6.47 13.62 -35.73
CA PRO G 212 -5.65 13.84 -36.92
C PRO G 212 -5.91 12.80 -38.00
N ASP G 213 -5.41 13.09 -39.20
CA ASP G 213 -5.42 12.12 -40.28
C ASP G 213 -4.28 11.13 -40.10
N TYR G 214 -4.30 10.08 -40.92
CA TYR G 214 -3.21 9.11 -40.95
C TYR G 214 -1.89 9.84 -41.22
N HIS G 215 -0.90 9.62 -40.36
CA HIS G 215 0.38 10.29 -40.51
C HIS G 215 1.45 9.44 -39.84
N PHE G 216 2.68 9.97 -39.84
CA PHE G 216 3.84 9.24 -39.37
C PHE G 216 4.65 10.10 -38.40
N VAL G 217 5.45 9.43 -37.57
CA VAL G 217 6.41 10.09 -36.71
C VAL G 217 7.72 9.31 -36.78
N ASP G 218 8.78 9.95 -37.28
CA ASP G 218 10.10 9.34 -37.27
C ASP G 218 10.72 9.47 -35.89
N HIS G 219 11.42 8.43 -35.46
CA HIS G 219 12.03 8.39 -34.14
C HIS G 219 13.51 8.08 -34.23
N HIS G 220 14.27 8.56 -33.24
CA HIS G 220 15.63 8.10 -33.01
C HIS G 220 15.92 8.26 -31.52
N ILE G 221 15.93 7.15 -30.79
CA ILE G 221 16.19 7.15 -29.35
C ILE G 221 17.60 6.62 -29.12
N GLU G 222 18.34 7.30 -28.23
CA GLU G 222 19.73 6.96 -28.01
C GLU G 222 20.09 7.13 -26.55
N ILE G 223 20.77 6.12 -25.99
CA ILE G 223 21.45 6.26 -24.71
C ILE G 223 22.82 6.88 -25.01
N LYS G 224 23.02 8.12 -24.56
CA LYS G 224 24.28 8.81 -24.84
C LYS G 224 25.37 8.47 -23.83
N SER G 225 24.98 8.09 -22.61
CA SER G 225 25.95 7.68 -21.61
C SER G 225 25.24 6.90 -20.51
N HIS G 226 26.03 6.17 -19.73
CA HIS G 226 25.54 5.35 -18.63
C HIS G 226 26.74 4.79 -17.89
N ASP G 227 26.52 4.40 -16.64
CA ASP G 227 27.53 3.71 -15.87
C ASP G 227 27.46 2.21 -16.13
N LYS G 228 28.31 1.44 -15.45
CA LYS G 228 28.53 0.05 -15.81
C LYS G 228 27.24 -0.77 -15.75
N ASP G 229 26.55 -0.74 -14.62
CA ASP G 229 25.35 -1.55 -14.42
CA ASP G 229 25.35 -1.55 -14.41
C ASP G 229 24.06 -0.80 -14.74
N TYR G 230 24.16 0.30 -15.49
CA TYR G 230 23.00 1.08 -15.92
C TYR G 230 22.19 1.58 -14.73
N SER G 231 22.84 1.74 -13.58
CA SER G 231 22.15 2.40 -12.48
C SER G 231 21.91 3.86 -12.83
N ASN G 232 22.76 4.46 -13.66
CA ASN G 232 22.55 5.83 -14.15
C ASN G 232 22.53 5.79 -15.66
N VAL G 233 21.54 6.43 -16.27
CA VAL G 233 21.37 6.42 -17.72
C VAL G 233 20.93 7.80 -18.17
N ASN G 234 21.57 8.32 -19.21
CA ASN G 234 21.24 9.57 -19.85
C ASN G 234 20.60 9.15 -21.17
N LEU G 235 19.36 9.52 -21.40
CA LEU G 235 18.62 9.08 -22.58
C LEU G 235 18.15 10.28 -23.38
N HIS G 236 18.28 10.19 -24.70
CA HIS G 236 17.84 11.23 -25.66
C HIS G 236 16.89 10.71 -26.76
N GLU G 237 15.96 11.52 -27.24
CA GLU G 237 15.06 11.10 -28.28
C GLU G 237 14.75 12.26 -29.19
N HIS G 238 14.77 12.00 -30.46
CA HIS G 238 14.47 13.02 -31.48
C HIS G 238 13.31 12.43 -32.26
N ALA G 239 12.22 13.15 -32.37
CA ALA G 239 10.99 12.65 -32.97
C ALA G 239 10.40 13.74 -33.85
N GLU G 240 9.94 13.34 -35.03
CA GLU G 240 9.43 14.31 -36.01
C GLU G 240 8.33 13.69 -36.86
N ALA G 241 7.23 14.42 -37.01
CA ALA G 241 6.09 13.97 -37.78
C ALA G 241 6.22 14.35 -39.25
N HIS G 242 5.59 13.55 -40.12
CA HIS G 242 5.57 13.79 -41.55
C HIS G 242 4.38 13.04 -42.14
N SER G 243 4.14 13.28 -43.43
CA SER G 243 2.97 12.74 -44.13
C SER G 243 3.32 11.65 -45.13
N GLY G 244 4.50 11.05 -45.02
CA GLY G 244 4.92 10.04 -45.97
C GLY G 244 5.55 10.65 -47.20
N LEU G 245 5.82 9.79 -48.18
CA LEU G 245 6.47 10.22 -49.41
C LEU G 245 5.62 11.26 -50.13
N ILE H 32 -0.11 50.37 43.49
CA ILE H 32 1.06 49.63 43.04
C ILE H 32 2.10 50.64 42.59
N LYS H 33 3.17 50.77 43.38
CA LYS H 33 4.25 51.72 43.18
C LYS H 33 5.40 51.10 42.40
N PRO H 34 6.22 51.93 41.73
CA PRO H 34 7.34 51.37 40.96
C PRO H 34 8.30 50.52 41.77
N ASP H 35 8.39 50.72 43.08
CA ASP H 35 9.25 49.92 43.94
C ASP H 35 8.40 49.35 45.07
N MET H 36 8.35 48.01 45.16
CA MET H 36 7.56 47.32 46.16
C MET H 36 8.45 46.36 46.95
N LYS H 37 7.98 46.01 48.14
CA LYS H 37 8.68 45.08 49.03
C LYS H 37 7.92 43.75 49.08
N ILE H 38 8.61 42.73 49.61
CA ILE H 38 8.08 41.38 49.72
C ILE H 38 8.44 40.82 51.09
N LYS H 39 7.48 40.15 51.72
CA LYS H 39 7.71 39.39 52.93
C LYS H 39 6.90 38.11 52.82
N LEU H 40 7.52 36.98 53.17
CA LEU H 40 6.85 35.70 52.96
C LEU H 40 7.23 34.73 54.06
N ARG H 41 6.37 33.73 54.25
CA ARG H 41 6.68 32.56 55.04
C ARG H 41 6.09 31.35 54.34
N MET H 42 6.93 30.35 54.09
CA MET H 42 6.48 29.08 53.55
C MET H 42 6.62 28.00 54.62
N GLU H 43 5.54 27.25 54.82
CA GLU H 43 5.57 26.07 55.65
C GLU H 43 5.27 24.88 54.75
N GLY H 44 6.04 23.82 54.88
CA GLY H 44 5.83 22.73 53.95
C GLY H 44 6.49 21.43 54.39
N ALA H 45 6.42 20.46 53.48
CA ALA H 45 7.00 19.15 53.70
C ALA H 45 7.29 18.52 52.34
N VAL H 46 8.36 17.73 52.30
CA VAL H 46 8.73 16.97 51.11
C VAL H 46 8.98 15.53 51.53
N ASN H 47 8.24 14.60 50.93
CA ASN H 47 8.28 13.19 51.32
C ASN H 47 7.99 13.02 52.81
N GLY H 48 7.12 13.87 53.34
CA GLY H 48 6.69 13.78 54.73
C GLY H 48 7.59 14.47 55.74
N HIS H 49 8.64 15.16 55.31
CA HIS H 49 9.56 15.79 56.24
C HIS H 49 9.33 17.29 56.26
N PRO H 50 8.96 17.87 57.39
CA PRO H 50 8.50 19.27 57.39
C PRO H 50 9.67 20.26 57.46
N PHE H 51 9.38 21.45 56.96
CA PHE H 51 10.36 22.53 56.93
C PHE H 51 9.62 23.85 56.86
N ALA H 52 10.34 24.94 57.11
CA ALA H 52 9.76 26.28 57.06
C ALA H 52 10.83 27.26 56.61
N ILE H 53 10.43 28.20 55.76
CA ILE H 53 11.33 29.19 55.17
C ILE H 53 10.66 30.55 55.22
N GLU H 54 11.43 31.58 55.52
CA GLU H 54 10.95 32.96 55.46
C GLU H 54 11.84 33.74 54.51
N GLY H 55 11.28 34.78 53.91
CA GLY H 55 12.04 35.57 52.96
C GLY H 55 11.62 37.02 52.99
N VAL H 56 12.55 37.89 52.62
CA VAL H 56 12.30 39.31 52.43
C VAL H 56 12.85 39.70 51.07
N GLY H 57 12.15 40.57 50.37
CA GLY H 57 12.59 40.93 49.04
C GLY H 57 12.01 42.25 48.58
N LEU H 58 12.29 42.55 47.31
CA LEU H 58 11.88 43.80 46.69
C LEU H 58 11.76 43.56 45.20
N GLY H 59 10.99 44.42 44.53
CA GLY H 59 10.84 44.26 43.10
C GLY H 59 10.22 45.48 42.46
N LYS H 60 10.19 45.44 41.13
CA LYS H 60 9.64 46.51 40.29
C LYS H 60 8.52 45.89 39.45
N PRO H 61 7.27 45.98 39.91
CA PRO H 61 6.19 45.27 39.21
C PRO H 61 6.04 45.66 37.74
N PHE H 62 6.25 46.93 37.41
CA PHE H 62 6.07 47.38 36.03
C PHE H 62 7.24 47.00 35.14
N GLU H 63 8.39 46.64 35.72
CA GLU H 63 9.52 46.11 34.95
C GLU H 63 9.58 44.60 34.97
N GLY H 64 8.73 43.94 35.74
CA GLY H 64 8.69 42.50 35.79
C GLY H 64 9.91 41.85 36.42
N LYS H 65 10.55 42.53 37.37
CA LYS H 65 11.76 42.01 38.00
C LYS H 65 11.61 42.05 39.52
N GLN H 66 12.23 41.11 40.19
CA GLN H 66 12.19 41.00 41.61
C GLN H 66 13.34 40.16 42.14
N SER H 67 13.65 40.33 43.41
CA SER H 67 14.68 39.54 44.07
C SER H 67 14.36 39.46 45.55
N MET H 68 14.90 38.43 46.19
CA MET H 68 14.59 38.19 47.59
C MET H 68 15.69 37.35 48.22
N ASP H 69 15.78 37.43 49.54
CA ASP H 69 16.69 36.62 50.33
C ASP H 69 15.86 35.69 51.20
N LEU H 70 16.13 34.40 51.11
CA LEU H 70 15.35 33.39 51.82
C LEU H 70 16.23 32.71 52.86
N LYS H 71 15.65 32.43 54.02
CA LYS H 71 16.34 31.76 55.11
C LYS H 71 15.52 30.57 55.56
N VAL H 72 16.19 29.42 55.68
CA VAL H 72 15.53 28.22 56.20
C VAL H 72 15.41 28.37 57.71
N LYS H 73 14.18 28.30 58.22
CA LYS H 73 13.93 28.44 59.65
C LYS H 73 13.77 27.10 60.35
N GLU H 74 13.15 26.13 59.71
CA GLU H 74 12.94 24.81 60.28
C GLU H 74 13.22 23.75 59.22
N GLY H 75 13.62 22.56 59.68
CA GLY H 75 13.84 21.44 58.78
C GLY H 75 15.19 21.43 58.09
N GLY H 76 16.09 22.35 58.41
CA GLY H 76 17.39 22.37 57.81
C GLY H 76 18.33 21.36 58.43
N PRO H 77 19.36 20.93 57.68
CA PRO H 77 19.58 21.27 56.27
C PRO H 77 18.59 20.56 55.34
N LEU H 78 18.09 21.28 54.35
CA LEU H 78 17.07 20.71 53.48
C LEU H 78 17.63 19.50 52.72
N PRO H 79 16.96 18.36 52.75
CA PRO H 79 17.46 17.16 52.07
C PRO H 79 17.02 17.03 50.61
N PHE H 80 16.42 18.06 50.03
CA PHE H 80 15.95 18.00 48.65
C PHE H 80 16.48 19.21 47.89
N ALA H 81 16.40 19.12 46.57
CA ALA H 81 16.86 20.20 45.70
C ALA H 81 16.03 21.45 45.96
N TYR H 82 16.72 22.55 46.30
CA TYR H 82 16.03 23.81 46.56
C TYR H 82 15.22 24.29 45.35
N ASP H 83 15.64 23.88 44.15
CA ASP H 83 15.01 24.40 42.93
C ASP H 83 13.51 24.11 42.87
N ILE H 84 13.04 23.02 43.49
CA ILE H 84 11.62 22.71 43.42
C ILE H 84 10.78 23.77 44.14
N LEU H 85 11.40 24.58 45.00
CA LEU H 85 10.70 25.59 45.77
C LEU H 85 10.61 26.95 45.07
N THR H 86 11.54 27.24 44.17
CA THR H 86 11.82 28.64 43.81
C THR H 86 10.65 29.31 43.09
N THR H 87 9.98 28.60 42.17
CA THR H 87 8.83 29.20 41.51
C THR H 87 7.64 29.40 42.45
N VAL H 88 7.67 28.80 43.64
CA VAL H 88 6.60 29.08 44.59
C VAL H 88 6.88 30.39 45.32
N PHE H 89 8.15 30.69 45.57
CA PHE H 89 8.55 31.98 46.11
C PHE H 89 8.32 33.08 45.08
N1 GYC H 90 8.71 32.82 43.73
SG1 GYC H 90 10.96 34.85 43.09
CB1 GYC H 90 9.80 34.09 41.93
CA1 GYC H 90 8.48 33.79 42.65
C1 GYC H 90 7.48 33.20 41.68
N2 GYC H 90 7.76 32.81 40.47
N3 GYC H 90 6.16 33.01 41.98
C2 GYC H 90 5.56 32.47 40.90
O2 GYC H 90 4.38 32.15 40.78
CA2 GYC H 90 6.61 32.31 39.90
CA3 GYC H 90 5.52 33.33 43.27
CB2 GYC H 90 6.39 31.81 38.62
CG2 GYC H 90 7.38 31.24 37.70
CD1 GYC H 90 6.93 30.30 36.75
CD2 GYC H 90 8.73 31.62 37.70
CE1 GYC H 90 7.80 29.76 35.85
CE2 GYC H 90 9.60 31.06 36.80
CZ GYC H 90 9.14 30.12 35.87
OH GYC H 90 9.99 29.57 34.97
C3 GYC H 90 4.35 34.26 43.14
O3 GYC H 90 3.47 34.22 43.98
N ASN H 91 4.62 35.32 42.23
CA ASN H 91 3.68 36.43 42.30
C ASN H 91 3.68 37.13 40.95
N ARG H 92 2.65 36.86 40.14
CA ARG H 92 2.65 37.38 38.77
C ARG H 92 2.33 38.87 38.71
N VAL H 93 2.28 39.54 39.84
CA VAL H 93 2.15 40.95 39.87
C VAL H 93 3.51 41.46 39.39
N PHE H 94 4.60 40.73 39.62
CA PHE H 94 5.94 41.07 39.15
C PHE H 94 6.15 40.52 37.73
N ALA H 95 5.35 41.06 36.81
CA ALA H 95 5.45 40.73 35.40
C ALA H 95 5.13 41.99 34.61
N LYS H 96 5.96 42.29 33.60
CA LYS H 96 5.76 43.48 32.80
C LYS H 96 4.65 43.23 31.80
N TYR H 97 3.50 43.85 32.02
CA TYR H 97 2.38 43.67 31.11
C TYR H 97 2.32 44.82 30.13
N PRO H 98 2.26 44.56 28.83
CA PRO H 98 2.03 45.64 27.88
C PRO H 98 0.60 46.14 27.99
N GLU H 99 0.39 47.32 27.41
CA GLU H 99 -0.90 48.00 27.55
C GLU H 99 -2.02 47.21 26.88
N ASN H 100 -1.70 46.47 25.83
CA ASN H 100 -2.68 45.73 25.04
C ASN H 100 -3.10 44.41 25.68
N ILE H 101 -2.58 44.05 26.85
CA ILE H 101 -2.97 42.81 27.52
C ILE H 101 -3.47 43.15 28.91
N VAL H 102 -4.71 42.74 29.23
CA VAL H 102 -5.29 43.03 30.53
C VAL H 102 -4.47 42.37 31.63
N ASP H 103 -4.19 43.13 32.68
CA ASP H 103 -3.37 42.69 33.81
C ASP H 103 -4.29 42.22 34.93
N TYR H 104 -4.47 40.90 35.02
CA TYR H 104 -5.33 40.33 36.06
C TYR H 104 -4.79 40.63 37.45
N PHE H 105 -3.46 40.63 37.60
CA PHE H 105 -2.83 40.65 38.91
C PHE H 105 -2.74 42.05 39.48
N LYS H 106 -2.28 43.02 38.69
CA LYS H 106 -2.22 44.39 39.19
C LYS H 106 -3.61 44.93 39.49
N GLN H 107 -4.63 44.45 38.79
CA GLN H 107 -6.01 44.85 39.09
C GLN H 107 -6.46 44.38 40.46
N SER H 108 -5.99 43.19 40.86
CA SER H 108 -6.39 42.54 42.11
C SER H 108 -6.09 43.25 43.43
N PHE H 109 -5.21 44.24 43.41
CA PHE H 109 -4.87 44.93 44.64
C PHE H 109 -5.69 46.21 44.78
N PRO H 110 -5.90 46.70 46.01
CA PRO H 110 -5.27 46.29 47.28
C PRO H 110 -5.79 44.99 47.92
N GLU H 111 -6.93 44.46 47.46
CA GLU H 111 -7.48 43.26 48.10
C GLU H 111 -6.53 42.07 47.96
N GLY H 112 -5.90 41.93 46.80
CA GLY H 112 -4.95 40.86 46.57
C GLY H 112 -5.57 39.69 45.85
N TYR H 113 -4.82 38.59 45.84
CA TYR H 113 -5.27 37.38 45.16
C TYR H 113 -4.54 36.19 45.77
N SER H 114 -5.00 35.01 45.41
CA SER H 114 -4.39 33.77 45.85
C SER H 114 -4.20 32.88 44.63
N TRP H 115 -3.30 31.89 44.76
CA TRP H 115 -3.15 30.91 43.71
C TRP H 115 -2.87 29.54 44.30
N GLU H 116 -3.26 28.51 43.54
CA GLU H 116 -3.00 27.12 43.86
C GLU H 116 -2.27 26.51 42.67
N ARG H 117 -1.37 25.58 42.94
CA ARG H 117 -0.55 25.05 41.87
C ARG H 117 -0.19 23.59 42.14
N SER H 118 -0.24 22.79 41.10
N SER H 118 -0.24 22.79 41.09
CA SER H 118 0.32 21.44 41.13
CA SER H 118 0.29 21.42 41.09
C SER H 118 1.48 21.37 40.15
C SER H 118 1.47 21.35 40.14
N MET H 119 2.57 20.75 40.60
CA MET H 119 3.80 20.63 39.83
C MET H 119 4.11 19.15 39.66
N ASN H 120 3.78 18.63 38.48
CA ASN H 120 3.98 17.21 38.18
C ASN H 120 5.30 16.95 37.49
N TYR H 121 6.21 16.32 38.23
CA TYR H 121 7.52 15.98 37.68
C TYR H 121 7.48 14.66 36.93
N GLU H 122 8.35 14.54 35.93
CA GLU H 122 8.25 13.41 35.01
C GLU H 122 8.56 12.06 35.65
N ASP H 123 9.24 12.03 36.80
CA ASP H 123 9.49 10.75 37.47
C ASP H 123 8.46 10.44 38.56
N GLY H 124 7.34 11.16 38.58
CA GLY H 124 6.25 10.86 39.48
C GLY H 124 6.18 11.74 40.72
N GLY H 125 7.27 12.42 41.08
CA GLY H 125 7.20 13.36 42.19
C GLY H 125 6.20 14.46 41.90
N ILE H 126 5.44 14.84 42.91
CA ILE H 126 4.33 15.77 42.75
C ILE H 126 4.35 16.77 43.90
N CYS H 127 4.32 18.05 43.57
CA CYS H 127 4.29 19.11 44.57
C CYS H 127 3.02 19.93 44.40
N ASN H 128 2.31 20.16 45.50
CA ASN H 128 1.18 21.06 45.54
C ASN H 128 1.54 22.27 46.38
N ALA H 129 1.18 23.45 45.92
CA ALA H 129 1.52 24.67 46.62
C ALA H 129 0.38 25.68 46.51
N THR H 130 0.25 26.51 47.53
CA THR H 130 -0.70 27.61 47.56
C THR H 130 0.00 28.86 48.07
N ASN H 131 -0.52 30.02 47.66
CA ASN H 131 0.01 31.28 48.15
C ASN H 131 -1.15 32.26 48.27
N ASP H 132 -1.34 32.80 49.48
CA ASP H 132 -2.31 33.85 49.72
C ASP H 132 -1.54 35.16 49.81
N ILE H 133 -1.76 36.04 48.84
CA ILE H 133 -1.00 37.28 48.69
C ILE H 133 -1.87 38.43 49.16
N THR H 134 -1.39 39.17 50.16
CA THR H 134 -2.02 40.38 50.63
C THR H 134 -1.04 41.53 50.49
N LEU H 135 -1.52 42.73 50.78
CA LEU H 135 -0.72 43.94 50.63
C LEU H 135 -0.79 44.75 51.91
N ASP H 136 0.37 45.13 52.45
CA ASP H 136 0.46 45.99 53.63
C ASP H 136 1.35 47.17 53.24
N GLY H 137 0.72 48.30 52.94
CA GLY H 137 1.47 49.46 52.49
C GLY H 137 2.12 49.25 51.13
N ASP H 138 3.44 49.14 51.12
CA ASP H 138 4.20 48.87 49.90
C ASP H 138 4.81 47.48 49.90
N CYS H 139 4.31 46.58 50.75
CA CYS H 139 4.89 45.26 50.93
C CYS H 139 3.85 44.20 50.62
N TYR H 140 4.18 43.30 49.69
CA TYR H 140 3.35 42.14 49.45
C TYR H 140 3.65 41.10 50.53
N ILE H 141 2.61 40.48 51.06
CA ILE H 141 2.72 39.47 52.11
C ILE H 141 2.23 38.15 51.56
N TYR H 142 3.08 37.12 51.62
CA TYR H 142 2.74 35.78 51.13
C TYR H 142 2.56 34.84 52.31
N GLU H 143 1.48 34.06 52.29
CA GLU H 143 1.32 32.92 53.18
C GLU H 143 1.33 31.69 52.28
N ILE H 144 2.42 30.90 52.37
CA ILE H 144 2.70 29.86 51.41
C ILE H 144 2.67 28.49 52.10
N ARG H 145 2.04 27.53 51.43
CA ARG H 145 2.07 26.13 51.82
C ARG H 145 2.61 25.31 50.66
N PHE H 146 3.47 24.34 50.95
CA PHE H 146 4.15 23.54 49.95
C PHE H 146 4.18 22.08 50.38
N ASP H 147 3.75 21.17 49.52
CA ASP H 147 3.72 19.75 49.89
C ASP H 147 4.09 18.90 48.67
N GLY H 148 5.24 18.23 48.75
CA GLY H 148 5.69 17.34 47.70
C GLY H 148 5.78 15.90 48.18
N VAL H 149 5.40 14.97 47.31
CA VAL H 149 5.38 13.55 47.65
C VAL H 149 5.90 12.74 46.47
N ASN H 150 6.33 11.51 46.78
CA ASN H 150 6.69 10.48 45.79
C ASN H 150 7.93 10.86 44.98
N PHE H 151 8.85 11.61 45.57
CA PHE H 151 10.14 11.82 44.94
C PHE H 151 11.02 10.62 45.24
N PRO H 152 11.49 9.89 44.23
CA PRO H 152 12.32 8.70 44.50
C PRO H 152 13.65 9.08 45.12
N ALA H 153 14.15 8.18 45.98
CA ALA H 153 15.38 8.45 46.72
C ALA H 153 16.58 8.65 45.79
N ASN H 154 16.58 8.02 44.62
CA ASN H 154 17.71 8.10 43.70
C ASN H 154 17.48 9.12 42.59
N GLY H 155 16.41 9.91 42.69
CA GLY H 155 16.09 10.90 41.68
C GLY H 155 16.87 12.18 41.88
N PRO H 156 16.80 13.06 40.87
CA PRO H 156 17.57 14.31 40.94
C PRO H 156 17.13 15.26 42.04
N VAL H 157 15.90 15.18 42.52
CA VAL H 157 15.45 16.07 43.59
C VAL H 157 16.04 15.64 44.93
N MET H 158 15.87 14.38 45.30
CA MET H 158 16.39 13.92 46.59
C MET H 158 17.91 13.83 46.59
N GLN H 159 18.52 13.56 45.43
CA GLN H 159 19.98 13.52 45.35
CA GLN H 159 19.98 13.51 45.33
C GLN H 159 20.60 14.88 45.04
N LYS H 160 19.78 15.92 44.92
CA LYS H 160 20.24 17.28 44.67
C LYS H 160 21.17 17.35 43.46
N ARG H 161 20.66 16.91 42.32
CA ARG H 161 21.41 16.94 41.07
C ARG H 161 20.87 17.98 40.10
N THR H 162 20.09 18.95 40.59
CA THR H 162 19.56 20.00 39.74
C THR H 162 20.50 21.19 39.70
N VAL H 163 20.51 21.89 38.56
CA VAL H 163 21.36 23.05 38.36
C VAL H 163 20.54 24.34 38.37
N LYS H 164 19.50 24.42 37.55
CA LYS H 164 18.65 25.60 37.49
C LYS H 164 17.42 25.28 36.65
N TRP H 165 16.39 26.11 36.82
CA TRP H 165 15.28 26.10 35.87
C TRP H 165 15.73 26.77 34.58
N GLU H 166 15.30 26.22 33.46
CA GLU H 166 15.46 26.91 32.19
C GLU H 166 14.45 28.06 32.12
N PRO H 167 14.68 29.02 31.24
CA PRO H 167 13.62 30.00 30.96
C PRO H 167 12.37 29.26 30.48
N SER H 168 11.23 29.90 30.65
CA SER H 168 9.99 29.25 30.31
C SER H 168 8.99 30.27 29.80
N THR H 169 7.91 29.76 29.20
CA THR H 169 6.80 30.59 28.73
C THR H 169 5.51 30.01 29.29
N GLU H 170 4.87 30.74 30.14
CA GLU H 170 3.63 30.36 30.73
C GLU H 170 2.47 30.70 29.79
N LYS H 171 1.47 29.84 29.72
CA LYS H 171 0.27 30.06 28.93
C LYS H 171 -0.88 30.34 29.88
N LEU H 172 -1.53 31.49 29.72
CA LEU H 172 -2.59 31.92 30.62
C LEU H 172 -3.91 32.06 29.86
N TYR H 173 -4.98 31.57 30.48
CA TYR H 173 -6.29 31.53 29.86
C TYR H 173 -7.33 31.49 30.97
N VAL H 174 -8.51 31.98 30.65
CA VAL H 174 -9.60 32.07 31.63
C VAL H 174 -10.38 30.77 31.62
N ARG H 175 -10.77 30.32 32.81
CA ARG H 175 -11.71 29.21 32.96
C ARG H 175 -12.55 29.46 34.22
N ASP H 176 -13.86 29.29 34.08
CA ASP H 176 -14.78 29.43 35.20
CA ASP H 176 -14.83 29.48 35.17
C ASP H 176 -14.55 30.76 35.94
N GLY H 177 -14.39 31.85 35.19
CA GLY H 177 -14.28 33.16 35.80
C GLY H 177 -12.97 33.45 36.51
N VAL H 178 -12.02 32.51 36.54
CA VAL H 178 -10.72 32.79 37.14
C VAL H 178 -9.65 32.61 36.06
N LEU H 179 -8.39 32.77 36.43
CA LEU H 179 -7.28 32.71 35.48
C LEU H 179 -6.43 31.49 35.75
N LYS H 180 -6.14 30.73 34.69
CA LYS H 180 -5.28 29.56 34.78
C LYS H 180 -3.95 29.85 34.10
N GLY H 181 -2.91 29.15 34.56
CA GLY H 181 -1.59 29.29 33.97
C GLY H 181 -0.85 27.97 33.91
N ASP H 182 -0.43 27.56 32.72
CA ASP H 182 0.26 26.29 32.51
C ASP H 182 1.65 26.56 31.95
N VAL H 183 2.63 25.79 32.43
CA VAL H 183 4.01 25.89 31.95
C VAL H 183 4.59 24.50 31.79
N ASN H 184 5.31 24.30 30.68
CA ASN H 184 6.18 23.13 30.49
C ASN H 184 7.57 23.53 30.97
N GLU H 185 7.81 23.29 32.20
CA GLU H 185 9.13 23.54 32.76
CA GLU H 185 9.14 23.57 32.81
C GLU H 185 10.26 22.37 32.70
N ALA H 186 11.49 22.83 32.81
CA ALA H 186 12.57 21.85 32.78
C ALA H 186 13.70 22.33 33.67
N LEU H 187 14.23 21.42 34.48
CA LEU H 187 15.41 21.67 35.29
C LEU H 187 16.62 21.06 34.60
N SER H 188 17.67 21.85 34.41
CA SER H 188 18.93 21.30 33.93
C SER H 188 19.60 20.49 35.02
N LEU H 189 20.25 19.39 34.63
CA LEU H 189 20.82 18.45 35.58
C LEU H 189 22.34 18.51 35.58
N GLU H 190 22.94 17.98 36.66
CA GLU H 190 24.38 18.12 36.89
C GLU H 190 25.25 17.30 35.93
N GLY H 191 24.67 16.46 35.09
CA GLY H 191 25.47 15.65 34.21
C GLY H 191 24.96 15.74 32.80
N GLY H 192 24.19 16.79 32.54
CA GLY H 192 23.56 17.00 31.26
C GLY H 192 22.13 16.49 31.27
N GLY H 193 21.39 16.88 30.25
CA GLY H 193 19.99 16.51 30.17
C GLY H 193 19.11 17.40 31.02
N HIS H 194 17.81 17.12 30.93
CA HIS H 194 16.81 17.93 31.60
C HIS H 194 15.79 17.06 32.30
N TYR H 195 15.19 17.63 33.35
CA TYR H 195 14.23 16.97 34.22
C TYR H 195 12.94 17.81 34.14
N ARG H 196 11.90 17.23 33.55
CA ARG H 196 10.71 17.97 33.17
C ARG H 196 9.68 18.01 34.29
N CYS H 197 8.93 19.12 34.33
CA CYS H 197 7.88 19.34 35.32
C CYS H 197 6.73 20.07 34.65
N ASP H 198 5.51 19.59 34.87
CA ASP H 198 4.30 20.20 34.31
C ASP H 198 3.64 21.08 35.37
N PHE H 199 3.74 22.34 35.17
CA PHE H 199 3.11 23.30 36.06
CA PHE H 199 3.15 23.33 36.07
C PHE H 199 1.55 23.67 35.64
N LYS H 200 0.76 23.68 36.66
CA LYS H 200 -0.67 23.97 36.49
C LYS H 200 -1.15 24.80 37.67
N THR H 201 -1.44 26.08 37.43
CA THR H 201 -1.78 27.04 38.46
C THR H 201 -3.16 27.64 38.20
N THR H 202 -3.89 27.91 39.29
CA THR H 202 -5.15 28.62 39.25
C THR H 202 -4.99 29.91 40.05
N TYR H 203 -5.21 31.05 39.40
CA TYR H 203 -5.14 32.35 40.03
C TYR H 203 -6.54 32.86 40.32
N LYS H 204 -6.75 33.38 41.53
CA LYS H 204 -8.09 33.77 41.99
C LYS H 204 -8.00 35.15 42.64
N ALA H 205 -8.51 36.16 41.94
CA ALA H 205 -8.60 37.49 42.53
C ALA H 205 -9.63 37.50 43.66
N LYS H 206 -9.35 38.28 44.69
CA LYS H 206 -10.27 38.42 45.82
C LYS H 206 -11.41 39.38 45.54
N LYS H 207 -11.32 40.18 44.49
CA LYS H 207 -12.41 41.03 44.04
C LYS H 207 -12.65 40.78 42.55
N VAL H 208 -13.75 41.33 42.05
CA VAL H 208 -14.06 41.24 40.63
C VAL H 208 -13.10 42.12 39.85
N VAL H 209 -12.44 41.54 38.85
CA VAL H 209 -11.53 42.27 37.97
C VAL H 209 -11.85 41.91 36.53
N GLN H 210 -11.32 42.69 35.60
CA GLN H 210 -11.53 42.42 34.18
C GLN H 210 -10.68 41.22 33.83
N LEU H 211 -11.23 40.28 33.07
CA LEU H 211 -10.46 39.08 32.74
C LEU H 211 -9.75 39.26 31.40
N PRO H 212 -8.50 38.80 31.30
CA PRO H 212 -7.74 38.97 30.06
C PRO H 212 -8.03 37.89 29.03
N ASP H 213 -7.62 38.17 27.80
CA ASP H 213 -7.65 37.14 26.77
C ASP H 213 -6.46 36.21 26.92
N TYR H 214 -6.48 35.12 26.17
CA TYR H 214 -5.38 34.16 26.15
C TYR H 214 -4.07 34.87 25.86
N HIS H 215 -3.07 34.63 26.71
CA HIS H 215 -1.78 35.30 26.54
C HIS H 215 -0.67 34.46 27.17
N PHE H 216 0.54 35.02 27.15
CA PHE H 216 1.74 34.34 27.59
C PHE H 216 2.51 35.22 28.55
N VAL H 217 3.33 34.57 29.37
CA VAL H 217 4.30 35.26 30.22
C VAL H 217 5.62 34.52 30.14
N ASP H 218 6.64 35.17 29.63
CA ASP H 218 7.98 34.61 29.63
C ASP H 218 8.58 34.76 31.02
N HIS H 219 9.28 33.72 31.47
CA HIS H 219 9.90 33.68 32.79
C HIS H 219 11.37 33.36 32.69
N HIS H 220 12.14 33.86 33.65
CA HIS H 220 13.50 33.38 33.88
C HIS H 220 13.82 33.58 35.36
N ILE H 221 13.85 32.48 36.10
CA ILE H 221 14.13 32.49 37.53
C ILE H 221 15.54 31.95 37.74
N GLU H 222 16.31 32.60 38.64
CA GLU H 222 17.69 32.25 38.88
C GLU H 222 18.03 32.38 40.36
N ILE H 223 18.69 31.37 40.89
CA ILE H 223 19.35 31.48 42.20
C ILE H 223 20.69 32.17 41.94
N LYS H 224 20.84 33.40 42.43
CA LYS H 224 22.06 34.15 42.16
C LYS H 224 23.16 33.87 43.18
N SER H 225 22.80 33.49 44.41
CA SER H 225 23.80 33.11 45.40
C SER H 225 23.14 32.23 46.46
N HIS H 226 23.97 31.47 47.15
CA HIS H 226 23.51 30.60 48.23
C HIS H 226 24.72 30.07 48.99
N ASP H 227 24.50 29.68 50.24
CA ASP H 227 25.51 28.96 50.99
C ASP H 227 25.35 27.46 50.71
N LYS H 228 26.27 26.70 51.26
CA LYS H 228 26.37 25.30 51.01
C LYS H 228 25.07 24.50 51.13
N ASP H 229 24.43 24.54 52.26
CA ASP H 229 23.22 23.77 52.50
C ASP H 229 21.95 24.52 52.13
N TYR H 230 22.09 25.64 51.41
CA TYR H 230 20.96 26.45 50.97
C TYR H 230 20.15 26.99 52.14
N SER H 231 20.79 27.16 53.30
CA SER H 231 20.12 27.84 54.40
C SER H 231 19.87 29.30 54.06
N ASN H 232 20.71 29.88 53.21
CA ASN H 232 20.53 31.23 52.69
C ASN H 232 20.54 31.17 51.18
N VAL H 233 19.56 31.81 50.55
CA VAL H 233 19.41 31.79 49.09
C VAL H 233 18.98 33.18 48.64
N ASN H 234 19.63 33.70 47.61
CA ASN H 234 19.25 34.96 47.00
C ASN H 234 18.63 34.55 45.65
N LEU H 235 17.37 34.90 45.43
CA LEU H 235 16.58 34.45 44.30
C LEU H 235 16.08 35.64 43.49
N HIS H 236 16.13 35.53 42.18
CA HIS H 236 15.66 36.54 41.28
C HIS H 236 14.77 35.97 40.19
N GLU H 237 13.86 36.82 39.71
CA GLU H 237 12.93 36.47 38.64
C GLU H 237 12.52 37.64 37.74
N HIS H 238 12.65 37.44 36.43
CA HIS H 238 12.30 38.38 35.40
C HIS H 238 11.15 37.77 34.61
N ALA H 239 10.11 38.53 34.40
CA ALA H 239 8.89 38.05 33.75
C ALA H 239 8.33 39.15 32.87
N GLU H 240 7.85 38.77 31.68
CA GLU H 240 7.28 39.71 30.72
C GLU H 240 6.15 39.03 29.98
N ALA H 241 5.00 39.69 29.92
CA ALA H 241 3.84 39.16 29.23
C ALA H 241 3.89 39.56 27.76
N HIS H 242 3.28 38.73 26.92
CA HIS H 242 3.21 38.99 25.49
C HIS H 242 2.06 38.17 24.91
N SER H 243 1.82 38.34 23.61
CA SER H 243 0.70 37.70 22.93
C SER H 243 1.14 36.72 21.86
N GLY H 244 2.40 36.29 21.89
CA GLY H 244 2.87 35.30 20.94
C GLY H 244 3.38 35.94 19.66
N LEU H 245 3.68 35.07 18.70
CA LEU H 245 4.24 35.50 17.42
C LEU H 245 3.27 36.47 16.75
N PRO H 246 3.67 37.74 16.57
CA PRO H 246 2.81 38.77 15.99
C PRO H 246 2.75 38.69 14.47
N GLN H 248 2.71 41.80 12.41
CA GLN H 248 3.62 42.91 12.39
C GLN H 248 4.35 43.14 13.69
N ALA H 249 5.59 42.70 13.79
CA ALA H 249 6.35 42.90 15.00
C ALA H 249 6.70 44.38 15.24
N MET H 250 6.63 44.85 16.48
CA MET H 250 6.86 46.27 16.68
C MET H 250 8.32 46.68 16.55
N ASP H 251 9.23 45.74 16.29
CA ASP H 251 10.64 46.05 16.04
C ASP H 251 10.91 46.35 14.57
N GLU H 252 9.95 46.99 13.88
CA GLU H 252 9.98 47.14 12.43
C GLU H 252 10.32 48.55 11.99
N LEU H 253 11.16 49.24 12.75
CA LEU H 253 11.92 50.36 12.23
C LEU H 253 13.28 49.92 11.71
N TYR H 254 13.40 48.64 11.34
CA TYR H 254 14.61 47.97 10.87
C TYR H 254 15.65 47.83 11.98
#